data_6D6C
#
_entry.id   6D6C
#
_cell.length_a   54.409
_cell.length_b   85.341
_cell.length_c   232.465
_cell.angle_alpha   90.00
_cell.angle_beta   96.57
_cell.angle_gamma   90.00
#
_symmetry.space_group_name_H-M   'P 1 21 1'
#
loop_
_entity.id
_entity.type
_entity.pdbx_description
1 polymer 'Transcriptional activator protein LasR'
2 non-polymer '2,4-dibromo-6-{[(2-nitrobenzene-1-carbonyl)amino]methyl}phenyl 2-methoxybenzoate'
3 non-polymer HISTIDINE
4 water water
#
_entity_poly.entity_id   1
_entity_poly.type   'polypeptide(L)'
_entity_poly.pdbx_seq_one_letter_code
;MALVDGFLELERSSGKLEWSAILQKMASDLGFSKILFGLLPKDSQDYENAFIVGNYPAAWREHYDRAGYARVDPTVSHCT
QSVLPIFWEPSIYQTRKQHEFFEEASAAGLVYGLTMPLHGARGELGALSLSVEAENRAEANRFMESVLPTLWMLKDYALQ
SGAGLAFEHP
;
_entity_poly.pdbx_strand_id   A,B,C,D,E,F,G,H,I,J,K,L
#
loop_
_chem_comp.id
_chem_comp.type
_chem_comp.name
_chem_comp.formula
FYD non-polymer '2,4-dibromo-6-{[(2-nitrobenzene-1-carbonyl)amino]methyl}phenyl 2-methoxybenzoate' 'C22 H16 Br2 N2 O6'
#
# COMPACT_ATOMS: atom_id res chain seq x y z
N LEU A 3 -21.00 34.34 -1.37
CA LEU A 3 -19.49 34.35 -1.38
C LEU A 3 -18.92 35.67 -0.97
N VAL A 4 -19.51 36.72 -1.56
CA VAL A 4 -19.07 38.07 -1.30
C VAL A 4 -19.31 38.40 0.20
N ASP A 5 -20.44 37.88 0.75
CA ASP A 5 -20.72 37.94 2.20
C ASP A 5 -19.58 37.26 2.97
N GLY A 6 -19.25 36.01 2.57
CA GLY A 6 -18.11 35.32 3.14
C GLY A 6 -16.80 36.12 3.08
N PHE A 7 -16.54 36.74 1.90
CA PHE A 7 -15.31 37.52 1.74
C PHE A 7 -15.27 38.63 2.75
N LEU A 8 -16.39 39.31 2.93
CA LEU A 8 -16.40 40.45 3.85
C LEU A 8 -16.20 39.94 5.29
N GLU A 9 -16.79 38.78 5.56
CA GLU A 9 -16.65 38.15 6.88
C GLU A 9 -15.19 37.86 7.14
N LEU A 10 -14.55 37.17 6.19
CA LEU A 10 -13.07 37.00 6.19
C LEU A 10 -12.33 38.30 6.36
N GLU A 11 -12.71 39.35 5.62
CA GLU A 11 -12.03 40.65 5.76
C GLU A 11 -12.20 41.30 7.16
N ARG A 12 -13.40 41.09 7.70
CA ARG A 12 -13.83 41.66 9.00
C ARG A 12 -13.52 40.78 10.20
N SER A 13 -12.93 39.60 9.95
CA SER A 13 -12.51 38.69 10.98
C SER A 13 -11.37 39.20 11.82
N SER A 14 -11.38 38.76 13.06
CA SER A 14 -10.49 39.23 14.09
C SER A 14 -9.01 38.85 13.93
N GLY A 15 -8.78 37.69 13.32
CA GLY A 15 -7.42 37.16 13.22
C GLY A 15 -7.51 35.78 12.65
N LYS A 16 -6.42 35.04 12.80
CA LYS A 16 -6.30 33.73 12.15
C LYS A 16 -7.34 32.78 12.63
N LEU A 17 -7.65 32.72 13.94
CA LEU A 17 -8.63 31.72 14.44
C LEU A 17 -10.02 31.90 13.82
N GLU A 18 -10.51 33.15 13.75
CA GLU A 18 -11.85 33.37 13.25
C GLU A 18 -11.84 33.20 11.70
N TRP A 19 -10.78 33.69 11.07
CA TRP A 19 -10.62 33.55 9.57
C TRP A 19 -10.72 32.06 9.17
N SER A 20 -10.01 31.24 9.96
CA SER A 20 -9.95 29.76 9.71
C SER A 20 -11.32 29.16 9.90
N ALA A 21 -12.02 29.57 10.97
CA ALA A 21 -13.34 29.05 11.21
C ALA A 21 -14.31 29.44 10.12
N ILE A 22 -14.23 30.69 9.63
CA ILE A 22 -15.11 31.14 8.55
C ILE A 22 -14.84 30.36 7.24
N LEU A 23 -13.57 30.33 6.86
CA LEU A 23 -13.21 29.57 5.64
C LEU A 23 -13.61 28.07 5.67
N GLN A 24 -13.33 27.44 6.80
CA GLN A 24 -13.75 26.07 7.05
C GLN A 24 -15.22 25.83 6.90
N LYS A 25 -16.03 26.73 7.46
CA LYS A 25 -17.46 26.60 7.31
C LYS A 25 -17.94 26.86 5.89
N MET A 26 -17.31 27.79 5.16
CA MET A 26 -17.67 28.08 3.72
C MET A 26 -17.50 26.79 2.93
N ALA A 27 -16.37 26.15 3.17
CA ALA A 27 -16.03 24.89 2.51
C ALA A 27 -16.98 23.80 2.93
N SER A 28 -17.23 23.70 4.22
CA SER A 28 -18.23 22.71 4.74
C SER A 28 -19.65 22.89 4.14
N ASP A 29 -20.13 24.11 4.15
CA ASP A 29 -21.46 24.44 3.50
C ASP A 29 -21.54 24.09 2.02
N LEU A 30 -20.44 24.31 1.31
CA LEU A 30 -20.29 23.81 -0.07
C LEU A 30 -20.16 22.31 -0.25
N GLY A 31 -19.88 21.54 0.79
CA GLY A 31 -19.79 20.03 0.74
C GLY A 31 -18.44 19.35 1.00
N PHE A 32 -17.42 20.13 1.37
CA PHE A 32 -16.07 19.62 1.55
C PHE A 32 -15.79 19.47 3.02
N SER A 33 -15.27 18.33 3.41
CA SER A 33 -15.04 18.05 4.80
C SER A 33 -13.76 18.70 5.32
N LYS A 34 -12.65 18.50 4.65
CA LYS A 34 -11.36 18.99 5.13
C LYS A 34 -10.79 19.95 4.14
N ILE A 35 -10.21 21.02 4.65
CA ILE A 35 -9.44 21.93 3.78
C ILE A 35 -8.05 22.28 4.33
N LEU A 36 -7.21 22.70 3.42
CA LEU A 36 -5.87 23.29 3.76
C LEU A 36 -5.60 24.47 2.83
N PHE A 37 -5.45 25.64 3.46
CA PHE A 37 -5.03 26.88 2.76
C PHE A 37 -3.60 27.15 3.13
N GLY A 38 -2.76 27.25 2.11
CA GLY A 38 -1.34 27.45 2.33
C GLY A 38 -0.88 28.61 1.56
N LEU A 39 -0.06 29.44 2.16
CA LEU A 39 0.47 30.60 1.46
C LEU A 39 1.91 31.01 1.83
N LEU A 40 2.70 31.21 0.77
CA LEU A 40 4.08 31.68 0.85
C LEU A 40 4.23 33.11 0.28
N PRO A 41 5.15 33.92 0.87
CA PRO A 41 5.40 35.21 0.23
C PRO A 41 6.24 35.09 -1.04
N LYS A 42 6.30 36.19 -1.78
CA LYS A 42 7.08 36.30 -3.00
C LYS A 42 8.47 35.68 -2.89
N ASP A 43 8.82 34.88 -3.88
CA ASP A 43 10.14 34.24 -4.04
C ASP A 43 10.63 33.36 -2.91
N SER A 44 9.71 32.72 -2.21
CA SER A 44 9.99 31.78 -1.13
C SER A 44 9.61 30.36 -1.59
N GLN A 45 10.44 29.39 -1.25
CA GLN A 45 10.03 28.00 -1.43
C GLN A 45 10.09 27.24 -0.15
N ASP A 46 9.87 27.93 0.98
CA ASP A 46 9.99 27.39 2.34
C ASP A 46 8.65 26.81 2.84
N TYR A 47 8.22 25.71 2.23
CA TYR A 47 6.88 25.15 2.47
C TYR A 47 6.67 24.79 3.92
N GLU A 48 7.77 24.36 4.59
CA GLU A 48 7.85 24.11 6.03
C GLU A 48 7.48 25.31 6.88
N ASN A 49 7.56 26.52 6.35
CA ASN A 49 7.16 27.70 7.11
C ASN A 49 6.17 28.63 6.39
N ALA A 50 5.34 28.04 5.52
CA ALA A 50 4.18 28.71 4.94
C ALA A 50 3.14 29.04 6.01
N PHE A 51 2.36 30.06 5.70
CA PHE A 51 1.14 30.36 6.39
C PHE A 51 0.08 29.32 6.01
N ILE A 52 -0.32 28.51 6.99
CA ILE A 52 -1.29 27.44 6.83
C ILE A 52 -2.48 27.61 7.73
N VAL A 53 -3.64 27.42 7.11
CA VAL A 53 -4.96 27.41 7.74
C VAL A 53 -5.68 26.15 7.37
N GLY A 54 -6.36 25.57 8.34
CA GLY A 54 -7.37 24.57 8.01
C GLY A 54 -7.43 23.44 9.00
N ASN A 55 -8.10 22.36 8.60
CA ASN A 55 -8.50 21.35 9.56
C ASN A 55 -8.12 19.98 9.12
N TYR A 56 -7.03 19.84 8.38
CA TYR A 56 -6.44 18.56 8.14
C TYR A 56 -6.02 17.98 9.48
N PRO A 57 -6.03 16.68 9.64
CA PRO A 57 -5.52 16.14 10.95
C PRO A 57 -4.10 16.60 11.29
N ALA A 58 -3.87 17.07 12.50
CA ALA A 58 -2.58 17.56 12.90
C ALA A 58 -1.43 16.62 12.65
N ALA A 59 -1.64 15.35 12.97
CA ALA A 59 -0.63 14.33 12.73
C ALA A 59 -0.24 14.16 11.28
N TRP A 60 -1.20 14.33 10.37
CA TRP A 60 -0.92 14.39 8.96
C TRP A 60 -0.08 15.60 8.52
N ARG A 61 -0.48 16.77 8.98
CA ARG A 61 0.34 17.94 8.74
C ARG A 61 1.78 17.77 9.24
N GLU A 62 1.97 17.21 10.46
CA GLU A 62 3.28 16.97 11.01
C GLU A 62 4.06 16.03 10.16
N HIS A 63 3.40 14.98 9.71
CA HIS A 63 4.05 13.95 8.88
C HIS A 63 4.50 14.50 7.53
N TYR A 64 3.60 15.25 6.90
CA TYR A 64 3.90 15.91 5.62
C TYR A 64 5.19 16.77 5.74
N ASP A 65 5.27 17.58 6.78
CA ASP A 65 6.49 18.32 7.08
C ASP A 65 7.72 17.40 7.35
N ARG A 66 7.64 16.48 8.30
CA ARG A 66 8.77 15.60 8.60
C ARG A 66 9.22 14.75 7.40
N ALA A 67 8.32 14.21 6.58
CA ALA A 67 8.70 13.43 5.40
C ALA A 67 9.18 14.26 4.16
N GLY A 68 9.15 15.58 4.23
CA GLY A 68 9.60 16.46 3.17
C GLY A 68 8.67 16.26 1.96
N TYR A 69 7.35 16.09 2.22
CA TYR A 69 6.38 15.74 1.15
C TYR A 69 6.14 16.89 0.22
N ALA A 70 6.50 18.11 0.61
CA ALA A 70 6.43 19.22 -0.35
C ALA A 70 7.31 18.97 -1.59
N ARG A 71 8.34 18.11 -1.48
CA ARG A 71 9.15 17.76 -2.65
C ARG A 71 8.50 16.61 -3.48
N VAL A 72 7.42 15.99 -3.00
CA VAL A 72 6.87 14.78 -3.56
C VAL A 72 5.48 15.05 -4.09
N ASP A 73 4.66 15.60 -3.22
CA ASP A 73 3.26 15.95 -3.53
C ASP A 73 3.13 16.52 -4.96
N PRO A 74 2.41 15.81 -5.86
CA PRO A 74 2.36 16.31 -7.20
C PRO A 74 1.62 17.64 -7.37
N THR A 75 0.79 18.00 -6.42
CA THR A 75 0.06 19.27 -6.53
C THR A 75 1.01 20.46 -6.37
N VAL A 76 2.09 20.27 -5.63
CA VAL A 76 3.06 21.38 -5.40
C VAL A 76 3.75 21.81 -6.68
N SER A 77 4.34 20.89 -7.46
CA SER A 77 4.90 21.22 -8.77
CA SER A 77 4.93 21.28 -8.75
C SER A 77 3.84 21.87 -9.69
N HIS A 78 2.66 21.31 -9.67
CA HIS A 78 1.53 21.79 -10.43
C HIS A 78 1.22 23.24 -10.12
N CYS A 79 1.13 23.57 -8.84
CA CYS A 79 0.87 24.95 -8.46
C CYS A 79 1.92 25.98 -8.93
N THR A 80 3.22 25.59 -9.00
CA THR A 80 4.25 26.49 -9.48
C THR A 80 4.15 26.76 -10.98
N GLN A 81 3.38 25.94 -11.71
CA GLN A 81 3.32 25.98 -13.19
C GLN A 81 1.98 26.44 -13.72
N SER A 82 0.92 26.45 -12.88
CA SER A 82 -0.47 26.71 -13.42
C SER A 82 -1.36 27.48 -12.46
N VAL A 83 -2.36 28.17 -13.01
CA VAL A 83 -3.50 28.69 -12.24
C VAL A 83 -4.74 27.76 -12.29
N LEU A 84 -4.68 26.61 -12.97
CA LEU A 84 -5.85 25.73 -13.07
C LEU A 84 -5.87 24.67 -11.96
N PRO A 85 -7.09 24.18 -11.58
CA PRO A 85 -7.17 23.15 -10.54
C PRO A 85 -6.47 21.84 -10.95
N ILE A 86 -5.97 21.15 -9.94
CA ILE A 86 -5.53 19.76 -10.14
C ILE A 86 -6.40 18.89 -9.27
N PHE A 87 -7.13 17.98 -9.92
CA PHE A 87 -7.93 16.98 -9.23
C PHE A 87 -7.06 15.79 -8.75
N TRP A 88 -7.42 15.22 -7.63
CA TRP A 88 -6.66 14.16 -6.99
C TRP A 88 -7.02 12.80 -7.66
N GLU A 89 -6.61 12.66 -8.89
CA GLU A 89 -6.88 11.48 -9.72
C GLU A 89 -5.66 10.55 -9.57
N PRO A 90 -5.88 9.21 -9.61
CA PRO A 90 -4.74 8.28 -9.65
C PRO A 90 -3.62 8.67 -10.59
N SER A 91 -3.98 9.26 -11.72
CA SER A 91 -3.02 9.70 -12.73
CA SER A 91 -3.00 9.68 -12.72
C SER A 91 -1.95 10.71 -12.29
N ILE A 92 -2.30 11.58 -11.33
CA ILE A 92 -1.33 12.53 -10.86
C ILE A 92 -0.17 11.94 -10.03
N TYR A 93 -0.28 10.70 -9.53
CA TYR A 93 0.75 10.10 -8.70
C TYR A 93 1.50 9.17 -9.58
N GLN A 94 2.63 9.66 -10.04
CA GLN A 94 3.39 9.00 -11.10
C GLN A 94 4.57 8.22 -10.57
N THR A 95 5.33 8.82 -9.66
CA THR A 95 6.54 8.15 -9.14
C THR A 95 6.22 7.23 -7.99
N ARG A 96 7.21 6.40 -7.64
CA ARG A 96 7.05 5.47 -6.54
C ARG A 96 6.74 6.25 -5.21
N LYS A 97 7.52 7.29 -5.00
CA LYS A 97 7.35 8.14 -3.83
C LYS A 97 5.96 8.80 -3.81
N GLN A 98 5.45 9.23 -4.97
CA GLN A 98 4.13 9.78 -5.07
C GLN A 98 3.03 8.77 -4.75
N HIS A 99 3.23 7.50 -5.09
CA HIS A 99 2.29 6.43 -4.71
C HIS A 99 2.25 6.25 -3.21
N GLU A 100 3.39 6.30 -2.54
CA GLU A 100 3.46 6.23 -1.11
C GLU A 100 2.75 7.43 -0.53
N PHE A 101 3.01 8.61 -1.08
CA PHE A 101 2.31 9.82 -0.62
C PHE A 101 0.75 9.65 -0.66
N PHE A 102 0.26 9.17 -1.78
CA PHE A 102 -1.16 8.93 -1.94
C PHE A 102 -1.66 7.98 -0.84
N GLU A 103 -0.92 6.91 -0.56
CA GLU A 103 -1.41 5.93 0.44
C GLU A 103 -1.51 6.56 1.85
N GLU A 104 -0.53 7.39 2.18
CA GLU A 104 -0.47 8.02 3.47
C GLU A 104 -1.52 9.15 3.69
N ALA A 105 -1.72 9.95 2.66
CA ALA A 105 -2.79 10.94 2.65
C ALA A 105 -4.13 10.26 2.75
N SER A 106 -4.32 9.17 1.99
CA SER A 106 -5.59 8.45 2.04
C SER A 106 -5.88 7.89 3.40
N ALA A 107 -4.83 7.40 4.04
CA ALA A 107 -4.98 6.82 5.38
C ALA A 107 -5.41 7.86 6.39
N ALA A 108 -5.08 9.12 6.13
CA ALA A 108 -5.49 10.29 6.90
C ALA A 108 -6.89 10.78 6.62
N GLY A 109 -7.60 10.14 5.72
CA GLY A 109 -8.92 10.52 5.35
C GLY A 109 -8.91 11.35 4.07
N LEU A 110 -7.76 11.63 3.50
CA LEU A 110 -7.74 12.54 2.38
C LEU A 110 -7.61 11.77 1.06
N VAL A 111 -8.73 11.39 0.50
CA VAL A 111 -8.73 10.44 -0.64
C VAL A 111 -9.19 11.09 -1.93
N TYR A 112 -10.33 11.79 -1.87
CA TYR A 112 -10.87 12.55 -3.00
C TYR A 112 -10.85 14.05 -2.73
N GLY A 113 -10.60 14.81 -3.79
CA GLY A 113 -10.46 16.26 -3.61
C GLY A 113 -9.84 16.95 -4.78
N LEU A 114 -9.46 18.21 -4.57
CA LEU A 114 -8.76 18.98 -5.55
C LEU A 114 -7.93 20.07 -4.86
N THR A 115 -6.94 20.54 -5.60
CA THR A 115 -6.07 21.61 -5.15
C THR A 115 -6.14 22.76 -6.21
N MET A 116 -6.47 23.95 -5.71
CA MET A 116 -6.56 25.16 -6.49
C MET A 116 -5.29 25.99 -6.22
N PRO A 117 -4.43 26.18 -7.24
CA PRO A 117 -3.27 27.03 -7.09
C PRO A 117 -3.72 28.47 -6.74
N LEU A 118 -2.91 29.17 -5.97
CA LEU A 118 -3.10 30.55 -5.62
C LEU A 118 -1.85 31.34 -6.09
N HIS A 119 -2.10 32.38 -6.87
CA HIS A 119 -1.00 33.24 -7.33
C HIS A 119 -1.47 34.65 -7.08
N GLY A 120 -0.92 35.24 -6.05
CA GLY A 120 -1.34 36.62 -5.70
C GLY A 120 -0.75 37.78 -6.44
N ALA A 121 -1.41 38.91 -6.26
CA ALA A 121 -0.98 40.19 -6.95
C ALA A 121 0.39 40.67 -6.52
N ARG A 122 0.90 40.26 -5.36
CA ARG A 122 2.23 40.67 -4.92
C ARG A 122 3.21 39.52 -4.99
N GLY A 123 2.89 38.53 -5.82
CA GLY A 123 3.71 37.34 -5.97
C GLY A 123 3.61 36.23 -4.90
N GLU A 124 2.50 36.21 -4.14
CA GLU A 124 2.26 35.20 -3.14
C GLU A 124 2.02 33.87 -3.89
N LEU A 125 2.51 32.76 -3.34
CA LEU A 125 2.30 31.45 -3.96
C LEU A 125 1.62 30.58 -2.94
N GLY A 126 0.55 29.92 -3.38
CA GLY A 126 -0.25 29.15 -2.40
C GLY A 126 -1.10 28.09 -3.02
N ALA A 127 -1.94 27.49 -2.19
CA ALA A 127 -2.84 26.47 -2.62
C ALA A 127 -4.04 26.48 -1.69
N LEU A 128 -5.22 26.27 -2.25
CA LEU A 128 -6.35 25.89 -1.49
C LEU A 128 -6.76 24.45 -1.84
N SER A 129 -6.60 23.54 -0.91
CA SER A 129 -6.90 22.14 -1.14
C SER A 129 -8.13 21.78 -0.38
N LEU A 130 -9.03 21.01 -1.01
CA LEU A 130 -10.27 20.64 -0.36
C LEU A 130 -10.50 19.12 -0.62
N SER A 131 -10.89 18.40 0.44
CA SER A 131 -11.20 16.98 0.33
CA SER A 131 -11.21 17.00 0.28
C SER A 131 -12.71 16.78 0.41
N VAL A 132 -13.21 15.77 -0.30
CA VAL A 132 -14.64 15.41 -0.23
C VAL A 132 -14.81 13.92 0.23
N GLU A 133 -15.73 13.73 1.13
CA GLU A 133 -16.13 12.38 1.57
C GLU A 133 -17.12 11.84 0.54
N ALA A 134 -16.89 10.66 0.01
CA ALA A 134 -17.85 10.05 -0.95
C ALA A 134 -17.64 8.53 -1.06
N GLU A 135 -18.58 7.82 -1.67
CA GLU A 135 -18.54 6.35 -1.72
C GLU A 135 -17.43 5.89 -2.62
N ASN A 136 -17.18 6.62 -3.70
CA ASN A 136 -16.16 6.25 -4.66
C ASN A 136 -15.86 7.48 -5.49
N ARG A 137 -14.82 7.39 -6.31
CA ARG A 137 -14.30 8.46 -7.16
C ARG A 137 -15.34 9.08 -8.08
N ALA A 138 -16.11 8.26 -8.76
CA ALA A 138 -17.18 8.76 -9.68
C ALA A 138 -18.20 9.64 -8.98
N GLU A 139 -18.60 9.28 -7.77
CA GLU A 139 -19.52 10.12 -6.99
C GLU A 139 -18.83 11.43 -6.49
N ALA A 140 -17.53 11.34 -6.13
CA ALA A 140 -16.79 12.58 -5.77
C ALA A 140 -16.68 13.54 -6.96
N ASN A 141 -16.31 13.00 -8.11
CA ASN A 141 -16.14 13.79 -9.32
C ASN A 141 -17.49 14.44 -9.75
N ARG A 142 -18.58 13.70 -9.70
CA ARG A 142 -19.93 14.31 -9.92
C ARG A 142 -20.18 15.53 -9.07
N PHE A 143 -19.85 15.42 -7.78
CA PHE A 143 -20.07 16.47 -6.82
C PHE A 143 -19.12 17.68 -7.09
N MET A 144 -17.85 17.37 -7.30
CA MET A 144 -16.86 18.46 -7.55
C MET A 144 -17.24 19.27 -8.79
N GLU A 145 -17.62 18.58 -9.86
CA GLU A 145 -18.09 19.29 -11.09
C GLU A 145 -19.32 20.20 -10.83
N SER A 146 -20.25 19.76 -10.00
CA SER A 146 -21.44 20.61 -9.67
C SER A 146 -21.12 21.91 -8.90
N VAL A 147 -20.04 21.94 -8.08
CA VAL A 147 -19.68 23.14 -7.29
C VAL A 147 -18.40 23.89 -7.76
N LEU A 148 -17.75 23.38 -8.78
CA LEU A 148 -16.52 24.01 -9.28
C LEU A 148 -16.62 25.46 -9.62
N PRO A 149 -17.71 25.94 -10.25
CA PRO A 149 -17.66 27.43 -10.46
C PRO A 149 -17.67 28.30 -9.18
N THR A 150 -18.40 27.86 -8.13
CA THR A 150 -18.38 28.52 -6.87
C THR A 150 -17.00 28.42 -6.18
N LEU A 151 -16.37 27.26 -6.28
CA LEU A 151 -15.07 27.06 -5.64
C LEU A 151 -14.02 27.92 -6.32
N TRP A 152 -14.13 28.02 -7.63
CA TRP A 152 -13.22 28.87 -8.42
C TRP A 152 -13.22 30.34 -7.97
N MET A 153 -14.39 30.86 -7.67
CA MET A 153 -14.50 32.21 -7.11
C MET A 153 -13.91 32.26 -5.68
N LEU A 154 -14.33 31.28 -4.87
CA LEU A 154 -13.92 31.17 -3.49
C LEU A 154 -12.44 31.23 -3.30
N LYS A 155 -11.70 30.51 -4.13
CA LYS A 155 -10.25 30.43 -3.93
C LYS A 155 -9.57 31.79 -4.08
N ASP A 156 -10.07 32.61 -5.01
CA ASP A 156 -9.54 33.98 -5.21
C ASP A 156 -9.91 34.95 -4.07
N TYR A 157 -11.13 34.86 -3.56
CA TYR A 157 -11.50 35.55 -2.37
C TYR A 157 -10.61 35.13 -1.20
N ALA A 158 -10.35 33.82 -1.10
CA ALA A 158 -9.57 33.32 0.07
C ALA A 158 -8.16 33.80 -0.10
N LEU A 159 -7.66 33.78 -1.32
CA LEU A 159 -6.31 34.29 -1.55
C LEU A 159 -6.16 35.78 -1.16
N GLN A 160 -7.04 36.60 -1.73
CA GLN A 160 -6.92 38.06 -1.51
C GLN A 160 -7.04 38.41 0.00
N SER A 161 -8.02 37.89 0.68
CA SER A 161 -8.14 38.06 2.15
C SER A 161 -7.00 37.44 2.89
N GLY A 162 -6.63 36.20 2.55
CA GLY A 162 -5.50 35.52 3.24
C GLY A 162 -4.13 36.13 3.16
N ALA A 163 -3.80 36.72 1.99
CA ALA A 163 -2.63 37.49 1.80
C ALA A 163 -2.64 38.69 2.75
N GLY A 164 -3.80 39.30 2.91
CA GLY A 164 -3.95 40.44 3.84
C GLY A 164 -3.71 40.07 5.32
N LEU A 165 -4.10 38.87 5.70
CA LEU A 165 -3.99 38.39 7.05
C LEU A 165 -2.57 37.92 7.31
N ALA A 166 -2.00 37.15 6.38
CA ALA A 166 -0.69 36.56 6.53
C ALA A 166 0.49 37.56 6.52
N PHE A 167 0.40 38.63 5.71
CA PHE A 167 1.66 39.38 5.42
C PHE A 167 1.61 40.90 5.76
N ALA B 2 -7.44 -12.87 18.59
CA ALA B 2 -7.86 -13.97 19.52
C ALA B 2 -7.36 -15.32 19.02
N LEU B 3 -7.63 -15.58 17.74
CA LEU B 3 -7.00 -16.65 16.98
C LEU B 3 -5.53 -16.36 16.68
N VAL B 4 -5.28 -15.16 16.15
CA VAL B 4 -3.94 -14.79 15.73
C VAL B 4 -3.07 -14.56 16.98
N ASP B 5 -3.74 -14.17 18.08
CA ASP B 5 -3.11 -14.13 19.39
C ASP B 5 -2.71 -15.51 19.82
N GLY B 6 -3.63 -16.48 19.68
CA GLY B 6 -3.33 -17.87 20.06
C GLY B 6 -2.15 -18.43 19.28
N PHE B 7 -2.09 -18.10 17.99
CA PHE B 7 -1.00 -18.50 17.14
C PHE B 7 0.34 -17.93 17.68
N LEU B 8 0.30 -16.63 18.05
CA LEU B 8 1.49 -15.94 18.60
C LEU B 8 1.95 -16.60 19.90
N GLU B 9 1.01 -17.01 20.74
CA GLU B 9 1.31 -17.81 21.96
C GLU B 9 1.94 -19.17 21.62
N LEU B 10 1.38 -19.86 20.65
CA LEU B 10 2.00 -21.13 20.21
C LEU B 10 3.43 -20.94 19.77
N GLU B 11 3.62 -19.90 19.00
CA GLU B 11 4.93 -19.55 18.48
C GLU B 11 5.91 -19.10 19.53
N ARG B 12 5.41 -18.64 20.68
CA ARG B 12 6.31 -18.20 21.79
C ARG B 12 6.38 -19.23 22.90
N SER B 13 5.86 -20.43 22.66
CA SER B 13 5.76 -21.42 23.68
C SER B 13 7.13 -22.15 23.74
N SER B 14 7.37 -22.79 24.88
CA SER B 14 8.62 -23.45 25.18
C SER B 14 8.26 -24.89 25.20
N GLY B 15 8.86 -25.68 24.32
CA GLY B 15 8.51 -27.09 24.11
C GLY B 15 7.08 -27.62 23.99
N LYS B 16 6.99 -28.94 23.95
CA LYS B 16 5.78 -29.62 23.53
C LYS B 16 4.61 -29.51 24.51
N LEU B 17 4.91 -29.59 25.82
CA LEU B 17 3.81 -29.54 26.80
C LEU B 17 3.08 -28.18 26.77
N GLU B 18 3.82 -27.11 26.72
CA GLU B 18 3.14 -25.80 26.66
C GLU B 18 2.36 -25.64 25.33
N TRP B 19 2.99 -26.02 24.24
CA TRP B 19 2.32 -25.99 22.95
C TRP B 19 1.02 -26.76 22.99
N SER B 20 1.06 -27.98 23.51
CA SER B 20 -0.16 -28.81 23.58
C SER B 20 -1.19 -28.18 24.48
N ALA B 21 -0.72 -27.59 25.57
CA ALA B 21 -1.63 -26.94 26.51
C ALA B 21 -2.35 -25.74 25.88
N ILE B 22 -1.61 -24.93 25.14
CA ILE B 22 -2.22 -23.82 24.44
C ILE B 22 -3.24 -24.29 23.37
N LEU B 23 -2.87 -25.29 22.58
CA LEU B 23 -3.74 -25.74 21.52
C LEU B 23 -5.03 -26.36 22.08
N GLN B 24 -4.92 -27.16 23.17
CA GLN B 24 -6.13 -27.73 23.77
C GLN B 24 -7.05 -26.62 24.29
N LYS B 25 -6.45 -25.53 24.77
CA LYS B 25 -7.20 -24.42 25.35
C LYS B 25 -7.96 -23.63 24.26
N MET B 26 -7.37 -23.46 23.07
CA MET B 26 -8.03 -22.76 21.98
C MET B 26 -9.23 -23.60 21.50
N ALA B 27 -9.02 -24.90 21.40
CA ALA B 27 -10.10 -25.85 21.01
C ALA B 27 -11.21 -25.89 22.07
N SER B 28 -10.86 -25.96 23.35
CA SER B 28 -11.90 -26.01 24.40
C SER B 28 -12.63 -24.65 24.49
N ASP B 29 -11.92 -23.52 24.34
CA ASP B 29 -12.56 -22.20 24.23
C ASP B 29 -13.50 -22.09 23.01
N LEU B 30 -13.19 -22.78 21.91
CA LEU B 30 -14.12 -22.85 20.79
C LEU B 30 -15.31 -23.73 21.05
N GLY B 31 -15.23 -24.64 22.01
CA GLY B 31 -16.37 -25.50 22.38
C GLY B 31 -16.20 -26.97 22.06
N PHE B 32 -15.01 -27.40 21.63
CA PHE B 32 -14.71 -28.84 21.46
C PHE B 32 -14.20 -29.42 22.78
N SER B 33 -14.36 -30.71 23.06
CA SER B 33 -13.82 -31.30 24.30
C SER B 33 -12.43 -31.90 24.10
N LYS B 34 -12.31 -32.93 23.28
CA LYS B 34 -11.03 -33.61 23.15
C LYS B 34 -10.45 -33.40 21.76
N ILE B 35 -9.12 -33.27 21.64
CA ILE B 35 -8.47 -33.20 20.37
C ILE B 35 -7.25 -34.11 20.30
N LEU B 36 -6.90 -34.36 19.06
CA LEU B 36 -5.67 -34.95 18.68
C LEU B 36 -5.13 -34.29 17.42
N PHE B 37 -3.94 -33.72 17.56
CA PHE B 37 -3.14 -33.18 16.50
C PHE B 37 -2.07 -34.19 16.21
N GLY B 38 -2.05 -34.68 14.98
CA GLY B 38 -1.00 -35.57 14.50
C GLY B 38 -0.29 -35.12 13.25
N LEU B 39 1.02 -35.39 13.22
CA LEU B 39 1.83 -34.93 12.14
C LEU B 39 2.98 -35.92 11.90
N LEU B 40 3.13 -36.25 10.64
CA LEU B 40 4.25 -37.02 10.09
C LEU B 40 5.11 -36.18 9.15
N PRO B 41 6.44 -36.44 9.11
CA PRO B 41 7.31 -35.76 8.13
C PRO B 41 7.08 -36.23 6.69
N LYS B 42 7.55 -35.48 5.70
CA LYS B 42 7.54 -35.91 4.28
C LYS B 42 7.91 -37.40 4.08
N ASP B 43 7.11 -38.12 3.33
CA ASP B 43 7.42 -39.51 2.93
C ASP B 43 7.51 -40.54 4.08
N SER B 44 6.71 -40.36 5.12
CA SER B 44 6.56 -41.34 6.21
C SER B 44 5.10 -41.74 6.25
N GLN B 45 4.88 -43.04 6.47
CA GLN B 45 3.53 -43.58 6.72
C GLN B 45 3.50 -44.24 8.12
N ASP B 46 4.41 -43.77 8.98
CA ASP B 46 4.68 -44.36 10.30
C ASP B 46 3.79 -43.81 11.46
N TYR B 47 2.47 -44.03 11.29
CA TYR B 47 1.45 -43.45 12.17
C TYR B 47 1.70 -43.75 13.65
N GLU B 48 2.37 -44.89 13.93
CA GLU B 48 2.71 -45.32 15.32
C GLU B 48 3.87 -44.54 15.97
N ASN B 49 4.67 -43.78 15.20
CA ASN B 49 5.54 -42.76 15.85
C ASN B 49 5.48 -41.41 15.15
N ALA B 50 4.24 -40.98 14.92
CA ALA B 50 3.89 -39.61 14.51
C ALA B 50 4.22 -38.62 15.64
N PHE B 51 4.33 -37.33 15.33
CA PHE B 51 4.24 -36.28 16.37
C PHE B 51 2.76 -36.13 16.78
N ILE B 52 2.40 -36.51 18.00
CA ILE B 52 1.02 -36.44 18.42
C ILE B 52 0.83 -35.65 19.68
N VAL B 53 -0.18 -34.79 19.66
CA VAL B 53 -0.50 -34.01 20.83
C VAL B 53 -1.98 -33.98 21.05
N GLY B 54 -2.38 -33.99 22.29
CA GLY B 54 -3.77 -33.76 22.64
C GLY B 54 -4.14 -34.55 23.89
N ASN B 55 -5.46 -34.68 24.09
CA ASN B 55 -5.99 -35.16 25.33
C ASN B 55 -7.01 -36.28 25.12
N TYR B 56 -6.87 -37.03 24.02
CA TYR B 56 -7.66 -38.27 23.89
C TYR B 56 -7.31 -39.17 25.05
N PRO B 57 -8.29 -39.93 25.61
CA PRO B 57 -7.87 -40.90 26.70
C PRO B 57 -6.63 -41.71 26.34
N ALA B 58 -5.70 -41.92 27.27
CA ALA B 58 -4.42 -42.62 26.90
C ALA B 58 -4.62 -44.04 26.50
N ALA B 59 -5.61 -44.71 27.08
CA ALA B 59 -5.78 -46.15 26.75
C ALA B 59 -6.41 -46.28 25.37
N TRP B 60 -7.16 -45.27 24.95
CA TRP B 60 -7.69 -45.26 23.56
C TRP B 60 -6.57 -45.08 22.55
N ARG B 61 -5.66 -44.17 22.84
CA ARG B 61 -4.47 -43.99 22.00
C ARG B 61 -3.67 -45.26 21.92
N GLU B 62 -3.49 -45.93 23.09
CA GLU B 62 -2.79 -47.19 23.11
C GLU B 62 -3.43 -48.28 22.30
N HIS B 63 -4.71 -48.47 22.49
CA HIS B 63 -5.46 -49.47 21.77
C HIS B 63 -5.45 -49.17 20.27
N TYR B 64 -5.52 -47.90 19.87
CA TYR B 64 -5.48 -47.55 18.45
C TYR B 64 -4.18 -48.01 17.81
N ASP B 65 -3.06 -47.83 18.50
CA ASP B 65 -1.81 -48.24 17.95
C ASP B 65 -1.73 -49.74 17.88
N ARG B 66 -2.09 -50.42 19.00
CA ARG B 66 -2.00 -51.88 19.12
C ARG B 66 -2.93 -52.61 18.16
N ALA B 67 -4.12 -52.09 17.90
CA ALA B 67 -5.01 -52.68 16.88
C ALA B 67 -4.62 -52.38 15.47
N GLY B 68 -3.68 -51.46 15.24
CA GLY B 68 -3.35 -50.93 13.88
C GLY B 68 -4.49 -50.21 13.15
N TYR B 69 -5.30 -49.48 13.92
CA TYR B 69 -6.43 -48.74 13.36
C TYR B 69 -6.08 -47.67 12.33
N ALA B 70 -4.82 -47.25 12.31
CA ALA B 70 -4.35 -46.33 11.25
C ALA B 70 -4.63 -46.91 9.86
N ARG B 71 -4.65 -48.23 9.74
CA ARG B 71 -4.95 -48.91 8.45
C ARG B 71 -6.41 -48.94 8.06
N VAL B 72 -7.31 -48.63 8.98
CA VAL B 72 -8.73 -48.88 8.91
C VAL B 72 -9.56 -47.58 9.08
N ASP B 73 -9.18 -46.79 10.07
CA ASP B 73 -9.75 -45.44 10.33
C ASP B 73 -10.10 -44.70 9.06
N PRO B 74 -11.40 -44.46 8.80
CA PRO B 74 -11.73 -43.81 7.49
C PRO B 74 -11.19 -42.37 7.31
N THR B 75 -10.92 -41.69 8.43
CA THR B 75 -10.34 -40.32 8.32
C THR B 75 -8.87 -40.33 7.83
N VAL B 76 -8.10 -41.36 8.15
CA VAL B 76 -6.67 -41.50 7.66
C VAL B 76 -6.60 -41.58 6.16
N SER B 77 -7.37 -42.51 5.59
CA SER B 77 -7.53 -42.62 4.14
C SER B 77 -7.95 -41.27 3.51
N HIS B 78 -8.98 -40.68 4.07
CA HIS B 78 -9.46 -39.38 3.62
C HIS B 78 -8.37 -38.28 3.61
N CYS B 79 -7.58 -38.18 4.67
CA CYS B 79 -6.52 -37.19 4.77
C CYS B 79 -5.43 -37.37 3.70
N THR B 80 -5.19 -38.60 3.24
CA THR B 80 -4.24 -38.81 2.15
C THR B 80 -4.77 -38.35 0.79
N GLN B 81 -6.06 -38.14 0.67
CA GLN B 81 -6.70 -37.76 -0.56
C GLN B 81 -7.23 -36.33 -0.65
N SER B 82 -7.44 -35.63 0.48
CA SER B 82 -8.20 -34.38 0.50
C SER B 82 -7.59 -33.38 1.49
N VAL B 83 -7.82 -32.11 1.20
CA VAL B 83 -7.56 -31.06 2.16
C VAL B 83 -8.83 -30.63 2.86
N LEU B 84 -9.96 -31.24 2.52
CA LEU B 84 -11.20 -30.83 3.13
C LEU B 84 -11.61 -31.63 4.38
N PRO B 85 -12.42 -30.98 5.25
CA PRO B 85 -12.82 -31.71 6.48
C PRO B 85 -13.59 -32.95 6.20
N ILE B 86 -13.45 -33.92 7.08
CA ILE B 86 -14.35 -35.07 7.10
C ILE B 86 -15.07 -35.12 8.42
N PHE B 87 -16.40 -34.98 8.38
CA PHE B 87 -17.17 -35.09 9.60
C PHE B 87 -17.37 -36.56 10.00
N TRP B 88 -17.51 -36.81 11.30
CA TRP B 88 -17.63 -38.19 11.80
C TRP B 88 -19.12 -38.65 11.68
N GLU B 89 -19.57 -38.85 10.46
CA GLU B 89 -20.99 -39.19 10.13
C GLU B 89 -21.00 -40.70 9.97
N PRO B 90 -22.13 -41.38 10.30
CA PRO B 90 -22.15 -42.84 10.13
C PRO B 90 -21.79 -43.32 8.73
N SER B 91 -22.04 -42.50 7.70
CA SER B 91 -21.69 -42.83 6.32
C SER B 91 -20.20 -42.98 5.99
N ILE B 92 -19.33 -42.46 6.84
CA ILE B 92 -17.90 -42.68 6.61
C ILE B 92 -17.38 -44.03 7.06
N TYR B 93 -18.15 -44.75 7.89
CA TYR B 93 -17.78 -46.09 8.39
C TYR B 93 -18.40 -47.19 7.49
N GLN B 94 -17.64 -47.68 6.54
CA GLN B 94 -18.25 -48.50 5.47
C GLN B 94 -17.88 -49.92 5.57
N THR B 95 -16.62 -50.20 5.81
CA THR B 95 -16.21 -51.64 5.99
C THR B 95 -16.62 -52.19 7.37
N ARG B 96 -16.67 -53.51 7.47
CA ARG B 96 -16.96 -54.15 8.76
C ARG B 96 -15.96 -53.72 9.85
N LYS B 97 -14.70 -53.60 9.46
CA LYS B 97 -13.66 -53.18 10.38
C LYS B 97 -13.87 -51.72 10.81
N GLN B 98 -14.29 -50.87 9.90
CA GLN B 98 -14.60 -49.48 10.25
C GLN B 98 -15.76 -49.32 11.20
N HIS B 99 -16.74 -50.26 11.16
CA HIS B 99 -17.81 -50.28 12.10
C HIS B 99 -17.25 -50.70 13.45
N GLU B 100 -16.30 -51.62 13.51
CA GLU B 100 -15.64 -52.00 14.76
C GLU B 100 -14.96 -50.75 15.32
N PHE B 101 -14.27 -50.05 14.44
CA PHE B 101 -13.60 -48.81 14.89
C PHE B 101 -14.59 -47.80 15.50
N PHE B 102 -15.73 -47.64 14.85
CA PHE B 102 -16.77 -46.73 15.33
C PHE B 102 -17.17 -47.03 16.78
N GLU B 103 -17.44 -48.31 17.02
CA GLU B 103 -17.81 -48.84 18.33
C GLU B 103 -16.74 -48.64 19.36
N GLU B 104 -15.52 -49.01 19.01
CA GLU B 104 -14.43 -48.82 19.98
C GLU B 104 -14.21 -47.34 20.33
N ALA B 105 -14.25 -46.47 19.32
CA ALA B 105 -14.06 -44.99 19.54
C ALA B 105 -15.24 -44.41 20.35
N SER B 106 -16.46 -44.87 20.10
CA SER B 106 -17.60 -44.45 20.93
C SER B 106 -17.46 -44.89 22.37
N ALA B 107 -16.90 -46.08 22.58
CA ALA B 107 -16.62 -46.55 23.94
C ALA B 107 -15.65 -45.67 24.64
N ALA B 108 -14.71 -45.09 23.92
CA ALA B 108 -13.80 -44.11 24.48
C ALA B 108 -14.39 -42.73 24.62
N GLY B 109 -15.62 -42.50 24.18
CA GLY B 109 -16.28 -41.18 24.32
C GLY B 109 -16.20 -40.29 23.10
N LEU B 110 -15.60 -40.80 22.02
CA LEU B 110 -15.36 -40.08 20.78
C LEU B 110 -16.46 -40.55 19.77
N VAL B 111 -17.55 -39.77 19.69
CA VAL B 111 -18.72 -40.13 18.91
C VAL B 111 -18.96 -39.06 17.88
N TYR B 112 -19.20 -37.82 18.34
CA TYR B 112 -19.40 -36.68 17.40
C TYR B 112 -18.13 -35.86 17.24
N GLY B 113 -17.89 -35.41 16.02
CA GLY B 113 -16.69 -34.62 15.73
C GLY B 113 -16.35 -34.52 14.29
N LEU B 114 -15.14 -34.03 14.04
CA LEU B 114 -14.62 -33.98 12.68
C LEU B 114 -13.14 -34.05 12.65
N THR B 115 -12.61 -34.32 11.48
CA THR B 115 -11.16 -34.39 11.28
C THR B 115 -10.76 -33.41 10.12
N MET B 116 -9.84 -32.47 10.43
CA MET B 116 -9.33 -31.55 9.43
C MET B 116 -7.98 -32.11 8.94
N PRO B 117 -7.86 -32.43 7.66
CA PRO B 117 -6.56 -32.91 7.23
C PRO B 117 -5.50 -31.76 7.23
N LEU B 118 -4.23 -32.11 7.34
CA LEU B 118 -3.12 -31.18 7.33
C LEU B 118 -2.16 -31.62 6.27
N HIS B 119 -1.84 -30.70 5.36
CA HIS B 119 -0.80 -30.85 4.37
C HIS B 119 0.17 -29.66 4.39
N GLY B 120 1.40 -29.89 4.83
CA GLY B 120 2.30 -28.80 5.13
C GLY B 120 3.09 -28.36 3.92
N ALA B 121 3.74 -27.22 4.03
CA ALA B 121 4.48 -26.68 2.90
C ALA B 121 5.74 -27.49 2.58
N ARG B 122 6.19 -28.31 3.49
CA ARG B 122 7.34 -29.16 3.25
C ARG B 122 6.97 -30.63 3.18
N GLY B 123 5.74 -30.92 2.82
CA GLY B 123 5.33 -32.29 2.63
C GLY B 123 4.84 -33.00 3.90
N GLU B 124 4.69 -32.28 5.03
CA GLU B 124 4.11 -32.83 6.24
C GLU B 124 2.68 -33.30 6.02
N LEU B 125 2.31 -34.40 6.70
CA LEU B 125 1.04 -35.06 6.55
C LEU B 125 0.47 -35.24 7.92
N GLY B 126 -0.76 -34.79 8.15
CA GLY B 126 -1.32 -34.81 9.45
C GLY B 126 -2.82 -34.67 9.50
N ALA B 127 -3.31 -34.48 10.71
CA ALA B 127 -4.72 -34.28 10.94
C ALA B 127 -4.90 -33.57 12.22
N LEU B 128 -5.91 -32.71 12.29
CA LEU B 128 -6.39 -32.19 13.56
C LEU B 128 -7.83 -32.73 13.73
N SER B 129 -8.02 -33.61 14.71
CA SER B 129 -9.33 -34.22 14.98
C SER B 129 -9.86 -33.61 16.23
N LEU B 130 -11.16 -33.33 16.26
CA LEU B 130 -11.79 -32.67 17.40
C LEU B 130 -13.14 -33.28 17.69
N SER B 131 -13.40 -33.72 18.92
CA SER B 131 -14.71 -34.25 19.28
C SER B 131 -15.58 -33.17 20.00
N VAL B 132 -16.88 -33.34 19.98
CA VAL B 132 -17.80 -32.39 20.59
C VAL B 132 -18.77 -33.21 21.43
N GLU B 133 -19.15 -32.67 22.60
CA GLU B 133 -20.16 -33.36 23.42
C GLU B 133 -21.48 -32.76 23.01
N ALA B 134 -22.50 -33.56 22.75
CA ALA B 134 -23.81 -33.01 22.45
C ALA B 134 -24.92 -33.97 22.79
N GLU B 135 -26.15 -33.47 22.78
CA GLU B 135 -27.33 -34.30 23.02
C GLU B 135 -27.54 -35.40 21.97
N ASN B 136 -27.37 -35.04 20.71
CA ASN B 136 -27.61 -35.90 19.54
C ASN B 136 -26.75 -35.37 18.37
N ARG B 137 -26.68 -36.11 17.26
CA ARG B 137 -25.79 -35.68 16.14
C ARG B 137 -26.16 -34.32 15.52
N ALA B 138 -27.46 -34.10 15.30
CA ALA B 138 -27.91 -32.85 14.72
C ALA B 138 -27.40 -31.64 15.50
N GLU B 139 -27.39 -31.77 16.82
CA GLU B 139 -26.92 -30.73 17.70
C GLU B 139 -25.41 -30.53 17.50
N ALA B 140 -24.68 -31.62 17.42
CA ALA B 140 -23.21 -31.57 17.18
C ALA B 140 -22.82 -30.94 15.84
N ASN B 141 -23.56 -31.27 14.80
CA ASN B 141 -23.34 -30.73 13.47
C ASN B 141 -23.74 -29.23 13.36
N ARG B 142 -24.83 -28.83 14.02
CA ARG B 142 -25.17 -27.38 14.13
C ARG B 142 -24.08 -26.55 14.80
N PHE B 143 -23.54 -27.06 15.86
CA PHE B 143 -22.43 -26.42 16.56
C PHE B 143 -21.22 -26.36 15.65
N MET B 144 -20.86 -27.50 15.04
CA MET B 144 -19.64 -27.60 14.24
C MET B 144 -19.75 -26.71 13.01
N GLU B 145 -20.95 -26.61 12.40
CA GLU B 145 -21.14 -25.68 11.28
C GLU B 145 -21.02 -24.22 11.69
N SER B 146 -21.46 -23.86 12.88
CA SER B 146 -21.28 -22.50 13.46
C SER B 146 -19.84 -22.07 13.79
N VAL B 147 -18.89 -22.99 13.96
CA VAL B 147 -17.50 -22.60 14.26
C VAL B 147 -16.56 -23.04 13.15
N LEU B 148 -17.09 -23.58 12.09
CA LEU B 148 -16.24 -24.15 11.06
C LEU B 148 -15.20 -23.14 10.48
N PRO B 149 -15.60 -21.89 10.18
CA PRO B 149 -14.66 -20.95 9.55
C PRO B 149 -13.47 -20.64 10.46
N THR B 150 -13.73 -20.46 11.77
CA THR B 150 -12.64 -20.32 12.77
C THR B 150 -11.74 -21.54 12.82
N LEU B 151 -12.36 -22.71 12.89
CA LEU B 151 -11.61 -23.98 12.89
C LEU B 151 -10.73 -24.14 11.66
N TRP B 152 -11.31 -23.78 10.52
CA TRP B 152 -10.63 -23.93 9.25
C TRP B 152 -9.33 -23.10 9.27
N MET B 153 -9.34 -21.92 9.87
CA MET B 153 -8.08 -21.11 9.94
C MET B 153 -7.19 -21.71 11.02
N LEU B 154 -7.76 -22.04 12.17
CA LEU B 154 -6.99 -22.66 13.28
C LEU B 154 -6.16 -23.81 12.81
N LYS B 155 -6.73 -24.70 12.00
CA LYS B 155 -5.95 -25.87 11.57
C LYS B 155 -4.69 -25.57 10.82
N ASP B 156 -4.74 -24.54 10.01
CA ASP B 156 -3.56 -24.13 9.27
C ASP B 156 -2.56 -23.40 10.19
N TYR B 157 -3.04 -22.57 11.10
CA TYR B 157 -2.07 -21.99 12.10
C TYR B 157 -1.40 -23.07 13.00
N ALA B 158 -2.19 -24.07 13.41
CA ALA B 158 -1.67 -25.21 14.17
C ALA B 158 -0.68 -26.02 13.37
N LEU B 159 -0.98 -26.28 12.11
CA LEU B 159 -0.03 -26.95 11.22
C LEU B 159 1.31 -26.20 11.07
N GLN B 160 1.22 -24.91 10.74
CA GLN B 160 2.38 -24.08 10.51
C GLN B 160 3.28 -24.02 11.78
N SER B 161 2.66 -23.72 12.92
CA SER B 161 3.37 -23.76 14.19
C SER B 161 3.87 -25.18 14.62
N GLY B 162 2.99 -26.15 14.52
CA GLY B 162 3.30 -27.49 14.96
C GLY B 162 4.44 -28.14 14.21
N ALA B 163 4.52 -27.84 12.94
CA ALA B 163 5.51 -28.40 12.05
C ALA B 163 6.93 -27.96 12.43
N GLY B 164 7.06 -26.69 12.83
CA GLY B 164 8.34 -26.16 13.29
C GLY B 164 8.77 -26.82 14.58
N LEU B 165 7.83 -27.05 15.50
CA LEU B 165 8.08 -27.75 16.76
C LEU B 165 8.41 -29.23 16.55
N ALA B 166 7.62 -29.91 15.75
CA ALA B 166 7.78 -31.33 15.54
C ALA B 166 9.09 -31.62 14.80
N PHE B 167 9.53 -30.79 13.85
CA PHE B 167 10.60 -31.18 12.84
C PHE B 167 11.71 -30.15 12.56
N GLY C 6 -14.07 25.31 -24.74
CA GLY C 6 -13.30 25.29 -23.46
C GLY C 6 -11.90 25.79 -23.84
N PHE C 7 -11.09 25.96 -22.81
CA PHE C 7 -9.63 25.92 -22.82
C PHE C 7 -9.11 24.93 -23.80
N LEU C 8 -9.78 23.78 -23.89
CA LEU C 8 -9.35 22.79 -24.83
C LEU C 8 -9.30 23.47 -26.18
N GLU C 9 -10.38 24.18 -26.54
CA GLU C 9 -10.40 24.94 -27.79
C GLU C 9 -9.24 25.95 -27.85
N LEU C 10 -9.02 26.69 -26.78
CA LEU C 10 -7.91 27.69 -26.78
C LEU C 10 -6.54 27.02 -26.98
N GLU C 11 -6.26 25.95 -26.22
CA GLU C 11 -5.02 25.17 -26.39
C GLU C 11 -4.78 24.56 -27.74
N ARG C 12 -5.79 24.01 -28.38
CA ARG C 12 -5.58 23.42 -29.73
C ARG C 12 -5.40 24.45 -30.84
N SER C 13 -5.70 25.73 -30.61
CA SER C 13 -5.68 26.67 -31.69
C SER C 13 -4.25 26.94 -32.13
N SER C 14 -4.09 27.41 -33.35
CA SER C 14 -2.74 27.70 -33.83
C SER C 14 -2.73 29.16 -34.10
N GLY C 15 -1.94 29.88 -33.33
CA GLY C 15 -1.61 31.23 -33.65
C GLY C 15 -2.60 32.19 -33.01
N LYS C 16 -2.26 33.46 -33.10
CA LYS C 16 -2.95 34.50 -32.34
C LYS C 16 -4.31 34.80 -32.93
N LEU C 17 -4.45 34.78 -34.27
CA LEU C 17 -5.77 35.05 -34.87
C LEU C 17 -6.82 34.06 -34.48
N GLU C 18 -6.49 32.78 -34.52
CA GLU C 18 -7.48 31.77 -34.10
C GLU C 18 -7.86 31.85 -32.61
N TRP C 19 -6.85 32.02 -31.79
CA TRP C 19 -7.05 32.18 -30.32
C TRP C 19 -7.93 33.41 -30.03
N SER C 20 -7.68 34.58 -30.69
CA SER C 20 -8.53 35.75 -30.46
C SER C 20 -9.96 35.49 -30.86
N ALA C 21 -10.16 34.81 -32.00
CA ALA C 21 -11.52 34.51 -32.48
C ALA C 21 -12.24 33.61 -31.50
N ILE C 22 -11.57 32.60 -31.00
CA ILE C 22 -12.17 31.69 -29.96
C ILE C 22 -12.54 32.42 -28.65
N LEU C 23 -11.61 33.21 -28.13
CA LEU C 23 -11.88 34.01 -26.91
C LEU C 23 -13.01 35.01 -27.10
N GLN C 24 -13.04 35.69 -28.26
CA GLN C 24 -14.11 36.62 -28.58
C GLN C 24 -15.43 35.95 -28.65
N LYS C 25 -15.45 34.75 -29.21
CA LYS C 25 -16.68 33.98 -29.27
C LYS C 25 -17.18 33.54 -27.92
N MET C 26 -16.32 32.97 -27.08
CA MET C 26 -16.67 32.59 -25.71
C MET C 26 -17.24 33.80 -24.98
N ALA C 27 -16.59 34.94 -25.14
CA ALA C 27 -17.02 36.13 -24.42
C ALA C 27 -18.34 36.62 -24.97
N SER C 28 -18.50 36.54 -26.27
CA SER C 28 -19.78 36.91 -26.92
C SER C 28 -20.95 36.01 -26.49
N ASP C 29 -20.71 34.70 -26.44
CA ASP C 29 -21.65 33.73 -25.84
C ASP C 29 -22.06 34.04 -24.36
N LEU C 30 -21.20 34.71 -23.61
CA LEU C 30 -21.52 35.20 -22.31
C LEU C 30 -22.18 36.60 -22.18
N GLY C 31 -22.46 37.24 -23.32
CA GLY C 31 -23.08 38.53 -23.43
C GLY C 31 -22.15 39.73 -23.61
N PHE C 32 -20.87 39.49 -23.90
CA PHE C 32 -19.91 40.63 -23.97
C PHE C 32 -19.47 40.79 -25.44
N SER C 33 -19.85 41.88 -26.06
CA SER C 33 -19.51 42.10 -27.48
C SER C 33 -18.14 42.67 -27.66
N LYS C 34 -17.54 43.20 -26.60
CA LYS C 34 -16.19 43.81 -26.70
C LYS C 34 -15.26 43.29 -25.57
N ILE C 35 -14.03 42.89 -25.94
CA ILE C 35 -13.08 42.41 -24.92
C ILE C 35 -11.67 42.86 -25.28
N LEU C 36 -10.88 42.91 -24.24
CA LEU C 36 -9.45 43.11 -24.39
C LEU C 36 -8.73 42.30 -23.32
N PHE C 37 -7.89 41.37 -23.78
CA PHE C 37 -7.05 40.54 -22.98
C PHE C 37 -5.66 41.18 -23.11
N GLY C 38 -5.09 41.66 -21.99
CA GLY C 38 -3.74 42.24 -21.96
C GLY C 38 -2.81 41.50 -21.04
N LEU C 39 -1.55 41.30 -21.44
CA LEU C 39 -0.65 40.45 -20.66
C LEU C 39 0.80 40.94 -20.77
N LEU C 40 1.43 41.00 -19.62
CA LEU C 40 2.86 41.39 -19.53
C LEU C 40 3.65 40.28 -18.85
N PRO C 41 4.92 40.10 -19.24
CA PRO C 41 5.76 39.12 -18.53
C PRO C 41 6.15 39.61 -17.16
N LYS C 42 6.71 38.68 -16.37
CA LYS C 42 7.13 38.96 -15.01
C LYS C 42 8.03 40.19 -15.02
N ASP C 43 7.82 41.06 -14.04
CA ASP C 43 8.64 42.26 -13.77
C ASP C 43 8.44 43.35 -14.78
N SER C 44 7.60 43.18 -15.78
CA SER C 44 7.40 44.27 -16.72
C SER C 44 6.25 45.18 -16.26
N GLN C 45 6.38 46.46 -16.55
CA GLN C 45 5.25 47.40 -16.35
C GLN C 45 5.08 48.22 -17.59
N ASP C 46 5.44 47.62 -18.70
CA ASP C 46 5.46 48.32 -19.95
C ASP C 46 4.10 48.13 -20.66
N TYR C 47 3.07 48.80 -20.16
CA TYR C 47 1.67 48.71 -20.67
C TYR C 47 1.47 48.99 -22.16
N GLU C 48 2.27 49.90 -22.72
CA GLU C 48 2.22 50.25 -24.15
C GLU C 48 2.84 49.19 -25.05
N ASN C 49 3.55 48.20 -24.46
CA ASN C 49 3.97 47.03 -25.21
C ASN C 49 3.42 45.70 -24.67
N ALA C 50 2.26 45.72 -24.05
CA ALA C 50 1.58 44.53 -23.60
C ALA C 50 1.18 43.66 -24.78
N PHE C 51 1.15 42.36 -24.57
CA PHE C 51 0.48 41.45 -25.53
C PHE C 51 -0.99 41.68 -25.38
N ILE C 52 -1.65 42.07 -26.47
CA ILE C 52 -3.07 42.38 -26.47
C ILE C 52 -3.85 41.54 -27.49
N VAL C 53 -5.01 41.01 -27.06
CA VAL C 53 -5.98 40.30 -27.89
C VAL C 53 -7.29 40.91 -27.69
N GLY C 54 -7.98 41.06 -28.79
CA GLY C 54 -9.40 41.38 -28.69
C GLY C 54 -9.94 42.30 -29.70
N ASN C 55 -11.12 42.86 -29.44
CA ASN C 55 -11.86 43.61 -30.51
C ASN C 55 -12.36 45.02 -30.11
N TYR C 56 -11.67 45.62 -29.15
CA TYR C 56 -11.87 47.00 -28.86
C TYR C 56 -11.64 47.78 -30.19
N PRO C 57 -12.38 48.88 -30.43
CA PRO C 57 -12.04 49.70 -31.62
C PRO C 57 -10.56 50.11 -31.66
N ALA C 58 -9.89 49.89 -32.80
CA ALA C 58 -8.46 50.13 -32.92
C ALA C 58 -8.09 51.63 -32.60
N ALA C 59 -8.95 52.55 -32.97
CA ALA C 59 -8.70 53.95 -32.68
C ALA C 59 -8.68 54.27 -31.17
N TRP C 60 -9.49 53.54 -30.41
CA TRP C 60 -9.48 53.65 -28.97
C TRP C 60 -8.24 53.01 -28.36
N ARG C 61 -7.83 51.84 -28.83
CA ARG C 61 -6.57 51.33 -28.42
C ARG C 61 -5.41 52.28 -28.69
N GLU C 62 -5.42 52.91 -29.85
CA GLU C 62 -4.32 53.81 -30.23
C GLU C 62 -4.32 55.03 -29.31
N HIS C 63 -5.50 55.55 -29.04
CA HIS C 63 -5.68 56.72 -28.23
C HIS C 63 -5.22 56.43 -26.77
N TYR C 64 -5.55 55.23 -26.29
CA TYR C 64 -5.18 54.76 -24.94
C TYR C 64 -3.68 54.77 -24.79
N ASP C 65 -2.99 54.28 -25.82
CA ASP C 65 -1.53 54.27 -25.84
C ASP C 65 -0.93 55.67 -25.92
N ARG C 66 -1.48 56.47 -26.82
CA ARG C 66 -0.95 57.80 -27.09
C ARG C 66 -1.10 58.72 -25.85
N ALA C 67 -2.27 58.72 -25.26
CA ALA C 67 -2.59 59.51 -24.12
C ALA C 67 -1.91 59.00 -22.84
N GLY C 68 -1.24 57.84 -22.87
CA GLY C 68 -0.70 57.19 -21.68
C GLY C 68 -1.75 56.86 -20.60
N TYR C 69 -2.94 56.40 -21.02
CA TYR C 69 -4.04 56.13 -20.05
C TYR C 69 -3.77 55.01 -19.05
N ALA C 70 -2.75 54.17 -19.29
CA ALA C 70 -2.41 53.17 -18.26
C ALA C 70 -2.07 53.84 -16.90
N ARG C 71 -1.72 55.13 -16.91
CA ARG C 71 -1.42 55.91 -15.71
C ARG C 71 -2.65 56.38 -14.92
N VAL C 72 -3.79 56.34 -15.54
CA VAL C 72 -4.98 56.95 -15.09
C VAL C 72 -6.09 55.92 -14.94
N ASP C 73 -6.17 55.00 -15.92
CA ASP C 73 -7.17 53.91 -15.89
C ASP C 73 -7.21 53.29 -14.47
N PRO C 74 -8.35 53.34 -13.78
CA PRO C 74 -8.25 52.87 -12.37
C PRO C 74 -8.16 51.34 -12.26
N THR C 75 -8.43 50.63 -13.35
CA THR C 75 -8.36 49.18 -13.32
C THR C 75 -6.91 48.74 -13.35
N VAL C 76 -6.05 49.58 -13.90
CA VAL C 76 -4.65 49.27 -13.88
C VAL C 76 -4.08 49.20 -12.40
N SER C 77 -4.29 50.24 -11.55
CA SER C 77 -3.69 50.16 -10.21
C SER C 77 -4.31 49.01 -9.45
N HIS C 78 -5.61 48.82 -9.64
CA HIS C 78 -6.35 47.73 -9.03
C HIS C 78 -5.76 46.33 -9.29
N CYS C 79 -5.48 46.02 -10.56
CA CYS C 79 -4.84 44.73 -10.93
C CYS C 79 -3.49 44.48 -10.26
N THR C 80 -2.73 45.56 -9.94
CA THR C 80 -1.49 45.41 -9.26
C THR C 80 -1.63 45.07 -7.79
N GLN C 81 -2.80 45.20 -7.22
CA GLN C 81 -3.11 45.02 -5.82
C GLN C 81 -4.06 43.89 -5.51
N SER C 82 -4.71 43.31 -6.50
CA SER C 82 -5.80 42.35 -6.25
C SER C 82 -5.98 41.29 -7.37
N VAL C 83 -6.51 40.16 -6.96
CA VAL C 83 -6.97 39.12 -7.85
C VAL C 83 -8.44 39.23 -8.09
N LEU C 84 -9.14 40.16 -7.44
CA LEU C 84 -10.62 40.22 -7.61
C LEU C 84 -11.10 41.11 -8.76
N PRO C 85 -12.23 40.79 -9.41
CA PRO C 85 -12.70 41.70 -10.51
C PRO C 85 -13.02 43.11 -10.04
N ILE C 86 -12.91 44.07 -10.92
CA ILE C 86 -13.26 45.45 -10.60
C ILE C 86 -14.28 45.86 -11.61
N PHE C 87 -15.49 46.16 -11.12
CA PHE C 87 -16.59 46.50 -12.01
C PHE C 87 -16.51 47.99 -12.39
N TRP C 88 -16.88 48.31 -13.63
CA TRP C 88 -16.72 49.65 -14.17
C TRP C 88 -17.85 50.58 -13.66
N GLU C 89 -17.63 51.16 -12.50
CA GLU C 89 -18.71 51.87 -11.75
C GLU C 89 -18.28 53.33 -11.57
N PRO C 90 -19.27 54.28 -11.47
CA PRO C 90 -18.82 55.70 -11.33
C PRO C 90 -17.78 55.93 -10.27
N SER C 91 -17.88 55.20 -9.17
CA SER C 91 -17.07 55.36 -7.97
C SER C 91 -15.59 55.08 -8.14
N ILE C 92 -15.22 54.24 -9.13
CA ILE C 92 -13.77 54.01 -9.44
C ILE C 92 -13.07 55.15 -10.16
N TYR C 93 -13.82 56.03 -10.82
CA TYR C 93 -13.22 57.20 -11.48
C TYR C 93 -13.23 58.36 -10.46
N GLN C 94 -12.10 58.67 -9.83
CA GLN C 94 -12.11 59.76 -8.82
C GLN C 94 -11.51 61.13 -9.26
N THR C 95 -10.39 61.13 -9.96
CA THR C 95 -9.72 62.37 -10.38
C THR C 95 -10.28 62.96 -11.70
N ARG C 96 -9.93 64.24 -11.97
CA ARG C 96 -10.21 64.91 -13.26
C ARG C 96 -9.88 63.96 -14.44
N LYS C 97 -8.66 63.47 -14.44
CA LYS C 97 -8.15 62.67 -15.52
C LYS C 97 -8.94 61.35 -15.70
N GLN C 98 -9.32 60.74 -14.57
CA GLN C 98 -10.13 59.52 -14.58
C GLN C 98 -11.55 59.75 -15.13
N HIS C 99 -12.16 60.88 -14.83
CA HIS C 99 -13.41 61.28 -15.49
C HIS C 99 -13.24 61.48 -17.00
N GLU C 100 -12.12 62.08 -17.46
CA GLU C 100 -11.89 62.22 -18.94
C GLU C 100 -11.81 60.82 -19.54
N PHE C 101 -11.05 59.97 -18.87
CA PHE C 101 -10.92 58.53 -19.22
C PHE C 101 -12.29 57.89 -19.40
N PHE C 102 -13.14 57.93 -18.39
CA PHE C 102 -14.51 57.42 -18.49
C PHE C 102 -15.22 57.97 -19.69
N GLU C 103 -15.05 59.27 -19.94
CA GLU C 103 -15.80 59.90 -21.02
C GLU C 103 -15.28 59.46 -22.40
N GLU C 104 -13.95 59.42 -22.60
CA GLU C 104 -13.40 59.00 -23.88
C GLU C 104 -13.76 57.51 -24.15
N ALA C 105 -13.71 56.68 -23.10
CA ALA C 105 -14.01 55.23 -23.22
C ALA C 105 -15.43 55.05 -23.50
N SER C 106 -16.31 55.89 -22.95
CA SER C 106 -17.73 55.79 -23.28
C SER C 106 -18.01 56.19 -24.71
N ALA C 107 -17.23 57.12 -25.26
CA ALA C 107 -17.40 57.52 -26.69
C ALA C 107 -17.05 56.39 -27.68
N ALA C 108 -16.10 55.52 -27.30
CA ALA C 108 -15.82 54.26 -27.98
C ALA C 108 -16.85 53.15 -27.84
N GLY C 109 -17.95 53.38 -27.10
CA GLY C 109 -18.95 52.38 -26.73
C GLY C 109 -18.70 51.58 -25.47
N LEU C 110 -17.65 51.88 -24.74
CA LEU C 110 -17.20 51.08 -23.59
C LEU C 110 -17.54 51.74 -22.23
N VAL C 111 -18.72 51.45 -21.74
CA VAL C 111 -19.32 52.17 -20.63
C VAL C 111 -19.58 51.20 -19.48
N TYR C 112 -20.21 50.06 -19.77
CA TYR C 112 -20.42 49.03 -18.77
C TYR C 112 -19.49 47.83 -18.97
N GLY C 113 -19.00 47.27 -17.87
CA GLY C 113 -18.11 46.14 -17.97
C GLY C 113 -17.41 45.86 -16.70
N LEU C 114 -16.42 44.99 -16.83
CA LEU C 114 -15.59 44.63 -15.68
C LEU C 114 -14.19 44.29 -16.14
N THR C 115 -13.26 44.32 -15.21
CA THR C 115 -11.87 43.92 -15.48
C THR C 115 -11.51 42.87 -14.52
N MET C 116 -11.08 41.69 -15.04
CA MET C 116 -10.60 40.58 -14.18
C MET C 116 -9.09 40.61 -14.19
N PRO C 117 -8.45 40.90 -13.02
CA PRO C 117 -6.99 40.83 -13.00
C PRO C 117 -6.47 39.41 -13.34
N LEU C 118 -5.31 39.38 -14.02
CA LEU C 118 -4.61 38.12 -14.31
C LEU C 118 -3.25 38.13 -13.59
N HIS C 119 -3.03 37.12 -12.78
CA HIS C 119 -1.78 36.91 -12.10
C HIS C 119 -1.34 35.47 -12.32
N GLY C 120 -0.32 35.34 -13.19
CA GLY C 120 0.11 34.04 -13.69
C GLY C 120 1.07 33.37 -12.80
N ALA C 121 1.28 32.08 -13.07
CA ALA C 121 2.02 31.20 -12.16
C ALA C 121 3.49 31.59 -12.23
N ARG C 122 3.86 32.20 -13.33
CA ARG C 122 5.24 32.70 -13.50
C ARG C 122 5.35 34.19 -13.38
N GLY C 123 4.44 34.80 -12.62
CA GLY C 123 4.43 36.19 -12.36
C GLY C 123 3.90 37.13 -13.43
N GLU C 124 3.25 36.57 -14.47
CA GLU C 124 2.69 37.35 -15.56
C GLU C 124 1.64 38.23 -14.93
N LEU C 125 1.52 39.44 -15.44
CA LEU C 125 0.54 40.44 -14.99
C LEU C 125 -0.36 40.83 -16.15
N GLY C 126 -1.69 40.79 -15.95
CA GLY C 126 -2.58 41.06 -17.06
C GLY C 126 -3.99 41.38 -16.60
N ALA C 127 -4.89 41.45 -17.56
CA ALA C 127 -6.29 41.70 -17.32
C ALA C 127 -7.11 41.15 -18.44
N LEU C 128 -8.30 40.62 -18.12
CA LEU C 128 -9.28 40.38 -19.15
C LEU C 128 -10.42 41.41 -18.87
N SER C 129 -10.61 42.36 -19.78
CA SER C 129 -11.64 43.41 -19.63
C SER C 129 -12.73 43.04 -20.57
N LEU C 130 -13.95 43.11 -20.11
CA LEU C 130 -15.09 42.79 -20.93
C LEU C 130 -16.16 43.86 -20.77
N SER C 131 -16.70 44.31 -21.89
CA SER C 131 -17.70 45.33 -21.89
C SER C 131 -19.03 44.70 -22.38
N VAL C 132 -20.11 45.10 -21.74
CA VAL C 132 -21.45 44.60 -22.07
C VAL C 132 -22.39 45.73 -22.57
N GLU C 133 -23.14 45.45 -23.63
CA GLU C 133 -24.05 46.43 -24.13
C GLU C 133 -25.35 46.36 -23.34
N ALA C 134 -25.83 47.50 -22.90
CA ALA C 134 -27.00 47.53 -22.02
C ALA C 134 -27.58 48.92 -21.92
N GLU C 135 -28.84 48.94 -21.52
CA GLU C 135 -29.62 50.19 -21.43
C GLU C 135 -29.19 51.10 -20.25
N ASN C 136 -28.91 50.53 -19.08
CA ASN C 136 -28.38 51.26 -17.93
C ASN C 136 -27.45 50.39 -17.10
N ARG C 137 -26.99 50.91 -15.95
CA ARG C 137 -26.18 50.16 -14.96
C ARG C 137 -26.94 48.92 -14.46
N ALA C 138 -28.24 49.06 -14.18
CA ALA C 138 -28.96 47.98 -13.50
C ALA C 138 -28.98 46.75 -14.38
N GLU C 139 -29.25 46.98 -15.64
CA GLU C 139 -29.33 45.90 -16.62
C GLU C 139 -27.98 45.22 -16.91
N ALA C 140 -26.94 46.05 -17.05
CA ALA C 140 -25.56 45.61 -17.20
C ALA C 140 -25.15 44.72 -16.03
N ASN C 141 -25.40 45.18 -14.81
CA ASN C 141 -25.14 44.35 -13.60
C ASN C 141 -25.79 42.99 -13.61
N ARG C 142 -27.08 42.93 -13.95
CA ARG C 142 -27.74 41.67 -14.04
C ARG C 142 -27.09 40.76 -15.04
N PHE C 143 -26.75 41.30 -16.22
CA PHE C 143 -26.13 40.43 -17.19
C PHE C 143 -24.75 39.93 -16.71
N MET C 144 -23.95 40.81 -16.08
CA MET C 144 -22.64 40.47 -15.62
C MET C 144 -22.75 39.45 -14.48
N GLU C 145 -23.68 39.68 -13.57
CA GLU C 145 -23.81 38.75 -12.44
C GLU C 145 -24.20 37.35 -12.83
N SER C 146 -25.07 37.20 -13.83
CA SER C 146 -25.63 35.91 -14.19
C SER C 146 -24.58 35.04 -14.83
N VAL C 147 -23.51 35.64 -15.40
CA VAL C 147 -22.42 34.87 -15.97
C VAL C 147 -21.10 34.88 -15.19
N LEU C 148 -21.07 35.49 -14.01
CA LEU C 148 -19.83 35.77 -13.32
C LEU C 148 -19.01 34.51 -12.97
N PRO C 149 -19.64 33.41 -12.52
CA PRO C 149 -18.92 32.16 -12.18
C PRO C 149 -18.21 31.61 -13.40
N THR C 150 -18.89 31.60 -14.56
CA THR C 150 -18.31 31.19 -15.81
C THR C 150 -17.18 32.10 -16.27
N LEU C 151 -17.33 33.43 -16.10
CA LEU C 151 -16.22 34.37 -16.46
C LEU C 151 -15.04 34.15 -15.58
N TRP C 152 -15.28 33.86 -14.31
CA TRP C 152 -14.21 33.70 -13.34
C TRP C 152 -13.33 32.49 -13.68
N MET C 153 -13.96 31.43 -14.17
CA MET C 153 -13.19 30.31 -14.68
C MET C 153 -12.47 30.66 -15.99
N LEU C 154 -13.21 31.33 -16.89
CA LEU C 154 -12.70 31.72 -18.23
C LEU C 154 -11.42 32.52 -18.12
N LYS C 155 -11.39 33.49 -17.22
CA LYS C 155 -10.22 34.37 -17.07
C LYS C 155 -9.00 33.52 -16.72
N ASP C 156 -9.18 32.49 -15.88
CA ASP C 156 -8.04 31.65 -15.58
C ASP C 156 -7.64 30.74 -16.74
N TYR C 157 -8.60 30.18 -17.44
CA TYR C 157 -8.25 29.41 -18.66
C TYR C 157 -7.56 30.25 -19.76
N ALA C 158 -8.08 31.47 -20.00
CA ALA C 158 -7.47 32.40 -20.91
C ALA C 158 -6.02 32.78 -20.54
N LEU C 159 -5.76 33.02 -19.22
CA LEU C 159 -4.41 33.31 -18.75
C LEU C 159 -3.44 32.15 -19.02
N GLN C 160 -3.85 30.93 -18.64
CA GLN C 160 -2.98 29.77 -18.67
C GLN C 160 -2.62 29.45 -20.11
N SER C 161 -3.60 29.50 -20.99
CA SER C 161 -3.41 29.37 -22.44
C SER C 161 -2.64 30.55 -23.09
N GLY C 162 -3.13 31.75 -22.79
CA GLY C 162 -2.60 33.01 -23.28
C GLY C 162 -1.16 33.31 -22.97
N ALA C 163 -0.67 32.85 -21.84
CA ALA C 163 0.66 33.18 -21.43
C ALA C 163 1.62 32.47 -22.42
N GLY C 164 1.30 31.25 -22.75
CA GLY C 164 2.06 30.49 -23.73
C GLY C 164 1.99 31.13 -25.11
N LEU C 165 0.81 31.56 -25.50
CA LEU C 165 0.65 32.27 -26.82
C LEU C 165 1.47 33.53 -26.80
N ALA C 166 1.38 34.28 -25.72
CA ALA C 166 2.03 35.57 -25.67
C ALA C 166 3.52 35.48 -25.65
N PHE C 167 4.09 34.49 -24.95
CA PHE C 167 5.54 34.60 -24.60
C PHE C 167 6.42 33.47 -25.09
N GLU C 168 5.80 32.41 -25.61
CA GLU C 168 6.50 31.23 -26.07
C GLU C 168 6.81 31.44 -27.54
N HIS C 169 8.10 31.58 -27.86
CA HIS C 169 8.50 31.76 -29.25
C HIS C 169 9.64 30.86 -29.70
N ALA D 2 18.33 13.13 6.96
CA ALA D 2 18.46 11.88 7.81
C ALA D 2 18.90 10.76 6.93
N LEU D 3 20.00 10.12 7.34
CA LEU D 3 20.72 9.22 6.43
C LEU D 3 19.91 8.03 6.16
N VAL D 4 19.26 7.52 7.23
CA VAL D 4 18.39 6.35 7.08
C VAL D 4 17.36 6.54 5.97
N ASP D 5 16.83 7.73 5.91
CA ASP D 5 15.83 8.03 4.88
C ASP D 5 16.47 8.11 3.49
N GLY D 6 17.69 8.62 3.36
CA GLY D 6 18.35 8.55 2.08
C GLY D 6 18.57 7.13 1.68
N PHE D 7 18.97 6.29 2.65
CA PHE D 7 19.24 4.90 2.37
C PHE D 7 17.97 4.25 1.81
N LEU D 8 16.80 4.55 2.42
CA LEU D 8 15.55 3.94 1.89
C LEU D 8 15.26 4.44 0.42
N GLU D 9 15.56 5.69 0.15
CA GLU D 9 15.45 6.23 -1.19
C GLU D 9 16.36 5.54 -2.14
N LEU D 10 17.63 5.30 -1.71
CA LEU D 10 18.54 4.53 -2.54
C LEU D 10 17.94 3.13 -2.85
N GLU D 11 17.45 2.46 -1.83
CA GLU D 11 16.99 1.10 -1.97
C GLU D 11 15.76 0.96 -2.89
N ARG D 12 14.91 1.96 -2.89
CA ARG D 12 13.67 1.92 -3.65
C ARG D 12 13.78 2.66 -5.01
N SER D 13 14.97 3.18 -5.37
CA SER D 13 15.17 3.94 -6.59
C SER D 13 15.02 3.04 -7.82
N SER D 14 14.71 3.64 -8.99
CA SER D 14 14.44 2.86 -10.21
C SER D 14 15.60 2.26 -10.92
N GLY D 15 16.78 2.83 -10.76
CA GLY D 15 17.93 2.37 -11.50
C GLY D 15 19.08 3.28 -11.20
N LYS D 16 20.18 3.06 -11.91
CA LYS D 16 21.45 3.76 -11.65
C LYS D 16 21.38 5.28 -11.73
N LEU D 17 20.65 5.83 -12.71
CA LEU D 17 20.51 7.26 -12.80
C LEU D 17 19.97 7.83 -11.57
N GLU D 18 18.81 7.34 -11.11
CA GLU D 18 18.19 7.95 -9.89
C GLU D 18 19.04 7.69 -8.62
N TRP D 19 19.62 6.49 -8.55
CA TRP D 19 20.50 6.10 -7.40
C TRP D 19 21.66 7.09 -7.28
N SER D 20 22.23 7.38 -8.42
CA SER D 20 23.31 8.36 -8.50
C SER D 20 22.86 9.75 -8.15
N ALA D 21 21.66 10.13 -8.58
CA ALA D 21 21.17 11.45 -8.21
C ALA D 21 20.98 11.56 -6.68
N ILE D 22 20.41 10.51 -6.09
CA ILE D 22 20.19 10.51 -4.64
C ILE D 22 21.54 10.57 -3.88
N LEU D 23 22.49 9.69 -4.26
CA LEU D 23 23.79 9.72 -3.57
C LEU D 23 24.55 11.06 -3.67
N GLN D 24 24.59 11.63 -4.87
CA GLN D 24 25.23 12.92 -5.12
C GLN D 24 24.55 14.07 -4.34
N LYS D 25 23.22 14.01 -4.23
CA LYS D 25 22.53 15.01 -3.41
C LYS D 25 22.81 14.88 -1.88
N MET D 26 22.82 13.66 -1.36
CA MET D 26 23.18 13.42 0.04
C MET D 26 24.60 14.00 0.27
N ALA D 27 25.52 13.73 -0.66
CA ALA D 27 26.91 14.23 -0.55
C ALA D 27 27.05 15.71 -0.62
N SER D 28 26.30 16.31 -1.54
CA SER D 28 26.27 17.74 -1.74
C SER D 28 25.67 18.45 -0.52
N ASP D 29 24.57 17.92 0.00
CA ASP D 29 23.92 18.45 1.21
C ASP D 29 24.83 18.37 2.40
N LEU D 30 25.68 17.38 2.46
CA LEU D 30 26.75 17.35 3.43
C LEU D 30 27.86 18.35 3.23
N GLY D 31 28.03 18.87 2.02
CA GLY D 31 29.05 19.89 1.68
C GLY D 31 30.09 19.46 0.68
N PHE D 32 29.97 18.21 0.20
CA PHE D 32 31.01 17.70 -0.69
C PHE D 32 30.61 18.14 -2.07
N SER D 33 31.54 18.36 -2.94
CA SER D 33 31.22 18.76 -4.31
C SER D 33 31.02 17.60 -5.29
N LYS D 34 32.01 16.77 -5.35
CA LYS D 34 32.11 15.71 -6.35
C LYS D 34 32.40 14.40 -5.65
N ILE D 35 31.76 13.35 -6.09
CA ILE D 35 31.96 12.03 -5.57
C ILE D 35 32.19 10.99 -6.66
N LEU D 36 32.81 9.89 -6.23
CA LEU D 36 32.93 8.66 -7.03
C LEU D 36 32.74 7.47 -6.11
N PHE D 37 31.70 6.70 -6.39
CA PHE D 37 31.46 5.40 -5.78
C PHE D 37 31.88 4.32 -6.77
N GLY D 38 32.84 3.51 -6.36
CA GLY D 38 33.38 2.38 -7.22
C GLY D 38 33.23 1.08 -6.49
N LEU D 39 32.85 0.04 -7.19
CA LEU D 39 32.63 -1.25 -6.57
C LEU D 39 32.98 -2.42 -7.54
N LEU D 40 33.71 -3.39 -7.02
CA LEU D 40 34.07 -4.63 -7.67
C LEU D 40 33.49 -5.82 -6.92
N PRO D 41 33.15 -6.88 -7.66
CA PRO D 41 32.70 -8.13 -6.99
C PRO D 41 33.83 -8.85 -6.32
N LYS D 42 33.44 -9.84 -5.51
CA LYS D 42 34.36 -10.69 -4.80
C LYS D 42 35.51 -11.23 -5.71
N ASP D 43 36.75 -11.05 -5.25
CA ASP D 43 37.96 -11.60 -5.85
C ASP D 43 38.33 -10.95 -7.19
N SER D 44 37.78 -9.78 -7.53
CA SER D 44 38.17 -9.10 -8.75
C SER D 44 39.11 -7.94 -8.43
N GLN D 45 40.09 -7.70 -9.27
CA GLN D 45 40.86 -6.45 -9.22
C GLN D 45 40.80 -5.79 -10.55
N ASP D 46 39.67 -5.95 -11.24
CA ASP D 46 39.47 -5.41 -12.58
C ASP D 46 39.04 -3.92 -12.50
N TYR D 47 39.96 -3.03 -12.11
CA TYR D 47 39.52 -1.65 -11.84
C TYR D 47 38.93 -0.92 -13.09
N GLU D 48 39.41 -1.29 -14.25
CA GLU D 48 38.88 -0.80 -15.54
C GLU D 48 37.41 -1.12 -15.80
N ASN D 49 36.91 -2.19 -15.19
CA ASN D 49 35.54 -2.63 -15.27
C ASN D 49 34.72 -2.50 -13.96
N ALA D 50 35.13 -1.63 -13.06
CA ALA D 50 34.38 -1.47 -11.82
C ALA D 50 33.00 -0.88 -12.10
N PHE D 51 32.01 -1.22 -11.28
CA PHE D 51 30.78 -0.48 -11.24
C PHE D 51 31.12 0.91 -10.69
N ILE D 52 30.87 1.93 -11.45
CA ILE D 52 31.12 3.33 -11.06
C ILE D 52 29.90 4.21 -11.11
N VAL D 53 29.75 5.00 -10.04
CA VAL D 53 28.74 6.02 -9.89
C VAL D 53 29.37 7.29 -9.44
N GLY D 54 28.92 8.35 -10.09
CA GLY D 54 29.26 9.67 -9.64
C GLY D 54 29.37 10.76 -10.66
N ASN D 55 29.86 11.88 -10.18
CA ASN D 55 29.96 13.09 -10.93
C ASN D 55 31.35 13.65 -11.09
N TYR D 56 32.42 12.86 -10.96
CA TYR D 56 33.70 13.36 -11.41
C TYR D 56 33.69 13.76 -12.89
N PRO D 57 34.46 14.75 -13.27
CA PRO D 57 34.45 15.03 -14.73
C PRO D 57 34.80 13.84 -15.64
N ALA D 58 34.02 13.69 -16.70
CA ALA D 58 34.09 12.55 -17.54
C ALA D 58 35.53 12.36 -18.10
N ALA D 59 36.13 13.46 -18.52
CA ALA D 59 37.47 13.43 -19.09
C ALA D 59 38.55 12.96 -18.07
N TRP D 60 38.27 13.24 -16.82
CA TRP D 60 39.12 12.74 -15.73
C TRP D 60 39.01 11.23 -15.56
N ARG D 61 37.82 10.69 -15.45
CA ARG D 61 37.58 9.26 -15.36
C ARG D 61 38.19 8.52 -16.55
N GLU D 62 38.01 9.07 -17.75
CA GLU D 62 38.64 8.48 -18.92
C GLU D 62 40.20 8.50 -18.82
N HIS D 63 40.78 9.63 -18.42
CA HIS D 63 42.23 9.78 -18.22
C HIS D 63 42.78 8.73 -17.18
N TYR D 64 42.05 8.58 -16.09
CA TYR D 64 42.38 7.62 -15.05
C TYR D 64 42.47 6.24 -15.62
N ASP D 65 41.44 5.88 -16.39
CA ASP D 65 41.37 4.60 -17.02
C ASP D 65 42.54 4.42 -18.03
N ARG D 66 42.69 5.35 -18.93
CA ARG D 66 43.71 5.22 -19.98
C ARG D 66 45.17 5.16 -19.45
N ALA D 67 45.47 5.97 -18.44
CA ALA D 67 46.76 6.00 -17.76
C ALA D 67 46.97 4.85 -16.80
N GLY D 68 45.99 4.00 -16.59
CA GLY D 68 46.11 2.92 -15.64
C GLY D 68 46.42 3.41 -14.22
N TYR D 69 45.77 4.51 -13.80
CA TYR D 69 46.03 5.10 -12.49
C TYR D 69 45.57 4.30 -11.29
N ALA D 70 44.78 3.24 -11.45
CA ALA D 70 44.56 2.28 -10.32
C ALA D 70 45.90 1.68 -9.79
N ARG D 71 46.96 1.74 -10.59
CA ARG D 71 48.29 1.22 -10.22
C ARG D 71 49.16 2.34 -9.57
N VAL D 72 48.71 3.58 -9.63
CA VAL D 72 49.45 4.72 -9.07
C VAL D 72 48.73 5.38 -7.88
N ASP D 73 47.45 5.62 -8.02
CA ASP D 73 46.60 6.20 -7.01
C ASP D 73 46.83 5.49 -5.65
N PRO D 74 47.40 6.20 -4.66
CA PRO D 74 47.72 5.60 -3.35
C PRO D 74 46.51 5.14 -2.57
N THR D 75 45.32 5.69 -2.87
CA THR D 75 44.07 5.19 -2.22
C THR D 75 43.72 3.74 -2.57
N VAL D 76 44.16 3.28 -3.72
CA VAL D 76 43.83 1.98 -4.16
C VAL D 76 44.44 0.87 -3.26
N SER D 77 45.77 0.87 -3.11
CA SER D 77 46.50 -0.04 -2.22
CA SER D 77 46.42 -0.11 -2.25
C SER D 77 45.90 0.09 -0.82
N HIS D 78 45.68 1.33 -0.39
CA HIS D 78 45.12 1.57 0.96
C HIS D 78 43.79 0.82 1.23
N CYS D 79 42.89 0.89 0.26
CA CYS D 79 41.60 0.26 0.40
C CYS D 79 41.63 -1.25 0.44
N THR D 80 42.62 -1.89 -0.24
CA THR D 80 42.79 -3.27 -0.19
C THR D 80 43.21 -3.79 1.21
N GLN D 81 43.88 -2.96 2.00
CA GLN D 81 44.48 -3.23 3.35
C GLN D 81 43.70 -2.74 4.57
N SER D 82 42.72 -1.85 4.41
CA SER D 82 42.09 -1.12 5.57
C SER D 82 40.57 -0.85 5.38
N VAL D 83 39.88 -0.62 6.48
CA VAL D 83 38.51 -0.16 6.46
C VAL D 83 38.51 1.26 6.87
N LEU D 84 39.69 1.85 7.13
CA LEU D 84 39.71 3.20 7.65
C LEU D 84 39.96 4.19 6.51
N PRO D 85 39.53 5.43 6.67
CA PRO D 85 39.61 6.43 5.63
C PRO D 85 41.04 6.89 5.31
N ILE D 86 41.30 7.29 4.07
CA ILE D 86 42.58 7.87 3.72
C ILE D 86 42.27 9.26 3.21
N PHE D 87 42.83 10.27 3.87
CA PHE D 87 42.57 11.67 3.53
C PHE D 87 43.55 12.05 2.44
N TRP D 88 43.13 12.93 1.56
CA TRP D 88 43.95 13.30 0.41
C TRP D 88 44.96 14.37 0.84
N GLU D 89 46.09 13.95 1.36
CA GLU D 89 47.11 14.92 1.89
C GLU D 89 48.42 14.74 1.13
N PRO D 90 49.29 15.79 1.10
CA PRO D 90 50.54 15.60 0.31
C PRO D 90 51.34 14.35 0.77
N SER D 91 51.29 14.02 2.04
CA SER D 91 52.02 12.85 2.52
C SER D 91 51.69 11.50 1.85
N ILE D 92 50.47 11.29 1.31
CA ILE D 92 50.13 10.04 0.64
C ILE D 92 50.76 9.91 -0.78
N TYR D 93 51.16 11.04 -1.41
CA TYR D 93 51.76 11.02 -2.76
C TYR D 93 53.29 11.02 -2.56
N GLN D 94 53.89 9.84 -2.57
CA GLN D 94 55.30 9.70 -2.15
C GLN D 94 56.29 9.47 -3.29
N THR D 95 55.84 9.24 -4.54
CA THR D 95 56.70 9.06 -5.73
C THR D 95 56.42 10.15 -6.75
N ARG D 96 57.27 10.30 -7.78
CA ARG D 96 56.93 11.24 -8.82
C ARG D 96 55.62 10.90 -9.55
N LYS D 97 55.42 9.65 -9.87
CA LYS D 97 54.16 9.23 -10.44
C LYS D 97 52.92 9.61 -9.62
N GLN D 98 53.02 9.46 -8.32
CA GLN D 98 51.89 9.71 -7.44
C GLN D 98 51.74 11.20 -7.33
N HIS D 99 52.86 11.92 -7.37
CA HIS D 99 52.75 13.37 -7.31
C HIS D 99 52.04 13.91 -8.51
N GLU D 100 52.38 13.42 -9.69
CA GLU D 100 51.76 13.92 -10.94
C GLU D 100 50.32 13.42 -11.04
N PHE D 101 50.01 12.27 -10.44
CA PHE D 101 48.61 11.88 -10.23
C PHE D 101 47.86 12.98 -9.47
N PHE D 102 48.47 13.46 -8.39
CA PHE D 102 47.89 14.46 -7.55
C PHE D 102 47.63 15.76 -8.36
N GLU D 103 48.63 16.18 -9.14
CA GLU D 103 48.51 17.42 -9.93
C GLU D 103 47.44 17.36 -11.03
N GLU D 104 47.33 16.21 -11.66
CA GLU D 104 46.29 16.00 -12.69
C GLU D 104 44.88 15.94 -12.11
N ALA D 105 44.70 15.22 -11.00
CA ALA D 105 43.44 15.28 -10.25
C ALA D 105 43.12 16.69 -9.82
N SER D 106 44.14 17.42 -9.33
CA SER D 106 43.92 18.85 -8.92
C SER D 106 43.44 19.72 -10.03
N ALA D 107 44.06 19.52 -11.17
CA ALA D 107 43.75 20.28 -12.38
C ALA D 107 42.34 20.02 -12.88
N ALA D 108 41.86 18.81 -12.66
CA ALA D 108 40.49 18.49 -12.74
C ALA D 108 39.57 19.04 -11.66
N GLY D 109 40.03 19.85 -10.72
CA GLY D 109 39.18 20.38 -9.65
C GLY D 109 39.13 19.48 -8.43
N LEU D 110 39.89 18.37 -8.39
CA LEU D 110 39.81 17.38 -7.29
C LEU D 110 41.05 17.52 -6.39
N VAL D 111 40.97 18.46 -5.44
CA VAL D 111 42.18 18.83 -4.66
C VAL D 111 42.13 18.34 -3.18
N TYR D 112 40.99 18.55 -2.52
CA TYR D 112 40.82 18.24 -1.11
C TYR D 112 39.76 17.16 -1.05
N GLY D 113 39.88 16.24 -0.10
CA GLY D 113 38.90 15.12 -0.08
C GLY D 113 39.45 13.95 0.67
N LEU D 114 38.76 12.84 0.52
CA LEU D 114 39.11 11.62 1.22
C LEU D 114 38.52 10.44 0.49
N THR D 115 39.08 9.28 0.78
CA THR D 115 38.56 7.98 0.22
C THR D 115 38.23 7.03 1.35
N MET D 116 36.98 6.52 1.35
CA MET D 116 36.50 5.59 2.37
C MET D 116 36.51 4.22 1.70
N PRO D 117 37.36 3.28 2.20
CA PRO D 117 37.28 1.88 1.67
C PRO D 117 35.87 1.26 1.88
N LEU D 118 35.46 0.40 0.95
CA LEU D 118 34.20 -0.31 1.05
C LEU D 118 34.52 -1.79 1.03
N HIS D 119 34.09 -2.50 2.05
CA HIS D 119 34.22 -3.95 2.07
C HIS D 119 32.90 -4.55 2.42
N GLY D 120 32.28 -5.20 1.43
CA GLY D 120 30.87 -5.66 1.55
C GLY D 120 30.75 -7.00 2.21
N ALA D 121 29.54 -7.35 2.58
CA ALA D 121 29.27 -8.59 3.31
C ALA D 121 29.46 -9.84 2.47
N ARG D 122 29.40 -9.69 1.14
CA ARG D 122 29.61 -10.75 0.23
C ARG D 122 30.95 -10.63 -0.50
N GLY D 123 31.92 -9.99 0.15
CA GLY D 123 33.29 -9.85 -0.38
C GLY D 123 33.50 -8.72 -1.44
N GLU D 124 32.50 -7.83 -1.61
CA GLU D 124 32.60 -6.71 -2.56
C GLU D 124 33.74 -5.79 -2.10
N LEU D 125 34.44 -5.22 -3.06
CA LEU D 125 35.59 -4.32 -2.77
C LEU D 125 35.35 -3.01 -3.47
N GLY D 126 35.45 -1.90 -2.74
CA GLY D 126 35.11 -0.62 -3.30
C GLY D 126 35.69 0.55 -2.60
N ALA D 127 35.26 1.70 -3.08
CA ALA D 127 35.60 2.95 -2.48
C ALA D 127 34.51 4.02 -2.69
N LEU D 128 34.36 4.91 -1.71
CA LEU D 128 33.62 6.13 -1.89
C LEU D 128 34.62 7.25 -1.67
N SER D 129 34.90 7.97 -2.74
CA SER D 129 35.75 9.13 -2.70
C SER D 129 34.89 10.36 -2.79
N LEU D 130 35.24 11.37 -1.99
CA LEU D 130 34.48 12.60 -1.93
C LEU D 130 35.45 13.77 -1.95
N SER D 131 35.17 14.78 -2.80
CA SER D 131 35.99 15.96 -2.91
C SER D 131 35.25 17.17 -2.29
N VAL D 132 36.00 18.11 -1.72
CA VAL D 132 35.41 19.36 -1.13
C VAL D 132 36.13 20.55 -1.77
N GLU D 133 35.36 21.52 -2.22
CA GLU D 133 35.89 22.77 -2.67
C GLU D 133 36.13 23.59 -1.43
N ALA D 134 37.35 24.02 -1.24
CA ALA D 134 37.68 24.92 -0.15
C ALA D 134 38.71 25.89 -0.63
N GLU D 135 38.89 26.93 0.14
CA GLU D 135 39.85 28.00 -0.17
C GLU D 135 41.25 27.58 0.13
N ASN D 136 41.39 26.68 1.07
CA ASN D 136 42.69 26.23 1.51
C ASN D 136 42.53 24.94 2.25
N ARG D 137 43.66 24.27 2.48
CA ARG D 137 43.69 23.00 3.20
C ARG D 137 43.13 23.08 4.63
N ALA D 138 43.40 24.19 5.33
CA ALA D 138 42.83 24.39 6.67
C ALA D 138 41.32 24.36 6.71
N GLU D 139 40.69 25.05 5.79
CA GLU D 139 39.26 25.09 5.67
C GLU D 139 38.78 23.65 5.34
N ALA D 140 39.46 22.96 4.41
CA ALA D 140 39.08 21.58 4.08
C ALA D 140 39.14 20.64 5.24
N ASN D 141 40.18 20.70 6.05
CA ASN D 141 40.39 19.75 7.17
C ASN D 141 39.44 19.98 8.31
N ARG D 142 39.14 21.23 8.54
CA ARG D 142 38.14 21.62 9.50
C ARG D 142 36.79 21.07 9.11
N PHE D 143 36.42 21.27 7.83
CA PHE D 143 35.16 20.80 7.35
C PHE D 143 35.08 19.26 7.46
N MET D 144 36.10 18.56 6.99
CA MET D 144 36.06 17.12 6.93
C MET D 144 36.00 16.58 8.38
N GLU D 145 36.73 17.19 9.29
CA GLU D 145 36.59 16.85 10.72
C GLU D 145 35.14 16.95 11.24
N SER D 146 34.46 18.00 10.83
CA SER D 146 33.11 18.28 11.32
C SER D 146 32.07 17.37 10.76
N VAL D 147 32.32 16.76 9.59
CA VAL D 147 31.33 15.87 8.99
C VAL D 147 31.77 14.39 8.98
N LEU D 148 32.99 14.06 9.41
CA LEU D 148 33.47 12.71 9.35
C LEU D 148 32.48 11.68 9.98
N PRO D 149 32.00 11.91 11.23
CA PRO D 149 31.12 10.85 11.70
C PRO D 149 29.88 10.58 10.81
N THR D 150 29.32 11.61 10.23
CA THR D 150 28.19 11.46 9.35
C THR D 150 28.59 10.74 8.06
N LEU D 151 29.72 11.13 7.51
CA LEU D 151 30.25 10.42 6.31
C LEU D 151 30.53 8.94 6.56
N TRP D 152 31.05 8.61 7.76
CA TRP D 152 31.38 7.25 8.13
C TRP D 152 30.15 6.33 8.05
N MET D 153 29.00 6.84 8.49
CA MET D 153 27.70 6.08 8.39
C MET D 153 27.24 6.05 6.92
N LEU D 154 27.39 7.19 6.20
CA LEU D 154 27.00 7.26 4.80
C LEU D 154 27.64 6.20 3.94
N LYS D 155 28.95 6.00 4.11
CA LYS D 155 29.68 5.06 3.25
C LYS D 155 29.15 3.67 3.37
N ASP D 156 28.81 3.26 4.59
CA ASP D 156 28.19 1.97 4.79
C ASP D 156 26.79 1.85 4.22
N TYR D 157 25.97 2.89 4.31
CA TYR D 157 24.63 2.90 3.68
C TYR D 157 24.76 2.87 2.18
N ALA D 158 25.79 3.57 1.67
CA ALA D 158 26.02 3.58 0.19
C ALA D 158 26.50 2.17 -0.33
N LEU D 159 27.44 1.60 0.40
CA LEU D 159 27.87 0.23 0.15
C LEU D 159 26.69 -0.77 0.15
N GLN D 160 25.89 -0.78 1.22
CA GLN D 160 24.89 -1.83 1.37
C GLN D 160 23.88 -1.75 0.18
N SER D 161 23.45 -0.57 -0.15
CA SER D 161 22.52 -0.36 -1.27
C SER D 161 23.16 -0.53 -2.64
N GLY D 162 24.37 0.00 -2.79
CA GLY D 162 25.07 -0.06 -4.07
C GLY D 162 25.46 -1.41 -4.51
N ALA D 163 25.76 -2.25 -3.54
CA ALA D 163 26.04 -3.67 -3.81
C ALA D 163 24.81 -4.40 -4.46
N GLY D 164 23.60 -3.99 -4.09
CA GLY D 164 22.36 -4.53 -4.61
C GLY D 164 22.05 -4.02 -6.00
N LEU D 165 22.46 -2.80 -6.27
CA LEU D 165 22.43 -2.26 -7.60
C LEU D 165 23.46 -2.80 -8.56
N ALA D 166 24.69 -2.88 -8.14
CA ALA D 166 25.76 -3.29 -9.02
C ALA D 166 25.63 -4.79 -9.39
N PHE D 167 25.21 -5.66 -8.49
CA PHE D 167 25.47 -7.14 -8.67
C PHE D 167 24.23 -8.04 -8.46
N LEU E 3 29.25 48.02 37.53
CA LEU E 3 29.98 46.80 36.98
C LEU E 3 31.49 47.09 36.78
N VAL E 4 31.72 48.25 36.18
CA VAL E 4 33.03 48.85 35.99
C VAL E 4 33.75 48.96 37.34
N ASP E 5 33.02 49.39 38.37
CA ASP E 5 33.54 49.41 39.74
C ASP E 5 33.90 48.00 40.22
N GLY E 6 33.06 47.02 39.92
CA GLY E 6 33.44 45.62 40.11
C GLY E 6 34.77 45.21 39.47
N PHE E 7 34.87 45.50 38.18
CA PHE E 7 36.05 45.14 37.42
C PHE E 7 37.30 45.74 38.04
N LEU E 8 37.25 47.04 38.36
CA LEU E 8 38.36 47.68 39.04
C LEU E 8 38.62 47.08 40.44
N GLU E 9 37.59 46.70 41.17
CA GLU E 9 37.82 45.85 42.40
C GLU E 9 38.63 44.56 42.11
N LEU E 10 38.20 43.83 41.09
CA LEU E 10 38.93 42.64 40.64
C LEU E 10 40.37 42.96 40.29
N GLU E 11 40.58 44.01 39.49
CA GLU E 11 41.92 44.41 39.08
C GLU E 11 42.84 44.76 40.27
N ARG E 12 42.26 45.35 41.32
CA ARG E 12 42.97 45.75 42.55
C ARG E 12 43.04 44.71 43.64
N SER E 13 42.39 43.56 43.47
CA SER E 13 42.37 42.56 44.50
C SER E 13 43.77 42.02 44.67
N SER E 14 44.06 41.58 45.88
CA SER E 14 45.39 41.06 46.27
C SER E 14 45.82 39.77 45.63
N GLY E 15 44.87 38.90 45.27
CA GLY E 15 45.23 37.54 44.91
C GLY E 15 43.93 36.78 44.67
N LYS E 16 44.08 35.47 44.54
CA LYS E 16 42.98 34.59 44.16
C LYS E 16 41.83 34.54 45.12
N LEU E 17 42.12 34.55 46.43
CA LEU E 17 41.07 34.53 47.45
C LEU E 17 40.20 35.75 47.35
N GLU E 18 40.78 36.94 47.37
CA GLU E 18 39.99 38.14 47.32
C GLU E 18 39.28 38.29 45.90
N TRP E 19 39.96 37.99 44.81
CA TRP E 19 39.36 37.99 43.47
C TRP E 19 38.08 37.11 43.46
N SER E 20 38.24 35.89 43.98
CA SER E 20 37.12 34.93 44.12
C SER E 20 36.00 35.50 44.95
N ALA E 21 36.33 36.16 46.07
CA ALA E 21 35.27 36.72 46.94
C ALA E 21 34.51 37.86 46.23
N ILE E 22 35.23 38.69 45.51
CA ILE E 22 34.61 39.77 44.73
C ILE E 22 33.68 39.20 43.66
N LEU E 23 34.21 38.24 42.90
CA LEU E 23 33.40 37.68 41.78
C LEU E 23 32.14 37.00 42.27
N GLN E 24 32.25 36.24 43.38
CA GLN E 24 31.11 35.61 44.02
C GLN E 24 30.05 36.56 44.48
N LYS E 25 30.48 37.66 45.08
CA LYS E 25 29.55 38.63 45.55
C LYS E 25 28.86 39.35 44.36
N MET E 26 29.59 39.67 43.30
CA MET E 26 28.98 40.22 42.07
C MET E 26 27.89 39.29 41.53
N ALA E 27 28.20 38.00 41.45
CA ALA E 27 27.24 37.03 40.91
C ALA E 27 26.00 36.93 41.85
N SER E 28 26.29 36.86 43.14
CA SER E 28 25.30 36.83 44.22
C SER E 28 24.37 38.05 44.25
N ASP E 29 24.98 39.23 44.17
CA ASP E 29 24.20 40.47 44.06
C ASP E 29 23.29 40.49 42.84
N LEU E 30 23.70 39.85 41.75
CA LEU E 30 22.91 39.83 40.49
C LEU E 30 21.73 38.84 40.58
N GLY E 31 21.79 37.94 41.54
CA GLY E 31 20.74 36.99 41.89
C GLY E 31 21.10 35.51 41.66
N PHE E 32 22.35 35.24 41.26
CA PHE E 32 22.85 33.88 41.07
C PHE E 32 23.22 33.34 42.43
N SER E 33 23.29 32.03 42.53
CA SER E 33 23.57 31.37 43.83
CA SER E 33 23.56 31.35 43.82
C SER E 33 25.00 30.88 43.89
N LYS E 34 25.39 29.92 43.06
CA LYS E 34 26.77 29.47 43.00
C LYS E 34 27.39 29.70 41.59
N ILE E 35 28.70 29.83 41.55
CA ILE E 35 29.46 30.01 40.34
C ILE E 35 30.73 29.21 40.36
N LEU E 36 31.18 28.92 39.16
CA LEU E 36 32.47 28.36 38.91
C LEU E 36 33.06 29.09 37.71
N PHE E 37 34.22 29.75 37.94
CA PHE E 37 34.99 30.37 36.90
C PHE E 37 36.20 29.44 36.60
N GLY E 38 36.30 28.94 35.37
CA GLY E 38 37.41 28.04 34.98
C GLY E 38 38.20 28.57 33.79
N LEU E 39 39.51 28.49 33.83
CA LEU E 39 40.31 29.06 32.74
C LEU E 39 41.60 28.25 32.50
N LEU E 40 41.87 27.94 31.24
CA LEU E 40 43.07 27.26 30.85
C LEU E 40 43.95 28.19 30.02
N PRO E 41 45.27 28.00 30.09
CA PRO E 41 46.19 28.67 29.14
C PRO E 41 46.03 28.16 27.68
N LYS E 42 46.46 28.96 26.70
CA LYS E 42 46.41 28.64 25.26
C LYS E 42 46.85 27.19 25.01
N ASP E 43 46.10 26.45 24.19
CA ASP E 43 46.46 25.09 23.76
C ASP E 43 46.63 24.03 24.86
N SER E 44 45.98 24.26 26.01
CA SER E 44 45.85 23.26 27.04
C SER E 44 44.44 22.63 26.99
N GLN E 45 44.40 21.30 27.17
CA GLN E 45 43.17 20.52 27.38
C GLN E 45 43.16 19.88 28.78
N ASP E 46 43.88 20.48 29.74
CA ASP E 46 44.22 19.85 31.03
C ASP E 46 43.22 20.33 32.11
N TYR E 47 41.94 19.97 31.90
CA TYR E 47 40.79 20.51 32.66
C TYR E 47 40.98 20.37 34.17
N GLU E 48 41.57 19.23 34.56
CA GLU E 48 41.95 18.93 35.98
C GLU E 48 42.92 19.96 36.61
N ASN E 49 43.77 20.64 35.81
CA ASN E 49 44.69 21.70 36.32
C ASN E 49 44.41 23.08 35.72
N ALA E 50 43.12 23.38 35.55
CA ALA E 50 42.68 24.72 35.17
C ALA E 50 42.76 25.66 36.38
N PHE E 51 42.92 26.98 36.14
CA PHE E 51 42.69 28.01 37.15
C PHE E 51 41.18 28.02 37.39
N ILE E 52 40.76 27.58 38.57
CA ILE E 52 39.38 27.52 38.95
C ILE E 52 39.05 28.30 40.20
N VAL E 53 37.97 29.08 40.12
CA VAL E 53 37.50 29.92 41.21
C VAL E 53 36.04 29.69 41.39
N GLY E 54 35.62 29.62 42.64
CA GLY E 54 34.19 29.79 42.96
C GLY E 54 33.76 28.98 44.15
N ASN E 55 32.42 28.80 44.26
CA ASN E 55 31.77 28.29 45.47
C ASN E 55 30.86 27.11 45.18
N TYR E 56 31.11 26.35 44.09
CA TYR E 56 30.52 25.03 43.99
C TYR E 56 30.95 24.18 45.17
N PRO E 57 30.07 23.28 45.63
CA PRO E 57 30.43 22.36 46.75
C PRO E 57 31.77 21.66 46.51
N ALA E 58 32.71 21.70 47.46
CA ALA E 58 34.04 21.03 47.21
C ALA E 58 33.92 19.58 46.79
N ALA E 59 33.00 18.84 47.39
CA ALA E 59 32.91 17.41 47.11
C ALA E 59 32.48 17.15 45.62
N TRP E 60 31.67 18.05 45.10
CA TRP E 60 31.22 18.01 43.67
C TRP E 60 32.42 18.28 42.75
N ARG E 61 33.17 19.37 42.98
CA ARG E 61 34.42 19.60 42.26
C ARG E 61 35.37 18.36 42.25
N GLU E 62 35.51 17.72 43.41
CA GLU E 62 36.38 16.55 43.48
C GLU E 62 35.82 15.40 42.63
N HIS E 63 34.51 15.22 42.70
CA HIS E 63 33.84 14.11 42.04
C HIS E 63 33.90 14.34 40.51
N TYR E 64 33.74 15.60 40.10
CA TYR E 64 33.83 16.00 38.67
C TYR E 64 35.16 15.63 38.11
N ASP E 65 36.23 15.95 38.83
CA ASP E 65 37.59 15.57 38.37
C ASP E 65 37.77 14.07 38.30
N ARG E 66 37.40 13.40 39.40
CA ARG E 66 37.60 11.96 39.57
C ARG E 66 36.85 11.15 38.55
N ALA E 67 35.61 11.56 38.24
CA ALA E 67 34.77 10.89 37.26
C ALA E 67 35.07 11.23 35.78
N GLY E 68 36.00 12.15 35.51
CA GLY E 68 36.42 12.51 34.16
C GLY E 68 35.34 13.33 33.43
N TYR E 69 34.51 14.07 34.20
CA TYR E 69 33.37 14.73 33.65
C TYR E 69 33.69 15.87 32.70
N ALA E 70 34.93 16.38 32.65
CA ALA E 70 35.29 17.30 31.54
C ALA E 70 35.06 16.64 30.15
N ARG E 71 35.08 15.30 30.11
CA ARG E 71 34.84 14.57 28.85
C ARG E 71 33.36 14.27 28.56
N VAL E 72 32.49 14.62 29.52
CA VAL E 72 31.09 14.26 29.46
C VAL E 72 30.19 15.52 29.48
N ASP E 73 30.44 16.40 30.45
CA ASP E 73 29.70 17.69 30.59
C ASP E 73 29.42 18.34 29.21
N PRO E 74 28.17 18.49 28.82
CA PRO E 74 27.92 19.01 27.43
C PRO E 74 28.35 20.45 27.27
N THR E 75 28.53 21.18 28.38
CA THR E 75 28.95 22.59 28.23
C THR E 75 30.37 22.72 27.84
N VAL E 76 31.16 21.70 28.17
CA VAL E 76 32.58 21.77 27.79
C VAL E 76 32.74 21.78 26.25
N SER E 77 32.14 20.78 25.57
CA SER E 77 32.23 20.73 24.12
CA SER E 77 32.16 20.71 24.11
C SER E 77 31.63 22.00 23.51
N HIS E 78 30.53 22.50 24.10
CA HIS E 78 29.94 23.73 23.63
C HIS E 78 30.97 24.89 23.67
N CYS E 79 31.65 25.05 24.80
CA CYS E 79 32.65 26.14 24.93
C CYS E 79 33.76 26.11 23.90
N THR E 80 34.12 24.93 23.37
CA THR E 80 35.19 24.81 22.36
C THR E 80 34.68 25.20 20.98
N GLN E 81 33.36 25.27 20.81
CA GLN E 81 32.74 25.65 19.56
C GLN E 81 32.00 27.02 19.43
N SER E 82 31.76 27.70 20.54
CA SER E 82 30.91 28.88 20.53
C SER E 82 31.39 29.94 21.53
N VAL E 83 31.02 31.20 21.25
CA VAL E 83 31.13 32.24 22.23
C VAL E 83 29.77 32.58 22.90
N LEU E 84 28.73 31.93 22.49
CA LEU E 84 27.40 32.20 23.04
C LEU E 84 27.11 31.28 24.28
N PRO E 85 26.23 31.73 25.17
CA PRO E 85 25.93 30.95 26.36
C PRO E 85 25.22 29.64 26.04
N ILE E 86 25.37 28.67 26.91
CA ILE E 86 24.58 27.46 26.86
C ILE E 86 23.83 27.36 28.15
N PHE E 87 22.50 27.35 28.01
CA PHE E 87 21.61 27.24 29.18
C PHE E 87 21.44 25.81 29.61
N TRP E 88 21.29 25.57 30.93
CA TRP E 88 21.24 24.23 31.44
C TRP E 88 19.78 23.71 31.30
N GLU E 89 19.57 22.94 30.28
CA GLU E 89 18.24 22.45 29.83
C GLU E 89 18.37 20.95 29.64
N PRO E 90 17.30 20.19 29.91
CA PRO E 90 17.35 18.74 29.77
C PRO E 90 17.82 18.23 28.45
N SER E 91 17.49 18.94 27.38
CA SER E 91 17.92 18.59 26.04
C SER E 91 19.42 18.55 25.81
N ILE E 92 20.25 19.27 26.59
CA ILE E 92 21.69 19.18 26.40
C ILE E 92 22.36 17.86 26.90
N TYR E 93 21.67 17.09 27.77
CA TYR E 93 22.16 15.82 28.31
C TYR E 93 21.59 14.70 27.41
N GLN E 94 22.40 14.18 26.50
CA GLN E 94 21.88 13.22 25.47
C GLN E 94 22.37 11.80 25.73
N THR E 95 23.69 11.67 25.94
CA THR E 95 24.29 10.36 26.14
C THR E 95 23.97 9.83 27.55
N ARG E 96 24.15 8.53 27.73
CA ARG E 96 23.91 7.96 29.04
C ARG E 96 24.79 8.56 30.12
N LYS E 97 26.05 8.75 29.80
CA LYS E 97 26.93 9.42 30.74
C LYS E 97 26.43 10.88 31.04
N GLN E 98 25.90 11.57 30.06
CA GLN E 98 25.37 12.95 30.28
C GLN E 98 24.13 12.96 31.20
N HIS E 99 23.30 11.93 31.12
CA HIS E 99 22.20 11.74 32.03
C HIS E 99 22.68 11.51 33.44
N GLU E 100 23.76 10.75 33.59
CA GLU E 100 24.34 10.50 34.91
C GLU E 100 24.91 11.81 35.49
N PHE E 101 25.58 12.56 34.63
CA PHE E 101 26.17 13.85 35.00
C PHE E 101 25.02 14.78 35.45
N PHE E 102 23.97 14.87 34.68
CA PHE E 102 22.80 15.68 35.10
C PHE E 102 22.24 15.30 36.49
N GLU E 103 22.12 13.99 36.73
CA GLU E 103 21.61 13.49 38.01
C GLU E 103 22.53 13.88 39.19
N GLU E 104 23.82 13.75 38.99
CA GLU E 104 24.77 14.04 40.03
C GLU E 104 24.96 15.55 40.30
N ALA E 105 24.90 16.35 39.26
CA ALA E 105 24.93 17.80 39.43
C ALA E 105 23.65 18.25 40.15
N SER E 106 22.49 17.69 39.76
CA SER E 106 21.23 18.03 40.47
C SER E 106 21.31 17.63 41.95
N ALA E 107 21.88 16.48 42.26
CA ALA E 107 22.07 16.08 43.70
C ALA E 107 22.96 17.05 44.45
N ALA E 108 23.88 17.69 43.73
CA ALA E 108 24.69 18.74 44.28
C ALA E 108 24.05 20.17 44.35
N GLY E 109 22.76 20.30 44.07
CA GLY E 109 22.05 21.64 44.05
C GLY E 109 22.22 22.40 42.75
N LEU E 110 22.78 21.76 41.72
CA LEU E 110 23.07 22.51 40.50
C LEU E 110 22.12 22.10 39.39
N VAL E 111 21.04 22.85 39.22
CA VAL E 111 19.90 22.39 38.39
C VAL E 111 19.63 23.31 37.24
N TYR E 112 19.34 24.53 37.61
CA TYR E 112 19.11 25.60 36.68
C TYR E 112 20.30 26.51 36.62
N GLY E 113 20.52 27.07 35.43
CA GLY E 113 21.69 27.91 35.25
C GLY E 113 22.17 27.97 33.84
N LEU E 114 23.40 28.45 33.69
CA LEU E 114 24.03 28.67 32.38
C LEU E 114 25.55 28.69 32.47
N THR E 115 26.18 28.49 31.31
CA THR E 115 27.63 28.51 31.17
C THR E 115 27.92 29.49 30.04
N MET E 116 28.69 30.52 30.39
CA MET E 116 29.21 31.44 29.45
C MET E 116 30.59 31.01 29.02
N PRO E 117 30.77 30.67 27.75
CA PRO E 117 32.15 30.35 27.26
C PRO E 117 33.04 31.58 27.37
N LEU E 118 34.32 31.35 27.64
CA LEU E 118 35.35 32.37 27.73
C LEU E 118 36.46 32.12 26.67
N HIS E 119 36.67 33.08 25.77
CA HIS E 119 37.81 33.02 24.84
C HIS E 119 38.64 34.24 24.89
N GLY E 120 39.84 34.07 25.44
CA GLY E 120 40.71 35.22 25.73
C GLY E 120 41.53 35.69 24.57
N ALA E 121 42.07 36.90 24.71
CA ALA E 121 42.83 37.52 23.63
C ALA E 121 44.16 36.81 23.36
N ARG E 122 44.67 36.08 24.36
CA ARG E 122 45.88 35.32 24.18
C ARG E 122 45.56 33.85 24.07
N GLY E 123 44.37 33.53 23.63
CA GLY E 123 44.02 32.13 23.38
C GLY E 123 43.57 31.34 24.63
N GLU E 124 43.38 32.04 25.76
CA GLU E 124 42.83 31.40 26.98
C GLU E 124 41.47 30.82 26.68
N LEU E 125 41.20 29.60 27.21
CA LEU E 125 39.93 28.91 27.06
C LEU E 125 39.34 28.70 28.41
N GLY E 126 38.08 29.09 28.61
CA GLY E 126 37.38 28.90 29.91
C GLY E 126 35.84 28.92 29.81
N ALA E 127 35.25 29.10 31.01
CA ALA E 127 33.82 29.16 31.24
C ALA E 127 33.53 29.86 32.50
N LEU E 128 32.47 30.67 32.48
CA LEU E 128 31.89 31.11 33.73
C LEU E 128 30.52 30.45 33.82
N SER E 129 30.34 29.56 34.79
CA SER E 129 29.11 28.84 35.03
C SER E 129 28.43 29.40 36.27
N LEU E 130 27.12 29.58 36.20
CA LEU E 130 26.34 30.23 37.27
C LEU E 130 25.02 29.44 37.45
N SER E 131 24.71 29.05 38.70
CA SER E 131 23.49 28.35 39.04
C SER E 131 22.48 29.38 39.61
N VAL E 132 21.20 29.07 39.48
CA VAL E 132 20.09 29.92 39.97
C VAL E 132 19.11 29.02 40.74
N GLU E 133 18.71 29.48 41.92
CA GLU E 133 17.73 28.76 42.75
C GLU E 133 16.40 29.28 42.34
N ALA E 134 15.45 28.42 42.02
CA ALA E 134 14.15 28.85 41.51
C ALA E 134 13.10 27.76 41.65
N GLU E 135 11.83 28.16 41.67
CA GLU E 135 10.72 27.20 41.80
C GLU E 135 10.67 26.24 40.62
N ASN E 136 10.73 26.79 39.42
CA ASN E 136 10.52 26.01 38.21
C ASN E 136 11.33 26.62 37.09
N ARG E 137 11.32 25.97 35.94
CA ARG E 137 12.11 26.38 34.80
C ARG E 137 11.68 27.74 34.28
N ALA E 138 10.36 27.96 34.15
CA ALA E 138 9.91 29.26 33.61
C ALA E 138 10.40 30.43 34.52
N GLU E 139 10.46 30.19 35.80
CA GLU E 139 10.93 31.22 36.73
C GLU E 139 12.46 31.43 36.58
N ALA E 140 13.21 30.34 36.51
CA ALA E 140 14.69 30.42 36.29
C ALA E 140 15.00 31.22 35.02
N ASN E 141 14.27 30.91 33.94
CA ASN E 141 14.47 31.55 32.65
C ASN E 141 14.02 33.01 32.67
N ARG E 142 12.94 33.32 33.36
CA ARG E 142 12.53 34.74 33.50
C ARG E 142 13.65 35.50 34.20
N PHE E 143 14.20 34.90 35.26
CA PHE E 143 15.29 35.51 36.01
C PHE E 143 16.51 35.76 35.10
N MET E 144 16.96 34.70 34.44
CA MET E 144 18.14 34.76 33.56
C MET E 144 18.00 35.77 32.45
N GLU E 145 16.84 35.82 31.81
CA GLU E 145 16.63 36.80 30.73
C GLU E 145 16.67 38.27 31.25
N SER E 146 16.26 38.49 32.50
CA SER E 146 16.30 39.81 33.07
C SER E 146 17.70 40.28 33.37
N VAL E 147 18.63 39.37 33.61
CA VAL E 147 20.00 39.75 34.02
C VAL E 147 21.04 39.49 32.89
N LEU E 148 20.61 38.90 31.78
CA LEU E 148 21.52 38.48 30.75
C LEU E 148 22.47 39.56 30.20
N PRO E 149 21.94 40.74 29.82
CA PRO E 149 22.89 41.76 29.34
C PRO E 149 23.99 42.12 30.37
N THR E 150 23.68 42.19 31.68
CA THR E 150 24.68 42.51 32.73
C THR E 150 25.66 41.34 32.81
N LEU E 151 25.15 40.12 32.80
CA LEU E 151 26.04 38.99 32.85
C LEU E 151 26.97 38.95 31.64
N TRP E 152 26.44 39.30 30.46
CA TRP E 152 27.22 39.23 29.25
C TRP E 152 28.45 40.14 29.33
N MET E 153 28.29 41.33 29.91
CA MET E 153 29.43 42.20 30.16
C MET E 153 30.35 41.62 31.22
N LEU E 154 29.74 41.21 32.35
CA LEU E 154 30.44 40.68 33.52
C LEU E 154 31.38 39.57 33.08
N LYS E 155 30.90 38.66 32.21
CA LYS E 155 31.75 37.49 31.86
C LYS E 155 33.04 37.91 31.17
N ASP E 156 33.01 38.94 30.33
CA ASP E 156 34.23 39.37 29.64
C ASP E 156 35.15 40.14 30.61
N TYR E 157 34.59 40.99 31.46
CA TYR E 157 35.35 41.61 32.54
C TYR E 157 36.06 40.59 33.42
N ALA E 158 35.35 39.52 33.79
CA ALA E 158 35.94 38.45 34.57
C ALA E 158 37.07 37.76 33.83
N LEU E 159 36.84 37.59 32.52
CA LEU E 159 37.83 36.89 31.68
C LEU E 159 39.10 37.75 31.65
N GLN E 160 38.95 39.04 31.37
CA GLN E 160 40.15 39.90 31.13
C GLN E 160 40.92 39.96 32.46
N SER E 161 40.19 40.22 33.55
CA SER E 161 40.87 40.28 34.91
C SER E 161 41.47 38.90 35.36
N GLY E 162 40.64 37.86 35.29
CA GLY E 162 41.04 36.47 35.64
C GLY E 162 42.28 36.00 34.87
N ALA E 163 42.35 36.32 33.56
CA ALA E 163 43.49 35.91 32.78
C ALA E 163 44.80 36.60 33.28
N GLY E 164 44.72 37.88 33.60
CA GLY E 164 45.86 38.61 34.15
C GLY E 164 46.33 38.03 35.47
N LEU E 165 45.36 37.62 36.30
CA LEU E 165 45.67 37.02 37.59
C LEU E 165 46.26 35.67 37.43
N ALA E 166 45.66 34.82 36.60
CA ALA E 166 46.07 33.40 36.56
C ALA E 166 47.39 33.21 35.86
N PHE E 167 47.63 33.97 34.78
CA PHE E 167 48.81 33.74 33.96
C PHE E 167 49.55 35.08 33.88
N LEU F 3 -49.73 20.57 -2.07
CA LEU F 3 -48.72 19.67 -2.73
C LEU F 3 -47.42 20.42 -2.98
N VAL F 4 -47.53 21.59 -3.60
CA VAL F 4 -46.40 22.53 -3.75
C VAL F 4 -45.84 22.86 -2.36
N ASP F 5 -46.74 23.11 -1.39
CA ASP F 5 -46.35 23.34 0.00
C ASP F 5 -45.75 22.08 0.72
N GLY F 6 -46.25 20.89 0.39
CA GLY F 6 -45.65 19.63 0.85
C GLY F 6 -44.24 19.35 0.29
N PHE F 7 -44.07 19.64 -0.99
CA PHE F 7 -42.79 19.58 -1.64
C PHE F 7 -41.81 20.53 -0.96
N LEU F 8 -42.29 21.70 -0.57
CA LEU F 8 -41.40 22.59 0.17
C LEU F 8 -40.96 21.97 1.53
N GLU F 9 -41.90 21.35 2.26
CA GLU F 9 -41.60 20.71 3.53
C GLU F 9 -40.55 19.64 3.31
N LEU F 10 -40.79 18.78 2.33
CA LEU F 10 -39.81 17.78 1.94
C LEU F 10 -38.43 18.39 1.66
N GLU F 11 -38.40 19.48 0.91
CA GLU F 11 -37.14 20.10 0.56
C GLU F 11 -36.40 20.65 1.79
N ARG F 12 -37.16 21.18 2.75
CA ARG F 12 -36.60 21.77 4.02
C ARG F 12 -36.31 20.74 5.13
N SER F 13 -36.73 19.48 4.93
CA SER F 13 -36.57 18.41 5.93
C SER F 13 -35.11 18.11 6.18
N SER F 14 -34.76 17.61 7.35
CA SER F 14 -33.38 17.22 7.53
C SER F 14 -33.44 15.74 7.66
N GLY F 15 -32.90 15.03 6.70
CA GLY F 15 -32.72 13.58 6.79
C GLY F 15 -33.90 12.68 6.43
N LYS F 16 -33.58 11.41 6.31
CA LYS F 16 -34.52 10.40 5.93
C LYS F 16 -35.67 10.24 6.92
N LEU F 17 -35.46 10.27 8.23
CA LEU F 17 -36.66 10.10 9.07
C LEU F 17 -37.73 11.21 8.83
N GLU F 18 -37.34 12.47 8.69
CA GLU F 18 -38.33 13.56 8.54
C GLU F 18 -38.93 13.49 7.14
N TRP F 19 -38.08 13.26 6.15
CA TRP F 19 -38.56 13.11 4.76
C TRP F 19 -39.67 12.02 4.69
N SER F 20 -39.39 10.83 5.27
CA SER F 20 -40.36 9.75 5.27
C SER F 20 -41.62 10.16 5.98
N ALA F 21 -41.48 10.86 7.12
CA ALA F 21 -42.66 11.30 7.88
C ALA F 21 -43.53 12.21 7.02
N ILE F 22 -42.91 13.12 6.32
CA ILE F 22 -43.67 14.08 5.52
C ILE F 22 -44.37 13.44 4.37
N LEU F 23 -43.63 12.62 3.65
CA LEU F 23 -44.23 11.88 2.54
C LEU F 23 -45.39 10.94 2.96
N GLN F 24 -45.19 10.19 4.03
CA GLN F 24 -46.22 9.30 4.55
C GLN F 24 -47.47 10.08 4.92
N LYS F 25 -47.29 11.27 5.48
CA LYS F 25 -48.41 12.09 5.91
C LYS F 25 -49.16 12.72 4.68
N MET F 26 -48.43 13.16 3.67
CA MET F 26 -49.05 13.57 2.39
C MET F 26 -49.92 12.47 1.78
N ALA F 27 -49.42 11.23 1.78
CA ALA F 27 -50.19 10.09 1.26
C ALA F 27 -51.42 9.74 2.11
N SER F 28 -51.28 9.73 3.43
CA SER F 28 -52.40 9.58 4.38
C SER F 28 -53.48 10.57 4.08
N ASP F 29 -53.09 11.84 4.06
CA ASP F 29 -53.97 13.01 3.79
C ASP F 29 -54.80 12.83 2.54
N LEU F 30 -54.16 12.23 1.53
CA LEU F 30 -54.79 11.93 0.24
C LEU F 30 -55.68 10.71 0.24
N GLY F 31 -55.50 9.89 1.29
CA GLY F 31 -56.31 8.76 1.59
C GLY F 31 -55.64 7.40 1.55
N PHE F 32 -54.29 7.36 1.44
CA PHE F 32 -53.55 6.10 1.27
C PHE F 32 -52.85 5.78 2.55
N SER F 33 -52.98 4.55 3.00
CA SER F 33 -52.48 4.19 4.33
C SER F 33 -51.00 3.72 4.37
N LYS F 34 -50.56 3.12 3.27
CA LYS F 34 -49.23 2.55 3.19
C LYS F 34 -48.52 2.96 1.92
N ILE F 35 -47.26 3.36 2.02
CA ILE F 35 -46.43 3.69 0.87
C ILE F 35 -45.07 3.06 0.96
N LEU F 36 -44.53 2.85 -0.22
CA LEU F 36 -43.14 2.57 -0.42
C LEU F 36 -42.64 3.40 -1.62
N PHE F 37 -41.61 4.20 -1.35
CA PHE F 37 -40.83 4.91 -2.35
C PHE F 37 -39.49 4.19 -2.44
N GLY F 38 -39.23 3.63 -3.63
CA GLY F 38 -38.00 2.89 -3.98
C GLY F 38 -37.26 3.58 -5.14
N LEU F 39 -35.93 3.67 -5.02
CA LEU F 39 -35.08 4.35 -5.95
C LEU F 39 -33.69 3.73 -6.11
N LEU F 40 -33.34 3.47 -7.33
CA LEU F 40 -32.02 3.01 -7.70
C LEU F 40 -31.29 4.11 -8.41
N PRO F 41 -29.94 4.09 -8.32
CA PRO F 41 -29.15 5.03 -9.13
C PRO F 41 -28.98 4.53 -10.57
N LYS F 42 -28.67 5.49 -11.45
CA LYS F 42 -28.35 5.22 -12.87
C LYS F 42 -27.69 3.86 -13.16
N ASP F 43 -28.28 3.09 -14.04
CA ASP F 43 -27.71 1.80 -14.48
C ASP F 43 -27.81 0.64 -13.49
N SER F 44 -28.07 0.90 -12.20
CA SER F 44 -28.14 -0.19 -11.19
C SER F 44 -29.33 -1.11 -11.45
N GLN F 45 -29.12 -2.42 -11.35
CA GLN F 45 -30.24 -3.36 -11.26
C GLN F 45 -30.32 -4.00 -9.85
N ASP F 46 -29.71 -3.36 -8.83
CA ASP F 46 -29.55 -3.97 -7.50
C ASP F 46 -30.70 -3.70 -6.50
N TYR F 47 -31.85 -4.35 -6.73
CA TYR F 47 -33.08 -4.13 -5.96
C TYR F 47 -32.98 -4.49 -4.47
N GLU F 48 -32.06 -5.41 -4.11
CA GLU F 48 -31.76 -5.77 -2.70
C GLU F 48 -31.18 -4.56 -1.96
N ASN F 49 -30.55 -3.63 -2.70
CA ASN F 49 -29.95 -2.43 -2.12
C ASN F 49 -30.54 -1.10 -2.58
N ALA F 50 -31.83 -1.05 -2.94
CA ALA F 50 -32.42 0.24 -3.31
C ALA F 50 -32.49 1.14 -2.11
N PHE F 51 -32.46 2.42 -2.38
CA PHE F 51 -32.87 3.41 -1.43
C PHE F 51 -34.40 3.24 -1.25
N ILE F 52 -34.85 2.92 -0.02
CA ILE F 52 -36.26 2.69 0.27
C ILE F 52 -36.77 3.51 1.41
N VAL F 53 -37.93 4.12 1.21
CA VAL F 53 -38.67 4.76 2.27
C VAL F 53 -40.12 4.35 2.34
N GLY F 54 -40.62 4.40 3.56
CA GLY F 54 -42.06 4.19 3.79
C GLY F 54 -42.45 3.38 4.97
N ASN F 55 -43.71 2.98 4.96
CA ASN F 55 -44.37 2.37 6.14
C ASN F 55 -44.97 1.04 5.79
N TYR F 56 -44.48 0.39 4.73
CA TYR F 56 -44.77 -1.02 4.53
C TYR F 56 -44.37 -1.85 5.75
N PRO F 57 -45.14 -2.91 6.09
CA PRO F 57 -44.71 -3.71 7.25
C PRO F 57 -43.30 -4.28 7.07
N ALA F 58 -42.48 -4.19 8.12
CA ALA F 58 -41.09 -4.56 8.03
C ALA F 58 -40.86 -6.03 7.65
N ALA F 59 -41.68 -6.95 8.13
CA ALA F 59 -41.51 -8.35 7.84
C ALA F 59 -41.79 -8.62 6.36
N TRP F 60 -42.67 -7.81 5.78
CA TRP F 60 -42.97 -7.87 4.33
C TRP F 60 -41.80 -7.39 3.47
N ARG F 61 -41.21 -6.28 3.84
CA ARG F 61 -40.01 -5.81 3.11
C ARG F 61 -38.91 -6.87 3.18
N GLU F 62 -38.71 -7.44 4.39
CA GLU F 62 -37.67 -8.45 4.53
C GLU F 62 -37.96 -9.67 3.66
N HIS F 63 -39.20 -10.14 3.74
CA HIS F 63 -39.64 -11.35 2.99
C HIS F 63 -39.52 -11.08 1.48
N TYR F 64 -39.93 -9.90 1.07
CA TYR F 64 -39.70 -9.49 -0.33
C TYR F 64 -38.22 -9.63 -0.78
N ASP F 65 -37.28 -9.15 0.02
CA ASP F 65 -35.83 -9.29 -0.31
C ASP F 65 -35.30 -10.77 -0.28
N ARG F 66 -35.70 -11.53 0.73
CA ARG F 66 -35.25 -12.91 0.85
C ARG F 66 -35.83 -13.83 -0.23
N ALA F 67 -37.11 -13.67 -0.53
CA ALA F 67 -37.77 -14.42 -1.61
C ALA F 67 -37.37 -13.89 -3.00
N GLY F 68 -36.59 -12.81 -3.08
CA GLY F 68 -36.12 -12.30 -4.35
C GLY F 68 -37.26 -11.92 -5.27
N TYR F 69 -38.31 -11.34 -4.68
CA TYR F 69 -39.56 -10.94 -5.33
C TYR F 69 -39.45 -9.78 -6.38
N ALA F 70 -38.32 -9.10 -6.39
CA ALA F 70 -38.03 -8.21 -7.47
C ALA F 70 -38.02 -8.93 -8.85
N ARG F 71 -37.82 -10.24 -8.90
CA ARG F 71 -37.96 -10.99 -10.15
C ARG F 71 -39.38 -11.53 -10.37
N VAL F 72 -40.31 -11.30 -9.46
CA VAL F 72 -41.67 -11.80 -9.57
C VAL F 72 -42.73 -10.68 -9.66
N ASP F 73 -42.64 -9.73 -8.76
CA ASP F 73 -43.49 -8.54 -8.70
C ASP F 73 -43.68 -7.99 -10.12
N PRO F 74 -44.91 -8.05 -10.68
CA PRO F 74 -45.11 -7.59 -12.07
C PRO F 74 -44.95 -6.07 -12.25
N THR F 75 -44.93 -5.29 -11.16
CA THR F 75 -44.67 -3.85 -11.29
C THR F 75 -43.22 -3.57 -11.59
N VAL F 76 -42.29 -4.49 -11.29
CA VAL F 76 -40.85 -4.19 -11.54
C VAL F 76 -40.57 -4.16 -13.05
N SER F 77 -40.89 -5.24 -13.74
CA SER F 77 -40.85 -5.26 -15.19
C SER F 77 -41.56 -4.02 -15.85
N HIS F 78 -42.77 -3.71 -15.39
CA HIS F 78 -43.50 -2.58 -15.92
C HIS F 78 -42.72 -1.24 -15.80
N CYS F 79 -42.14 -0.97 -14.63
CA CYS F 79 -41.45 0.31 -14.37
C CYS F 79 -40.24 0.55 -15.29
N THR F 80 -39.61 -0.56 -15.66
CA THR F 80 -38.52 -0.51 -16.64
C THR F 80 -38.96 -0.18 -18.04
N GLN F 81 -40.23 -0.38 -18.37
CA GLN F 81 -40.72 -0.09 -19.76
C GLN F 81 -41.63 1.14 -19.86
N SER F 82 -42.00 1.80 -18.75
CA SER F 82 -43.07 2.79 -18.82
C SER F 82 -42.99 3.86 -17.81
N VAL F 83 -43.56 5.01 -18.16
CA VAL F 83 -43.84 6.09 -17.16
C VAL F 83 -45.25 6.10 -16.60
N LEU F 84 -46.11 5.19 -17.09
CA LEU F 84 -47.50 5.17 -16.69
C LEU F 84 -47.77 4.26 -15.44
N PRO F 85 -48.80 4.61 -14.67
CA PRO F 85 -49.08 3.89 -13.45
C PRO F 85 -49.48 2.52 -13.79
N ILE F 86 -49.22 1.59 -12.92
CA ILE F 86 -49.80 0.25 -13.02
C ILE F 86 -50.62 0.02 -11.78
N PHE F 87 -51.93 -0.18 -12.00
CA PHE F 87 -52.90 -0.56 -10.94
C PHE F 87 -52.73 -2.01 -10.54
N TRP F 88 -52.94 -2.29 -9.24
CA TRP F 88 -52.81 -3.64 -8.73
C TRP F 88 -54.11 -4.42 -9.05
N GLU F 89 -54.40 -4.50 -10.34
CA GLU F 89 -55.50 -5.23 -10.90
C GLU F 89 -55.18 -6.73 -10.90
N PRO F 90 -56.23 -7.58 -10.85
CA PRO F 90 -55.97 -8.98 -10.64
C PRO F 90 -55.30 -9.58 -11.86
N SER F 91 -55.60 -9.01 -13.02
CA SER F 91 -54.97 -9.38 -14.29
C SER F 91 -53.39 -9.30 -14.37
N ILE F 92 -52.75 -8.46 -13.53
CA ILE F 92 -51.28 -8.35 -13.57
C ILE F 92 -50.54 -9.52 -12.93
N TYR F 93 -51.25 -10.31 -12.12
CA TYR F 93 -50.72 -11.46 -11.41
C TYR F 93 -51.08 -12.73 -12.25
N GLN F 94 -50.11 -13.29 -12.97
CA GLN F 94 -50.43 -14.27 -14.05
C GLN F 94 -49.90 -15.63 -13.71
N THR F 95 -48.59 -15.67 -13.45
CA THR F 95 -47.91 -16.89 -13.11
C THR F 95 -48.27 -17.32 -11.70
N ARG F 96 -47.87 -18.54 -11.39
CA ARG F 96 -47.99 -19.15 -10.06
C ARG F 96 -47.34 -18.33 -8.91
N LYS F 97 -46.06 -18.03 -9.09
CA LYS F 97 -45.27 -17.16 -8.17
C LYS F 97 -45.85 -15.74 -8.03
N GLN F 98 -46.46 -15.19 -9.09
CA GLN F 98 -47.19 -13.92 -8.99
C GLN F 98 -48.49 -14.04 -8.22
N HIS F 99 -49.16 -15.20 -8.27
CA HIS F 99 -50.34 -15.46 -7.43
C HIS F 99 -50.02 -15.49 -5.94
N GLU F 100 -48.89 -16.09 -5.59
CA GLU F 100 -48.46 -16.25 -4.20
C GLU F 100 -48.01 -14.92 -3.63
N PHE F 101 -47.32 -14.20 -4.50
CA PHE F 101 -46.96 -12.78 -4.29
C PHE F 101 -48.19 -12.00 -3.87
N PHE F 102 -49.26 -12.09 -4.69
CA PHE F 102 -50.55 -11.44 -4.37
C PHE F 102 -51.15 -11.86 -3.03
N GLU F 103 -51.15 -13.16 -2.71
CA GLU F 103 -51.72 -13.65 -1.43
C GLU F 103 -50.93 -13.06 -0.24
N GLU F 104 -49.62 -13.10 -0.36
CA GLU F 104 -48.71 -12.69 0.73
C GLU F 104 -48.67 -11.19 0.94
N ALA F 105 -48.70 -10.42 -0.14
CA ALA F 105 -48.83 -8.98 0.04
C ALA F 105 -50.19 -8.70 0.65
N SER F 106 -51.23 -9.39 0.16
CA SER F 106 -52.57 -9.28 0.77
C SER F 106 -52.56 -9.67 2.29
N ALA F 107 -51.84 -10.74 2.59
CA ALA F 107 -51.52 -11.14 3.99
C ALA F 107 -51.02 -9.98 4.81
N ALA F 108 -50.17 -9.17 4.20
CA ALA F 108 -49.57 -7.97 4.84
C ALA F 108 -50.45 -6.72 4.83
N GLY F 109 -51.68 -6.80 4.32
CA GLY F 109 -52.57 -5.62 4.25
C GLY F 109 -52.43 -4.76 2.98
N LEU F 110 -51.72 -5.26 1.99
CA LEU F 110 -51.40 -4.52 0.80
C LEU F 110 -52.12 -5.26 -0.31
N VAL F 111 -53.36 -4.86 -0.55
CA VAL F 111 -54.22 -5.57 -1.52
C VAL F 111 -54.60 -4.64 -2.64
N TYR F 112 -55.11 -3.46 -2.27
CA TYR F 112 -55.53 -2.46 -3.24
C TYR F 112 -54.48 -1.35 -3.35
N GLY F 113 -54.27 -0.88 -4.56
CA GLY F 113 -53.30 0.24 -4.76
C GLY F 113 -52.74 0.34 -6.17
N LEU F 114 -51.65 1.13 -6.30
CA LEU F 114 -50.98 1.30 -7.57
C LEU F 114 -49.51 1.62 -7.35
N THR F 115 -48.75 1.46 -8.45
CA THR F 115 -47.33 1.77 -8.53
C THR F 115 -47.14 2.78 -9.68
N MET F 116 -46.54 3.91 -9.32
CA MET F 116 -46.15 4.94 -10.24
C MET F 116 -44.66 4.73 -10.51
N PRO F 117 -44.29 4.45 -11.77
CA PRO F 117 -42.86 4.36 -12.09
C PRO F 117 -42.18 5.71 -11.95
N LEU F 118 -40.90 5.69 -11.56
CA LEU F 118 -40.08 6.89 -11.39
C LEU F 118 -38.82 6.78 -12.31
N HIS F 119 -38.67 7.79 -13.17
CA HIS F 119 -37.51 7.92 -14.02
C HIS F 119 -37.01 9.33 -13.86
N GLY F 120 -35.88 9.47 -13.16
CA GLY F 120 -35.39 10.80 -12.79
C GLY F 120 -34.45 11.37 -13.85
N ALA F 121 -34.12 12.65 -13.69
CA ALA F 121 -33.37 13.40 -14.71
C ALA F 121 -31.93 13.00 -14.79
N ARG F 122 -31.38 12.28 -13.81
CA ARG F 122 -30.03 11.70 -13.93
C ARG F 122 -30.04 10.17 -14.11
N GLY F 123 -31.17 9.63 -14.55
CA GLY F 123 -31.32 8.22 -14.91
C GLY F 123 -31.65 7.37 -13.71
N GLU F 124 -32.08 7.98 -12.60
CA GLU F 124 -32.55 7.23 -11.44
C GLU F 124 -33.76 6.39 -11.90
N LEU F 125 -33.90 5.20 -11.38
CA LEU F 125 -35.00 4.24 -11.66
C LEU F 125 -35.68 3.91 -10.30
N GLY F 126 -37.01 4.08 -10.22
CA GLY F 126 -37.71 3.82 -9.02
C GLY F 126 -39.19 3.56 -9.20
N ALA F 127 -39.88 3.57 -8.04
CA ALA F 127 -41.33 3.44 -7.93
C ALA F 127 -41.88 4.13 -6.75
N LEU F 128 -43.08 4.72 -6.90
CA LEU F 128 -43.84 5.07 -5.74
C LEU F 128 -45.07 4.18 -5.72
N SER F 129 -45.15 3.29 -4.74
CA SER F 129 -46.33 2.44 -4.52
C SER F 129 -47.14 2.99 -3.35
N LEU F 130 -48.47 2.97 -3.55
CA LEU F 130 -49.39 3.47 -2.58
C LEU F 130 -50.55 2.51 -2.54
N SER F 131 -50.86 2.05 -1.32
CA SER F 131 -51.95 1.12 -1.07
C SER F 131 -53.02 1.88 -0.30
N VAL F 132 -54.28 1.51 -0.54
CA VAL F 132 -55.46 2.16 0.06
C VAL F 132 -56.31 1.08 0.78
N GLU F 133 -56.78 1.39 2.00
CA GLU F 133 -57.74 0.48 2.67
C GLU F 133 -59.12 0.75 2.07
N ALA F 134 -59.77 -0.32 1.62
CA ALA F 134 -61.10 -0.23 1.03
C ALA F 134 -61.88 -1.51 1.26
N GLU F 135 -63.19 -1.39 1.13
CA GLU F 135 -64.16 -2.48 1.37
C GLU F 135 -64.16 -3.56 0.26
N ASN F 136 -63.79 -3.14 -0.95
CA ASN F 136 -63.56 -4.02 -2.10
C ASN F 136 -62.77 -3.29 -3.28
N ARG F 137 -62.44 -3.99 -4.35
CA ARG F 137 -61.56 -3.40 -5.38
C ARG F 137 -62.31 -2.36 -6.16
N ALA F 138 -63.61 -2.57 -6.35
CA ALA F 138 -64.45 -1.55 -7.01
C ALA F 138 -64.44 -0.19 -6.26
N GLU F 139 -64.61 -0.25 -4.93
CA GLU F 139 -64.51 0.95 -4.07
C GLU F 139 -63.07 1.55 -4.17
N ALA F 140 -62.05 0.71 -4.10
CA ALA F 140 -60.63 1.16 -4.18
C ALA F 140 -60.43 1.99 -5.47
N ASN F 141 -60.91 1.43 -6.58
CA ASN F 141 -60.70 2.00 -7.92
C ASN F 141 -61.39 3.32 -8.04
N ARG F 142 -62.62 3.42 -7.54
CA ARG F 142 -63.33 4.71 -7.52
C ARG F 142 -62.52 5.75 -6.77
N PHE F 143 -62.03 5.37 -5.58
CA PHE F 143 -61.23 6.30 -4.80
C PHE F 143 -59.94 6.75 -5.55
N MET F 144 -59.18 5.77 -6.04
CA MET F 144 -57.90 6.03 -6.75
C MET F 144 -58.05 6.92 -8.03
N GLU F 145 -59.11 6.63 -8.79
CA GLU F 145 -59.48 7.46 -9.96
C GLU F 145 -59.77 8.89 -9.60
N SER F 146 -60.45 9.08 -8.47
CA SER F 146 -60.78 10.42 -7.98
C SER F 146 -59.57 11.25 -7.49
N VAL F 147 -58.54 10.60 -6.97
CA VAL F 147 -57.30 11.33 -6.52
C VAL F 147 -56.13 11.26 -7.50
N LEU F 148 -56.33 10.54 -8.63
CA LEU F 148 -55.25 10.23 -9.54
C LEU F 148 -54.45 11.47 -9.97
N PRO F 149 -55.14 12.55 -10.37
CA PRO F 149 -54.33 13.64 -10.93
C PRO F 149 -53.40 14.25 -9.89
N THR F 150 -53.81 14.24 -8.64
CA THR F 150 -52.93 14.70 -7.52
C THR F 150 -51.78 13.74 -7.26
N LEU F 151 -52.06 12.45 -7.28
CA LEU F 151 -50.97 11.44 -7.14
C LEU F 151 -49.90 11.59 -8.22
N TRP F 152 -50.32 11.91 -9.42
CA TRP F 152 -49.46 11.96 -10.57
C TRP F 152 -48.47 13.14 -10.54
N MET F 153 -48.90 14.25 -9.98
CA MET F 153 -48.01 15.33 -9.56
C MET F 153 -47.11 14.92 -8.38
N LEU F 154 -47.71 14.23 -7.40
CA LEU F 154 -47.06 13.83 -6.15
C LEU F 154 -45.87 12.98 -6.48
N LYS F 155 -46.02 12.02 -7.39
CA LYS F 155 -44.91 11.10 -7.67
C LYS F 155 -43.67 11.79 -8.19
N ASP F 156 -43.87 12.82 -8.97
CA ASP F 156 -42.74 13.61 -9.49
C ASP F 156 -42.12 14.53 -8.44
N TYR F 157 -42.91 15.20 -7.61
CA TYR F 157 -42.34 15.97 -6.49
C TYR F 157 -41.52 15.05 -5.56
N ALA F 158 -42.08 13.88 -5.26
CA ALA F 158 -41.38 12.87 -4.49
C ALA F 158 -40.10 12.41 -5.16
N LEU F 159 -40.15 12.13 -6.46
CA LEU F 159 -38.93 11.76 -7.16
C LEU F 159 -37.84 12.87 -7.15
N GLN F 160 -38.22 14.10 -7.47
CA GLN F 160 -37.23 15.16 -7.48
C GLN F 160 -36.54 15.38 -6.09
N SER F 161 -37.32 15.49 -5.04
CA SER F 161 -36.80 15.68 -3.68
C SER F 161 -36.03 14.44 -3.20
N GLY F 162 -36.63 13.27 -3.42
CA GLY F 162 -36.07 12.00 -3.00
C GLY F 162 -34.79 11.58 -3.63
N ALA F 163 -34.66 11.85 -4.92
CA ALA F 163 -33.44 11.59 -5.66
C ALA F 163 -32.26 12.38 -5.03
N GLY F 164 -32.54 13.59 -4.57
CA GLY F 164 -31.52 14.41 -3.87
C GLY F 164 -31.15 13.82 -2.53
N LEU F 165 -32.17 13.45 -1.77
CA LEU F 165 -31.94 12.76 -0.52
C LEU F 165 -31.11 11.47 -0.68
N ALA F 166 -31.41 10.68 -1.69
CA ALA F 166 -30.77 9.40 -1.83
C ALA F 166 -29.34 9.50 -2.35
N PHE F 167 -29.14 10.32 -3.36
CA PHE F 167 -27.91 10.26 -4.16
C PHE F 167 -27.06 11.52 -4.24
N GLU F 168 -27.58 12.70 -3.83
CA GLU F 168 -26.87 13.98 -4.00
C GLU F 168 -25.94 14.16 -2.80
N HIS F 169 -24.74 14.64 -3.09
CA HIS F 169 -23.69 14.57 -2.07
C HIS F 169 -24.06 15.16 -0.67
N PHE G 7 -18.69 -24.87 -4.41
CA PHE G 7 -17.78 -26.06 -4.54
C PHE G 7 -18.45 -27.20 -5.25
N LEU G 8 -19.67 -27.48 -4.85
CA LEU G 8 -20.44 -28.48 -5.59
C LEU G 8 -20.62 -28.06 -7.05
N GLU G 9 -20.89 -26.76 -7.32
CA GLU G 9 -20.93 -26.23 -8.72
C GLU G 9 -19.59 -26.43 -9.45
N LEU G 10 -18.47 -26.10 -8.79
CA LEU G 10 -17.13 -26.42 -9.36
C LEU G 10 -17.03 -27.84 -9.82
N GLU G 11 -17.36 -28.76 -8.92
CA GLU G 11 -17.21 -30.19 -9.10
C GLU G 11 -18.15 -30.75 -10.22
N ARG G 12 -19.35 -30.20 -10.38
CA ARG G 12 -20.23 -30.57 -11.54
C ARG G 12 -19.85 -29.94 -12.90
N SER G 13 -18.95 -28.96 -12.89
CA SER G 13 -18.67 -28.19 -14.09
C SER G 13 -18.01 -29.09 -15.11
N SER G 14 -18.10 -28.73 -16.38
CA SER G 14 -17.44 -29.44 -17.44
C SER G 14 -16.43 -28.52 -18.08
N GLY G 15 -15.15 -28.86 -17.92
CA GLY G 15 -14.02 -28.15 -18.55
C GLY G 15 -13.47 -26.94 -17.78
N LYS G 16 -12.31 -26.48 -18.23
CA LYS G 16 -11.57 -25.37 -17.63
C LYS G 16 -12.34 -24.04 -17.70
N LEU G 17 -12.96 -23.78 -18.86
CA LEU G 17 -13.75 -22.58 -19.07
C LEU G 17 -14.82 -22.38 -18.02
N GLU G 18 -15.66 -23.38 -17.83
CA GLU G 18 -16.79 -23.23 -16.88
C GLU G 18 -16.26 -23.17 -15.43
N TRP G 19 -15.24 -23.96 -15.15
CA TRP G 19 -14.62 -23.98 -13.79
C TRP G 19 -14.12 -22.56 -13.42
N SER G 20 -13.46 -21.91 -14.36
CA SER G 20 -12.90 -20.55 -14.11
C SER G 20 -14.02 -19.57 -13.90
N ALA G 21 -15.06 -19.68 -14.73
CA ALA G 21 -16.18 -18.74 -14.62
C ALA G 21 -16.91 -18.87 -13.27
N ILE G 22 -16.99 -20.07 -12.70
CA ILE G 22 -17.57 -20.24 -11.37
C ILE G 22 -16.66 -19.71 -10.25
N LEU G 23 -15.39 -20.09 -10.30
CA LEU G 23 -14.45 -19.56 -9.30
C LEU G 23 -14.39 -18.00 -9.35
N GLN G 24 -14.31 -17.43 -10.57
CA GLN G 24 -14.30 -15.95 -10.72
C GLN G 24 -15.51 -15.22 -10.19
N LYS G 25 -16.69 -15.83 -10.36
CA LYS G 25 -17.92 -15.30 -9.83
C LYS G 25 -17.94 -15.46 -8.30
N MET G 26 -17.47 -16.58 -7.76
CA MET G 26 -17.46 -16.69 -6.27
C MET G 26 -16.56 -15.58 -5.65
N ALA G 27 -15.43 -15.32 -6.31
CA ALA G 27 -14.48 -14.33 -5.83
C ALA G 27 -15.06 -12.92 -5.97
N SER G 28 -15.65 -12.65 -7.14
CA SER G 28 -16.35 -11.37 -7.39
C SER G 28 -17.49 -11.12 -6.37
N ASP G 29 -18.34 -12.11 -6.16
CA ASP G 29 -19.35 -12.04 -5.13
C ASP G 29 -18.77 -11.79 -3.74
N LEU G 30 -17.60 -12.33 -3.42
CA LEU G 30 -16.95 -12.03 -2.10
C LEU G 30 -16.43 -10.62 -2.00
N GLY G 31 -16.14 -10.01 -3.14
CA GLY G 31 -15.69 -8.60 -3.27
C GLY G 31 -14.36 -8.38 -3.99
N PHE G 32 -13.82 -9.45 -4.57
CA PHE G 32 -12.54 -9.42 -5.23
C PHE G 32 -12.63 -9.39 -6.71
N SER G 33 -11.88 -8.48 -7.28
CA SER G 33 -11.93 -8.18 -8.68
C SER G 33 -11.28 -9.19 -9.63
N LYS G 34 -10.00 -9.45 -9.39
CA LYS G 34 -9.24 -10.33 -10.25
C LYS G 34 -8.63 -11.44 -9.39
N ILE G 35 -8.49 -12.64 -9.94
CA ILE G 35 -7.88 -13.74 -9.26
C ILE G 35 -6.99 -14.51 -10.22
N LEU G 36 -6.05 -15.22 -9.62
CA LEU G 36 -5.23 -16.18 -10.32
C LEU G 36 -5.07 -17.34 -9.39
N PHE G 37 -5.48 -18.49 -9.90
CA PHE G 37 -5.28 -19.80 -9.27
C PHE G 37 -4.19 -20.53 -10.10
N GLY G 38 -3.10 -20.81 -9.44
CA GLY G 38 -1.95 -21.46 -10.02
C GLY G 38 -1.68 -22.76 -9.32
N LEU G 39 -1.42 -23.81 -10.09
CA LEU G 39 -1.14 -25.14 -9.53
C LEU G 39 -0.07 -25.93 -10.28
N LEU G 40 0.88 -26.44 -9.49
CA LEU G 40 1.93 -27.31 -9.94
C LEU G 40 1.77 -28.71 -9.41
N PRO G 41 2.08 -29.72 -10.24
CA PRO G 41 2.12 -31.04 -9.60
C PRO G 41 3.39 -31.23 -8.72
N LYS G 42 3.32 -32.23 -7.84
CA LYS G 42 4.44 -32.66 -6.95
C LYS G 42 5.82 -32.61 -7.62
N ASP G 43 6.79 -32.03 -6.94
CA ASP G 43 8.18 -31.94 -7.37
C ASP G 43 8.54 -30.92 -8.49
N SER G 44 7.54 -30.38 -9.21
CA SER G 44 7.77 -29.40 -10.30
C SER G 44 8.08 -28.00 -9.74
N GLN G 45 9.09 -27.34 -10.30
CA GLN G 45 9.26 -25.88 -10.20
C GLN G 45 9.07 -25.23 -11.55
N ASP G 46 8.24 -25.81 -12.40
CA ASP G 46 8.15 -25.34 -13.77
C ASP G 46 7.03 -24.31 -13.82
N TYR G 47 7.27 -23.14 -13.22
CA TYR G 47 6.20 -22.11 -13.03
C TYR G 47 5.60 -21.62 -14.31
N GLU G 48 6.47 -21.44 -15.31
CA GLU G 48 6.07 -21.05 -16.66
C GLU G 48 5.11 -22.04 -17.33
N ASN G 49 5.02 -23.30 -16.87
CA ASN G 49 3.95 -24.23 -17.36
C ASN G 49 2.99 -24.70 -16.26
N ALA G 50 2.66 -23.79 -15.34
CA ALA G 50 1.70 -24.11 -14.27
C ALA G 50 0.33 -24.22 -14.90
N PHE G 51 -0.56 -24.96 -14.27
CA PHE G 51 -1.98 -24.81 -14.53
C PHE G 51 -2.47 -23.50 -13.90
N ILE G 52 -2.96 -22.60 -14.72
CA ILE G 52 -3.39 -21.28 -14.30
C ILE G 52 -4.83 -21.06 -14.66
N VAL G 53 -5.63 -20.63 -13.70
CA VAL G 53 -6.98 -20.15 -13.94
C VAL G 53 -7.09 -18.74 -13.47
N GLY G 54 -7.73 -17.90 -14.29
CA GLY G 54 -8.26 -16.64 -13.80
C GLY G 54 -8.42 -15.54 -14.79
N ASN G 55 -8.57 -14.33 -14.27
CA ASN G 55 -8.88 -13.18 -15.13
C ASN G 55 -7.87 -12.03 -14.91
N TYR G 56 -6.65 -12.35 -14.47
CA TYR G 56 -5.56 -11.35 -14.51
C TYR G 56 -5.38 -10.89 -16.00
N PRO G 57 -5.02 -9.59 -16.25
CA PRO G 57 -4.89 -9.17 -17.65
C PRO G 57 -3.89 -10.04 -18.34
N ALA G 58 -4.25 -10.50 -19.52
CA ALA G 58 -3.44 -11.36 -20.30
C ALA G 58 -1.97 -10.78 -20.52
N ALA G 59 -1.81 -9.48 -20.77
CA ALA G 59 -0.49 -8.91 -21.00
C ALA G 59 0.41 -8.96 -19.72
N TRP G 60 -0.19 -8.88 -18.55
CA TRP G 60 0.59 -9.02 -17.30
C TRP G 60 1.07 -10.49 -17.12
N ARG G 61 0.15 -11.46 -17.28
CA ARG G 61 0.53 -12.88 -17.27
C ARG G 61 1.72 -13.11 -18.19
N GLU G 62 1.66 -12.53 -19.43
CA GLU G 62 2.75 -12.75 -20.40
C GLU G 62 4.01 -12.10 -19.91
N HIS G 63 3.89 -10.88 -19.39
CA HIS G 63 5.07 -10.19 -18.87
C HIS G 63 5.67 -11.02 -17.70
N TYR G 64 4.83 -11.54 -16.83
CA TYR G 64 5.31 -12.36 -15.67
C TYR G 64 6.17 -13.56 -16.17
N ASP G 65 5.69 -14.23 -17.23
CA ASP G 65 6.41 -15.37 -17.77
C ASP G 65 7.72 -14.95 -18.37
N ARG G 66 7.71 -13.92 -19.21
CA ARG G 66 8.92 -13.51 -19.97
C ARG G 66 9.99 -12.99 -19.04
N ALA G 67 9.60 -12.16 -18.07
CA ALA G 67 10.54 -11.61 -17.09
C ALA G 67 11.01 -12.65 -16.02
N GLY G 68 10.55 -13.89 -16.02
CA GLY G 68 10.96 -14.85 -14.97
C GLY G 68 10.57 -14.44 -13.52
N TYR G 69 9.39 -13.87 -13.37
CA TYR G 69 8.99 -13.33 -12.09
C TYR G 69 8.67 -14.36 -11.02
N ALA G 70 8.50 -15.63 -11.37
CA ALA G 70 8.39 -16.64 -10.30
C ALA G 70 9.65 -16.63 -9.42
N ARG G 71 10.79 -16.22 -9.97
CA ARG G 71 12.03 -16.20 -9.26
C ARG G 71 12.20 -14.93 -8.41
N VAL G 72 11.24 -14.01 -8.48
CA VAL G 72 11.32 -12.68 -7.84
C VAL G 72 10.15 -12.39 -6.88
N ASP G 73 8.95 -12.62 -7.41
CA ASP G 73 7.67 -12.48 -6.69
C ASP G 73 7.85 -13.04 -5.31
N PRO G 74 7.76 -12.21 -4.29
CA PRO G 74 8.00 -12.73 -2.97
C PRO G 74 6.90 -13.68 -2.45
N THR G 75 5.74 -13.75 -3.11
CA THR G 75 4.73 -14.71 -2.66
C THR G 75 5.07 -16.15 -3.03
N VAL G 76 5.94 -16.35 -4.00
CA VAL G 76 6.28 -17.72 -4.44
C VAL G 76 7.15 -18.33 -3.37
N SER G 77 8.18 -17.63 -2.93
CA SER G 77 9.04 -18.19 -1.89
CA SER G 77 9.05 -18.15 -1.88
C SER G 77 8.26 -18.42 -0.62
N HIS G 78 7.30 -17.54 -0.31
CA HIS G 78 6.46 -17.65 0.87
C HIS G 78 5.65 -18.94 0.81
N CYS G 79 5.12 -19.23 -0.36
CA CYS G 79 4.24 -20.38 -0.55
C CYS G 79 5.00 -21.68 -0.36
N THR G 80 6.29 -21.71 -0.68
CA THR G 80 7.10 -22.91 -0.49
C THR G 80 7.47 -23.16 0.99
N GLN G 81 7.21 -22.18 1.86
CA GLN G 81 7.54 -22.22 3.27
C GLN G 81 6.30 -22.25 4.22
N SER G 82 5.10 -21.91 3.73
CA SER G 82 3.99 -21.69 4.65
C SER G 82 2.67 -22.08 4.03
N VAL G 83 1.72 -22.37 4.91
CA VAL G 83 0.33 -22.54 4.55
C VAL G 83 -0.53 -21.31 4.94
N LEU G 84 0.09 -20.30 5.54
CA LEU G 84 -0.64 -19.07 5.99
C LEU G 84 -0.63 -17.98 4.88
N PRO G 85 -1.67 -17.17 4.84
CA PRO G 85 -1.68 -16.16 3.78
C PRO G 85 -0.55 -15.13 3.90
N ILE G 86 -0.18 -14.56 2.75
CA ILE G 86 0.74 -13.41 2.65
C ILE G 86 -0.02 -12.24 2.00
N PHE G 87 -0.25 -11.18 2.77
CA PHE G 87 -0.94 -9.97 2.21
C PHE G 87 0.07 -9.16 1.45
N TRP G 88 -0.39 -8.43 0.45
CA TRP G 88 0.50 -7.67 -0.42
C TRP G 88 0.92 -6.30 0.17
N GLU G 89 1.55 -6.33 1.30
CA GLU G 89 2.05 -5.12 1.99
C GLU G 89 3.35 -4.71 1.30
N PRO G 90 3.60 -3.39 1.15
CA PRO G 90 4.92 -2.83 0.74
C PRO G 90 6.15 -3.59 1.29
N SER G 91 6.08 -3.92 2.59
CA SER G 91 7.16 -4.59 3.33
C SER G 91 7.58 -5.95 2.76
N ILE G 92 6.69 -6.62 2.01
CA ILE G 92 7.10 -7.88 1.42
C ILE G 92 8.04 -7.71 0.23
N TYR G 93 8.14 -6.51 -0.35
CA TYR G 93 9.02 -6.29 -1.50
C TYR G 93 10.33 -5.71 -0.98
N GLN G 94 11.39 -6.52 -0.98
CA GLN G 94 12.63 -6.15 -0.30
C GLN G 94 13.77 -5.89 -1.24
N THR G 95 13.97 -6.73 -2.23
CA THR G 95 15.13 -6.59 -3.14
C THR G 95 14.81 -5.61 -4.25
N ARG G 96 15.82 -5.24 -4.98
CA ARG G 96 15.61 -4.30 -6.09
C ARG G 96 14.64 -4.82 -7.18
N LYS G 97 14.87 -6.06 -7.62
CA LYS G 97 13.93 -6.74 -8.51
C LYS G 97 12.51 -6.83 -7.92
N GLN G 98 12.40 -7.03 -6.61
CA GLN G 98 11.06 -7.07 -5.99
C GLN G 98 10.39 -5.71 -6.02
N HIS G 99 11.14 -4.59 -5.89
CA HIS G 99 10.54 -3.29 -6.03
C HIS G 99 10.13 -3.08 -7.46
N GLU G 100 10.88 -3.57 -8.41
CA GLU G 100 10.44 -3.43 -9.81
C GLU G 100 9.16 -4.27 -10.11
N PHE G 101 9.11 -5.50 -9.59
CA PHE G 101 7.89 -6.40 -9.70
C PHE G 101 6.68 -5.68 -9.12
N PHE G 102 6.85 -5.14 -7.92
CA PHE G 102 5.76 -4.34 -7.29
C PHE G 102 5.24 -3.23 -8.19
N GLU G 103 6.15 -2.46 -8.82
CA GLU G 103 5.73 -1.33 -9.71
C GLU G 103 4.95 -1.83 -10.91
N GLU G 104 5.49 -2.88 -11.51
CA GLU G 104 4.88 -3.44 -12.75
C GLU G 104 3.49 -4.06 -12.47
N ALA G 105 3.35 -4.76 -11.35
CA ALA G 105 2.06 -5.31 -10.93
C ALA G 105 1.05 -4.20 -10.66
N SER G 106 1.45 -3.17 -9.92
CA SER G 106 0.57 -2.03 -9.66
C SER G 106 0.12 -1.44 -10.98
N ALA G 107 1.02 -1.31 -11.93
CA ALA G 107 0.63 -0.74 -13.25
C ALA G 107 -0.36 -1.65 -13.98
N ALA G 108 -0.45 -2.93 -13.59
CA ALA G 108 -1.46 -3.84 -14.16
C ALA G 108 -2.77 -3.74 -13.50
N GLY G 109 -2.90 -2.91 -12.49
CA GLY G 109 -4.13 -2.86 -11.71
C GLY G 109 -4.01 -3.73 -10.49
N LEU G 110 -2.86 -4.42 -10.29
CA LEU G 110 -2.75 -5.42 -9.20
C LEU G 110 -1.86 -4.89 -8.07
N VAL G 111 -2.46 -4.10 -7.20
CA VAL G 111 -1.71 -3.47 -6.10
C VAL G 111 -2.12 -3.91 -4.74
N TYR G 112 -3.46 -4.05 -4.51
CA TYR G 112 -3.93 -4.56 -3.21
C TYR G 112 -4.44 -5.99 -3.32
N GLY G 113 -3.98 -6.87 -2.45
CA GLY G 113 -4.54 -8.21 -2.37
C GLY G 113 -3.79 -9.08 -1.41
N LEU G 114 -3.88 -10.40 -1.63
CA LEU G 114 -3.27 -11.37 -0.79
C LEU G 114 -3.12 -12.65 -1.59
N THR G 115 -2.20 -13.46 -1.15
CA THR G 115 -1.96 -14.77 -1.72
C THR G 115 -2.14 -15.84 -0.67
N MET G 116 -2.94 -16.85 -1.01
CA MET G 116 -3.21 -17.96 -0.12
C MET G 116 -2.39 -19.14 -0.67
N PRO G 117 -1.40 -19.62 0.07
CA PRO G 117 -0.69 -20.80 -0.48
C PRO G 117 -1.63 -22.03 -0.59
N LEU G 118 -1.32 -22.89 -1.55
CA LEU G 118 -2.05 -24.15 -1.77
C LEU G 118 -1.01 -25.25 -1.66
N HIS G 119 -1.24 -26.17 -0.74
CA HIS G 119 -0.55 -27.44 -0.63
C HIS G 119 -1.57 -28.62 -0.63
N GLY G 120 -1.60 -29.31 -1.75
CA GLY G 120 -2.58 -30.41 -1.94
C GLY G 120 -2.19 -31.73 -1.29
N ALA G 121 -3.18 -32.59 -1.17
CA ALA G 121 -3.00 -33.92 -0.60
C ALA G 121 -2.03 -34.86 -1.35
N ARG G 122 -1.82 -34.62 -2.64
CA ARG G 122 -0.85 -35.38 -3.46
C ARG G 122 0.45 -34.66 -3.74
N GLY G 123 0.80 -33.71 -2.86
CA GLY G 123 1.96 -32.85 -2.99
C GLY G 123 1.95 -31.72 -4.01
N GLU G 124 0.74 -31.33 -4.46
CA GLU G 124 0.54 -30.20 -5.37
C GLU G 124 0.95 -28.90 -4.61
N LEU G 125 1.62 -27.99 -5.32
CA LEU G 125 2.08 -26.67 -4.83
C LEU G 125 1.35 -25.63 -5.64
N GLY G 126 0.74 -24.66 -4.98
CA GLY G 126 -0.08 -23.67 -5.69
C GLY G 126 -0.34 -22.42 -4.88
N ALA G 127 -1.03 -21.53 -5.51
CA ALA G 127 -1.49 -20.28 -4.84
C ALA G 127 -2.83 -19.89 -5.37
N LEU G 128 -3.68 -19.36 -4.50
CA LEU G 128 -4.87 -18.59 -4.92
C LEU G 128 -4.63 -17.13 -4.52
N SER G 129 -4.40 -16.29 -5.51
CA SER G 129 -4.14 -14.83 -5.31
C SER G 129 -5.35 -14.09 -5.72
N LEU G 130 -5.74 -13.11 -4.94
CA LEU G 130 -6.91 -12.35 -5.16
C LEU G 130 -6.58 -10.86 -4.93
N SER G 131 -6.93 -10.01 -5.89
CA SER G 131 -6.75 -8.56 -5.77
C SER G 131 -8.11 -7.90 -5.54
N VAL G 132 -8.10 -6.80 -4.81
CA VAL G 132 -9.30 -6.05 -4.46
C VAL G 132 -9.14 -4.65 -5.04
N GLU G 133 -10.15 -4.22 -5.81
CA GLU G 133 -10.18 -2.86 -6.39
C GLU G 133 -10.69 -1.96 -5.30
N ALA G 134 -9.79 -1.52 -4.45
CA ALA G 134 -10.14 -0.56 -3.43
C ALA G 134 -9.53 0.72 -3.90
N GLU G 135 -9.99 1.80 -3.30
CA GLU G 135 -9.50 3.10 -3.70
C GLU G 135 -8.19 3.37 -2.99
N ASN G 136 -7.92 2.66 -1.87
CA ASN G 136 -6.61 2.73 -1.18
C ASN G 136 -6.31 1.49 -0.31
N ARG G 137 -5.07 1.37 0.16
CA ARG G 137 -4.63 0.11 0.83
C ARG G 137 -5.23 -0.05 2.20
N ALA G 138 -5.42 1.10 2.87
CA ALA G 138 -6.09 1.11 4.14
C ALA G 138 -7.51 0.50 4.04
N GLU G 139 -8.31 0.97 3.07
CA GLU G 139 -9.62 0.39 2.72
C GLU G 139 -9.54 -1.09 2.28
N ALA G 140 -8.51 -1.43 1.51
CA ALA G 140 -8.27 -2.83 1.11
C ALA G 140 -8.00 -3.80 2.26
N ASN G 141 -7.14 -3.49 3.21
CA ASN G 141 -6.87 -4.32 4.34
C ASN G 141 -8.10 -4.54 5.27
N ARG G 142 -8.92 -3.51 5.50
CA ARG G 142 -10.21 -3.64 6.24
C ARG G 142 -11.18 -4.59 5.52
N PHE G 143 -11.34 -4.47 4.22
CA PHE G 143 -12.10 -5.40 3.50
C PHE G 143 -11.56 -6.85 3.64
N MET G 144 -10.25 -6.99 3.47
CA MET G 144 -9.64 -8.34 3.37
C MET G 144 -9.76 -9.08 4.71
N GLU G 145 -9.45 -8.40 5.83
CA GLU G 145 -9.76 -8.84 7.19
C GLU G 145 -11.26 -9.25 7.41
N SER G 146 -12.19 -8.52 6.83
CA SER G 146 -13.61 -8.76 7.01
C SER G 146 -14.11 -10.09 6.44
N VAL G 147 -13.49 -10.55 5.37
CA VAL G 147 -13.94 -11.75 4.71
C VAL G 147 -12.92 -12.87 4.77
N LEU G 148 -11.84 -12.67 5.54
CA LEU G 148 -10.73 -13.64 5.60
C LEU G 148 -11.16 -15.09 5.91
N PRO G 149 -11.98 -15.31 6.96
CA PRO G 149 -12.40 -16.70 7.26
C PRO G 149 -13.10 -17.39 6.08
N THR G 150 -13.94 -16.68 5.33
CA THR G 150 -14.56 -17.21 4.14
C THR G 150 -13.53 -17.55 3.06
N LEU G 151 -12.57 -16.64 2.89
CA LEU G 151 -11.56 -16.86 1.87
C LEU G 151 -10.68 -18.07 2.19
N TRP G 152 -10.44 -18.27 3.48
CA TRP G 152 -9.56 -19.34 3.96
C TRP G 152 -10.22 -20.71 3.70
N MET G 153 -11.55 -20.79 3.78
CA MET G 153 -12.24 -22.01 3.35
C MET G 153 -12.24 -22.12 1.84
N LEU G 154 -12.54 -21.05 1.16
CA LEU G 154 -12.53 -21.01 -0.29
C LEU G 154 -11.29 -21.57 -0.96
N LYS G 155 -10.08 -21.19 -0.51
CA LYS G 155 -8.83 -21.59 -1.14
C LYS G 155 -8.63 -23.15 -1.10
N ASP G 156 -9.05 -23.76 0.00
CA ASP G 156 -8.99 -25.25 0.10
C ASP G 156 -10.07 -25.94 -0.79
N TYR G 157 -11.28 -25.40 -0.88
CA TYR G 157 -12.29 -25.94 -1.78
C TYR G 157 -11.79 -25.81 -3.26
N ALA G 158 -11.09 -24.72 -3.60
CA ALA G 158 -10.63 -24.46 -4.96
C ALA G 158 -9.48 -25.38 -5.23
N LEU G 159 -8.61 -25.55 -4.23
CA LEU G 159 -7.50 -26.48 -4.38
C LEU G 159 -8.02 -27.92 -4.59
N GLN G 160 -8.97 -28.33 -3.78
CA GLN G 160 -9.45 -29.74 -3.85
C GLN G 160 -10.09 -30.01 -5.21
N SER G 161 -10.98 -29.13 -5.63
CA SER G 161 -11.62 -29.20 -6.97
C SER G 161 -10.66 -29.02 -8.15
N GLY G 162 -9.74 -28.05 -8.06
CA GLY G 162 -8.90 -27.67 -9.17
C GLY G 162 -7.78 -28.64 -9.44
N ALA G 163 -7.27 -29.27 -8.37
CA ALA G 163 -6.31 -30.35 -8.48
C ALA G 163 -6.89 -31.48 -9.35
N GLY G 164 -8.18 -31.78 -9.14
CA GLY G 164 -8.98 -32.75 -9.90
C GLY G 164 -9.07 -32.36 -11.40
N LEU G 165 -9.45 -31.11 -11.70
CA LEU G 165 -9.42 -30.55 -13.07
C LEU G 165 -8.07 -30.52 -13.81
N ALA G 166 -7.03 -30.05 -13.12
CA ALA G 166 -5.71 -30.00 -13.66
C ALA G 166 -5.10 -31.42 -13.87
N PHE G 167 -5.37 -32.37 -12.96
CA PHE G 167 -4.59 -33.67 -12.90
C PHE G 167 -5.40 -35.02 -13.00
N GLU G 168 -6.74 -34.95 -12.91
CA GLU G 168 -7.68 -36.08 -12.95
C GLU G 168 -7.38 -37.10 -11.83
N VAL H 4 -1.22 -49.36 -4.35
CA VAL H 4 -0.74 -50.81 -4.43
C VAL H 4 0.53 -51.17 -3.63
N ASP H 5 1.18 -50.15 -3.08
CA ASP H 5 2.28 -50.33 -2.11
C ASP H 5 1.97 -51.44 -1.11
N GLY H 6 0.85 -51.34 -0.37
CA GLY H 6 0.35 -52.38 0.57
C GLY H 6 0.61 -53.82 0.11
N PHE H 7 0.29 -54.06 -1.15
CA PHE H 7 0.28 -55.40 -1.75
C PHE H 7 1.64 -56.02 -1.94
N LEU H 8 2.69 -55.21 -2.12
CA LEU H 8 4.07 -55.72 -2.39
C LEU H 8 4.72 -56.39 -1.17
N GLU H 9 4.11 -56.24 0.02
CA GLU H 9 4.46 -57.01 1.19
C GLU H 9 4.22 -58.53 0.96
N LEU H 10 3.23 -58.89 0.15
CA LEU H 10 3.09 -60.30 -0.21
C LEU H 10 4.33 -60.90 -0.85
N GLU H 11 4.97 -60.15 -1.76
CA GLU H 11 6.15 -60.67 -2.47
C GLU H 11 7.43 -60.77 -1.68
N ARG H 12 7.62 -59.88 -0.72
CA ARG H 12 8.86 -59.83 0.00
C ARG H 12 8.90 -60.86 1.11
N SER H 13 7.78 -61.50 1.40
CA SER H 13 7.70 -62.47 2.52
C SER H 13 8.48 -63.78 2.30
N SER H 14 8.67 -64.53 3.38
CA SER H 14 9.59 -65.67 3.43
C SER H 14 8.92 -66.92 2.92
N GLY H 15 8.27 -67.67 3.79
CA GLY H 15 7.60 -68.90 3.38
C GLY H 15 6.10 -68.81 3.58
N LYS H 16 5.51 -70.00 3.70
CA LYS H 16 4.09 -70.18 3.86
C LYS H 16 3.50 -69.51 5.10
N LEU H 17 4.20 -69.65 6.24
CA LEU H 17 3.67 -69.20 7.51
C LEU H 17 3.45 -67.69 7.44
N GLU H 18 4.53 -66.96 7.04
CA GLU H 18 4.51 -65.55 6.98
C GLU H 18 3.49 -65.04 5.96
N TRP H 19 3.48 -65.69 4.80
CA TRP H 19 2.62 -65.27 3.67
C TRP H 19 1.15 -65.43 4.08
N SER H 20 0.79 -66.54 4.71
CA SER H 20 -0.58 -66.71 5.25
C SER H 20 -0.90 -65.66 6.29
N ALA H 21 0.07 -65.29 7.12
CA ALA H 21 -0.12 -64.22 8.09
C ALA H 21 -0.41 -62.84 7.44
N ILE H 22 0.34 -62.47 6.38
CA ILE H 22 0.19 -61.21 5.69
C ILE H 22 -1.20 -61.11 5.01
N LEU H 23 -1.59 -62.17 4.34
CA LEU H 23 -2.84 -62.21 3.60
C LEU H 23 -4.02 -62.16 4.55
N GLN H 24 -3.93 -62.88 5.67
CA GLN H 24 -4.97 -62.88 6.69
C GLN H 24 -5.16 -61.52 7.25
N LYS H 25 -4.02 -60.83 7.46
CA LYS H 25 -4.01 -59.49 7.98
C LYS H 25 -4.70 -58.56 7.02
N MET H 26 -4.33 -58.62 5.75
CA MET H 26 -4.91 -57.73 4.69
C MET H 26 -6.43 -57.93 4.63
N ALA H 27 -6.84 -59.20 4.64
CA ALA H 27 -8.26 -59.56 4.64
C ALA H 27 -8.95 -59.07 5.87
N SER H 28 -8.34 -59.23 7.06
CA SER H 28 -9.06 -58.84 8.26
C SER H 28 -9.21 -57.31 8.29
N ASP H 29 -8.21 -56.57 7.80
CA ASP H 29 -8.30 -55.09 7.73
C ASP H 29 -9.46 -54.60 6.85
N LEU H 30 -9.79 -55.36 5.79
CA LEU H 30 -10.94 -55.11 4.95
C LEU H 30 -12.29 -55.59 5.51
N GLY H 31 -12.25 -56.24 6.67
CA GLY H 31 -13.40 -56.70 7.42
C GLY H 31 -13.74 -58.17 7.31
N PHE H 32 -12.86 -58.96 6.72
CA PHE H 32 -13.05 -60.45 6.65
C PHE H 32 -12.26 -61.21 7.69
N SER H 33 -13.00 -61.88 8.59
CA SER H 33 -12.42 -62.68 9.70
C SER H 33 -11.78 -64.04 9.27
N LYS H 34 -12.43 -64.70 8.32
CA LYS H 34 -12.07 -66.04 7.85
C LYS H 34 -11.84 -66.03 6.37
N ILE H 35 -10.64 -66.47 6.01
CA ILE H 35 -10.26 -66.66 4.63
C ILE H 35 -9.67 -68.03 4.38
N LEU H 36 -9.67 -68.40 3.10
CA LEU H 36 -9.09 -69.66 2.59
C LEU H 36 -8.67 -69.42 1.17
N PHE H 37 -7.37 -69.48 0.94
CA PHE H 37 -6.80 -69.34 -0.37
C PHE H 37 -6.42 -70.74 -0.82
N GLY H 38 -6.96 -71.18 -1.93
CA GLY H 38 -6.60 -72.49 -2.48
C GLY H 38 -6.13 -72.36 -3.91
N LEU H 39 -5.11 -73.14 -4.26
CA LEU H 39 -4.51 -73.10 -5.58
C LEU H 39 -4.00 -74.49 -6.05
N LEU H 40 -4.37 -74.85 -7.27
CA LEU H 40 -3.96 -76.09 -7.93
C LEU H 40 -3.05 -75.79 -9.11
N PRO H 41 -2.10 -76.69 -9.39
CA PRO H 41 -1.40 -76.70 -10.68
C PRO H 41 -2.34 -76.92 -11.89
N LYS H 42 -1.90 -76.49 -13.06
CA LYS H 42 -2.67 -76.52 -14.34
C LYS H 42 -3.54 -77.78 -14.69
N ALA H 50 -2.04 -79.22 -4.45
CA ALA H 50 -2.76 -78.12 -3.80
C ALA H 50 -1.85 -77.32 -2.86
N PHE H 51 -2.11 -76.03 -2.83
CA PHE H 51 -1.55 -75.13 -1.89
C PHE H 51 -2.78 -74.46 -1.28
N ILE H 52 -3.06 -74.82 -0.03
CA ILE H 52 -4.09 -74.18 0.73
C ILE H 52 -3.48 -73.38 1.89
N VAL H 53 -3.95 -72.15 2.04
CA VAL H 53 -3.51 -71.25 3.12
C VAL H 53 -4.77 -70.57 3.71
N GLY H 54 -4.76 -70.35 5.03
CA GLY H 54 -5.82 -69.59 5.69
C GLY H 54 -6.17 -69.96 7.11
N ASN H 55 -7.26 -69.38 7.59
CA ASN H 55 -7.59 -69.49 9.01
C ASN H 55 -8.98 -70.04 9.19
N TYR H 56 -9.46 -70.84 8.22
CA TYR H 56 -10.78 -71.47 8.36
C TYR H 56 -10.62 -72.48 9.53
N PRO H 57 -11.68 -72.72 10.35
CA PRO H 57 -11.43 -73.68 11.43
C PRO H 57 -10.94 -74.99 10.85
N ALA H 58 -9.91 -75.58 11.45
CA ALA H 58 -9.31 -76.81 10.89
C ALA H 58 -10.31 -77.97 10.84
N ALA H 59 -11.19 -78.10 11.82
CA ALA H 59 -12.19 -79.20 11.78
C ALA H 59 -13.18 -79.07 10.60
N TRP H 60 -13.44 -77.84 10.14
CA TRP H 60 -14.37 -77.61 9.03
C TRP H 60 -13.68 -78.00 7.73
N ARG H 61 -12.41 -77.58 7.64
CA ARG H 61 -11.55 -77.99 6.53
C ARG H 61 -11.47 -79.52 6.42
N GLU H 62 -11.35 -80.18 7.54
CA GLU H 62 -11.30 -81.68 7.58
C GLU H 62 -12.61 -82.34 7.19
N HIS H 63 -13.70 -81.78 7.71
CA HIS H 63 -15.05 -82.19 7.35
C HIS H 63 -15.30 -82.08 5.84
N TYR H 64 -14.94 -80.93 5.26
CA TYR H 64 -15.06 -80.65 3.80
C TYR H 64 -14.35 -81.68 2.93
N ASP H 65 -13.12 -81.99 3.28
CA ASP H 65 -12.38 -82.95 2.53
C ASP H 65 -12.99 -84.36 2.75
N ARG H 66 -13.36 -84.70 3.99
CA ARG H 66 -13.86 -86.05 4.32
C ARG H 66 -15.26 -86.36 3.80
N ALA H 67 -16.14 -85.38 3.83
CA ALA H 67 -17.43 -85.44 3.15
C ALA H 67 -17.41 -85.19 1.61
N GLY H 68 -16.23 -85.05 0.98
CA GLY H 68 -16.11 -84.84 -0.47
C GLY H 68 -16.74 -83.58 -1.05
N TYR H 69 -16.90 -82.53 -0.23
CA TYR H 69 -17.70 -81.33 -0.56
C TYR H 69 -17.15 -80.48 -1.70
N ALA H 70 -15.91 -80.75 -2.12
CA ALA H 70 -15.37 -80.19 -3.36
C ALA H 70 -16.25 -80.48 -4.59
N ARG H 71 -16.95 -81.62 -4.58
CA ARG H 71 -17.87 -82.01 -5.66
C ARG H 71 -19.30 -81.45 -5.57
N VAL H 72 -19.60 -80.76 -4.49
CA VAL H 72 -20.94 -80.32 -4.09
C VAL H 72 -21.00 -78.80 -4.02
N ASP H 73 -20.04 -78.23 -3.28
CA ASP H 73 -19.85 -76.79 -3.07
C ASP H 73 -19.95 -76.13 -4.39
N PRO H 74 -20.93 -75.24 -4.56
CA PRO H 74 -21.29 -74.68 -5.89
C PRO H 74 -20.24 -73.68 -6.37
N THR H 75 -19.47 -73.15 -5.40
CA THR H 75 -18.47 -72.16 -5.75
C THR H 75 -17.37 -72.81 -6.53
N VAL H 76 -17.17 -74.11 -6.38
CA VAL H 76 -16.05 -74.72 -7.10
C VAL H 76 -16.35 -74.94 -8.57
N SER H 77 -17.60 -75.30 -8.87
CA SER H 77 -18.11 -75.42 -10.26
C SER H 77 -18.03 -74.07 -10.98
N HIS H 78 -18.46 -73.06 -10.26
CA HIS H 78 -18.40 -71.68 -10.71
C HIS H 78 -17.00 -71.23 -11.11
N CYS H 79 -16.01 -71.44 -10.25
CA CYS H 79 -14.58 -71.18 -10.58
C CYS H 79 -14.03 -71.85 -11.84
N THR H 80 -14.49 -73.05 -12.20
CA THR H 80 -14.11 -73.67 -13.46
C THR H 80 -14.70 -72.98 -14.71
N GLN H 81 -15.69 -72.12 -14.54
CA GLN H 81 -16.36 -71.45 -15.66
C GLN H 81 -16.32 -69.91 -15.69
N SER H 82 -15.84 -69.28 -14.62
CA SER H 82 -15.80 -67.83 -14.51
C SER H 82 -14.55 -67.24 -13.77
N VAL H 83 -14.23 -65.98 -14.10
CA VAL H 83 -13.27 -65.14 -13.38
C VAL H 83 -13.95 -64.15 -12.50
N LEU H 84 -15.30 -64.18 -12.42
CA LEU H 84 -16.03 -63.25 -11.61
C LEU H 84 -16.36 -63.88 -10.22
N PRO H 85 -16.57 -63.05 -9.21
CA PRO H 85 -16.91 -63.61 -7.93
C PRO H 85 -18.32 -64.18 -7.89
N ILE H 86 -18.52 -65.12 -6.95
CA ILE H 86 -19.79 -65.67 -6.58
C ILE H 86 -19.93 -65.40 -5.10
N PHE H 87 -20.97 -64.69 -4.74
CA PHE H 87 -21.31 -64.50 -3.37
C PHE H 87 -22.08 -65.72 -2.87
N TRP H 88 -22.00 -65.94 -1.56
CA TRP H 88 -22.51 -67.12 -0.90
C TRP H 88 -23.98 -66.86 -0.58
N GLU H 89 -24.89 -67.50 -1.30
CA GLU H 89 -26.34 -67.22 -1.14
C GLU H 89 -27.16 -68.50 -1.34
N PRO H 90 -28.37 -68.59 -0.72
CA PRO H 90 -29.29 -69.75 -0.90
C PRO H 90 -29.47 -70.21 -2.32
N SER H 91 -29.50 -69.26 -3.26
CA SER H 91 -29.71 -69.55 -4.68
C SER H 91 -28.64 -70.45 -5.34
N ILE H 92 -27.40 -70.49 -4.79
CA ILE H 92 -26.31 -71.30 -5.40
C ILE H 92 -26.34 -72.81 -5.01
N TYR H 93 -27.03 -73.17 -3.90
CA TYR H 93 -27.23 -74.56 -3.42
C TYR H 93 -28.55 -75.20 -3.96
N GLN H 94 -28.45 -75.88 -5.10
CA GLN H 94 -29.61 -76.33 -5.90
C GLN H 94 -30.05 -77.79 -5.70
N THR H 95 -29.56 -78.45 -4.66
CA THR H 95 -29.57 -79.90 -4.61
C THR H 95 -29.58 -80.41 -3.16
N ARG H 96 -29.56 -81.72 -3.01
CA ARG H 96 -29.71 -82.38 -1.70
C ARG H 96 -28.47 -82.23 -0.81
N LYS H 97 -27.34 -82.74 -1.29
CA LYS H 97 -26.09 -82.65 -0.55
C LYS H 97 -25.53 -81.17 -0.53
N GLN H 98 -26.04 -80.30 -1.40
CA GLN H 98 -25.69 -78.87 -1.35
C GLN H 98 -26.35 -78.16 -0.23
N HIS H 99 -27.54 -78.60 0.19
CA HIS H 99 -28.20 -77.96 1.35
C HIS H 99 -27.59 -78.47 2.68
N GLU H 100 -27.00 -79.66 2.62
CA GLU H 100 -26.20 -80.18 3.73
C GLU H 100 -24.96 -79.28 3.91
N PHE H 101 -24.26 -79.09 2.81
CA PHE H 101 -23.07 -78.20 2.75
C PHE H 101 -23.38 -76.81 3.32
N PHE H 102 -24.43 -76.16 2.81
CA PHE H 102 -24.85 -74.83 3.35
C PHE H 102 -25.08 -74.88 4.85
N GLU H 103 -25.78 -75.91 5.32
CA GLU H 103 -26.12 -76.04 6.76
C GLU H 103 -24.90 -76.24 7.64
N GLU H 104 -24.00 -77.09 7.20
CA GLU H 104 -22.82 -77.48 7.96
C GLU H 104 -21.76 -76.37 7.87
N ALA H 105 -21.64 -75.72 6.70
CA ALA H 105 -20.81 -74.52 6.57
C ALA H 105 -21.28 -73.49 7.53
N SER H 106 -22.59 -73.27 7.53
CA SER H 106 -23.19 -72.30 8.43
C SER H 106 -23.00 -72.63 9.92
N ALA H 107 -23.05 -73.93 10.28
CA ALA H 107 -22.86 -74.37 11.66
C ALA H 107 -21.47 -74.01 12.13
N ALA H 108 -20.49 -74.17 11.24
CA ALA H 108 -19.14 -73.76 11.56
C ALA H 108 -18.89 -72.25 11.32
N GLY H 109 -19.94 -71.39 11.30
CA GLY H 109 -19.79 -69.92 11.31
C GLY H 109 -19.51 -69.20 10.00
N LEU H 110 -19.68 -69.92 8.89
CA LEU H 110 -19.36 -69.44 7.57
C LEU H 110 -20.67 -69.29 6.74
N VAL H 111 -21.32 -68.15 6.97
CA VAL H 111 -22.65 -67.83 6.42
C VAL H 111 -22.57 -66.92 5.20
N TYR H 112 -21.97 -65.74 5.42
CA TYR H 112 -21.86 -64.69 4.41
C TYR H 112 -20.47 -64.55 3.94
N GLY H 113 -20.33 -64.28 2.66
CA GLY H 113 -19.01 -64.14 2.07
C GLY H 113 -19.01 -64.25 0.59
N LEU H 114 -17.83 -64.39 0.01
CA LEU H 114 -17.72 -64.58 -1.38
C LEU H 114 -16.54 -65.44 -1.72
N THR H 115 -16.54 -65.93 -2.93
CA THR H 115 -15.41 -66.65 -3.49
C THR H 115 -15.00 -65.98 -4.82
N MET H 116 -13.74 -65.55 -4.89
CA MET H 116 -13.13 -64.98 -6.09
CA MET H 116 -13.16 -64.99 -6.10
C MET H 116 -12.38 -66.09 -6.80
N PRO H 117 -12.84 -66.50 -7.98
CA PRO H 117 -12.04 -67.44 -8.77
C PRO H 117 -10.64 -66.93 -9.05
N LEU H 118 -9.68 -67.88 -9.12
CA LEU H 118 -8.29 -67.57 -9.46
C LEU H 118 -7.90 -68.37 -10.73
N HIS H 119 -7.46 -67.66 -11.75
CA HIS H 119 -7.06 -68.24 -13.03
C HIS H 119 -5.72 -67.67 -13.33
N GLY H 120 -4.68 -68.42 -12.99
CA GLY H 120 -3.29 -67.97 -13.19
C GLY H 120 -2.76 -67.95 -14.60
N ALA H 121 -1.69 -67.21 -14.80
CA ALA H 121 -1.05 -67.06 -16.11
C ALA H 121 -0.48 -68.38 -16.64
N ARG H 122 -0.11 -69.31 -15.76
CA ARG H 122 0.36 -70.64 -16.23
C ARG H 122 -0.69 -71.78 -16.10
N GLY H 123 -1.96 -71.41 -16.22
CA GLY H 123 -3.07 -72.31 -16.00
C GLY H 123 -3.42 -72.75 -14.58
N GLU H 124 -2.89 -72.10 -13.55
CA GLU H 124 -3.21 -72.44 -12.19
C GLU H 124 -4.70 -72.20 -11.97
N LEU H 125 -5.32 -73.04 -11.14
CA LEU H 125 -6.75 -72.93 -10.83
C LEU H 125 -6.94 -72.78 -9.35
N GLY H 126 -7.68 -71.75 -8.90
CA GLY H 126 -7.85 -71.56 -7.51
C GLY H 126 -9.05 -70.72 -7.09
N ALA H 127 -9.07 -70.35 -5.82
CA ALA H 127 -10.09 -69.52 -5.22
C ALA H 127 -9.57 -68.79 -3.97
N LEU H 128 -9.96 -67.55 -3.83
CA LEU H 128 -9.78 -66.88 -2.57
C LEU H 128 -11.20 -66.69 -2.08
N SER H 129 -11.50 -67.35 -0.96
CA SER H 129 -12.82 -67.30 -0.31
C SER H 129 -12.70 -66.54 0.98
N LEU H 130 -13.67 -65.64 1.22
CA LEU H 130 -13.67 -64.81 2.40
C LEU H 130 -15.05 -64.72 3.07
N SER H 131 -15.10 -64.93 4.38
CA SER H 131 -16.30 -64.77 5.14
C SER H 131 -16.32 -63.49 5.95
N VAL H 132 -17.50 -62.88 6.02
CA VAL H 132 -17.70 -61.62 6.79
C VAL H 132 -18.72 -61.92 7.88
N GLU H 133 -18.40 -61.52 9.09
CA GLU H 133 -19.39 -61.65 10.16
C GLU H 133 -20.36 -60.48 10.07
N ALA H 134 -21.64 -60.78 10.08
CA ALA H 134 -22.61 -59.73 9.99
C ALA H 134 -23.93 -60.12 10.63
N GLU H 135 -24.71 -59.11 11.02
CA GLU H 135 -26.06 -59.27 11.63
C GLU H 135 -27.07 -59.83 10.63
N ASN H 136 -26.95 -59.37 9.38
CA ASN H 136 -27.88 -59.76 8.31
C ASN H 136 -27.20 -59.69 6.94
N ARG H 137 -27.81 -60.30 5.93
CA ARG H 137 -27.30 -60.33 4.57
C ARG H 137 -27.20 -58.93 3.95
N ALA H 138 -28.21 -58.05 4.13
CA ALA H 138 -28.09 -56.64 3.65
C ALA H 138 -26.84 -55.95 4.16
N GLU H 139 -26.55 -56.14 5.43
CA GLU H 139 -25.36 -55.56 6.05
C GLU H 139 -24.10 -56.22 5.46
N ALA H 140 -24.08 -57.54 5.36
CA ALA H 140 -22.99 -58.29 4.76
C ALA H 140 -22.65 -57.74 3.39
N ASN H 141 -23.70 -57.56 2.59
CA ASN H 141 -23.57 -57.08 1.24
C ASN H 141 -22.95 -55.67 1.17
N ARG H 142 -23.38 -54.73 2.02
CA ARG H 142 -22.74 -53.41 2.14
C ARG H 142 -21.25 -53.48 2.54
N PHE H 143 -20.94 -54.34 3.52
CA PHE H 143 -19.56 -54.56 3.96
C PHE H 143 -18.72 -55.09 2.81
N MET H 144 -19.24 -56.03 2.06
CA MET H 144 -18.46 -56.57 0.93
C MET H 144 -18.34 -55.60 -0.21
N GLU H 145 -19.46 -54.96 -0.57
CA GLU H 145 -19.42 -53.91 -1.63
C GLU H 145 -18.43 -52.80 -1.35
N SER H 146 -18.35 -52.35 -0.10
CA SER H 146 -17.46 -51.24 0.28
C SER H 146 -15.98 -51.48 -0.04
N VAL H 147 -15.54 -52.76 -0.03
CA VAL H 147 -14.12 -53.18 -0.27
C VAL H 147 -13.87 -54.00 -1.55
N LEU H 148 -14.92 -54.24 -2.35
CA LEU H 148 -14.82 -55.08 -3.52
C LEU H 148 -13.68 -54.62 -4.51
N PRO H 149 -13.58 -53.32 -4.85
CA PRO H 149 -12.43 -52.96 -5.73
C PRO H 149 -11.03 -53.23 -5.17
N THR H 150 -10.84 -53.05 -3.85
CA THR H 150 -9.60 -53.44 -3.18
C THR H 150 -9.38 -54.98 -3.19
N LEU H 151 -10.41 -55.74 -2.86
CA LEU H 151 -10.39 -57.17 -2.95
C LEU H 151 -10.08 -57.69 -4.33
N TRP H 152 -10.60 -57.00 -5.36
CA TRP H 152 -10.41 -57.42 -6.73
C TRP H 152 -8.93 -57.33 -7.13
N MET H 153 -8.25 -56.27 -6.65
CA MET H 153 -6.79 -56.15 -6.85
C MET H 153 -6.05 -57.19 -6.00
N LEU H 154 -6.50 -57.32 -4.75
CA LEU H 154 -5.92 -58.29 -3.81
C LEU H 154 -5.86 -59.72 -4.36
N LYS H 155 -7.00 -60.22 -4.88
CA LYS H 155 -7.13 -61.56 -5.43
C LYS H 155 -6.03 -61.81 -6.40
N ASP H 156 -5.77 -60.84 -7.28
CA ASP H 156 -4.75 -60.98 -8.33
C ASP H 156 -3.30 -60.90 -7.79
N TYR H 157 -3.05 -59.99 -6.90
CA TYR H 157 -1.76 -59.98 -6.18
C TYR H 157 -1.49 -61.30 -5.39
N ALA H 158 -2.52 -61.83 -4.74
CA ALA H 158 -2.42 -63.08 -4.03
C ALA H 158 -2.16 -64.22 -4.98
N LEU H 159 -2.81 -64.17 -6.15
CA LEU H 159 -2.67 -65.20 -7.15
C LEU H 159 -1.21 -65.24 -7.66
N GLN H 160 -0.69 -64.06 -8.03
CA GLN H 160 0.65 -63.98 -8.64
C GLN H 160 1.73 -64.37 -7.64
N SER H 161 1.63 -63.84 -6.43
CA SER H 161 2.64 -64.07 -5.41
C SER H 161 2.54 -65.45 -4.87
N GLY H 162 1.29 -65.92 -4.71
CA GLY H 162 1.01 -67.18 -4.09
C GLY H 162 1.35 -68.33 -5.00
N ALA H 163 1.04 -68.18 -6.30
CA ALA H 163 1.57 -69.12 -7.28
C ALA H 163 3.10 -69.28 -7.20
N GLY H 164 3.82 -68.14 -7.18
CA GLY H 164 5.29 -68.07 -7.00
C GLY H 164 5.77 -68.84 -5.75
N LEU H 165 5.16 -68.56 -4.61
CA LEU H 165 5.38 -69.36 -3.37
C LEU H 165 5.04 -70.86 -3.43
N ALA H 166 3.86 -71.24 -3.95
CA ALA H 166 3.48 -72.64 -3.99
C ALA H 166 4.34 -73.53 -4.91
N PHE H 167 4.65 -72.98 -6.09
CA PHE H 167 5.07 -73.77 -7.26
C PHE H 167 6.46 -73.41 -7.83
N GLU H 168 7.06 -72.27 -7.41
CA GLU H 168 8.28 -71.81 -8.09
C GLU H 168 9.55 -71.68 -7.25
N PHE I 7 15.93 36.04 17.10
CA PHE I 7 17.05 36.99 17.09
C PHE I 7 17.95 36.91 15.80
N LEU I 8 18.22 35.69 15.25
CA LEU I 8 19.07 35.50 14.03
C LEU I 8 18.46 35.13 12.61
N GLU I 9 17.86 36.17 12.05
CA GLU I 9 17.86 36.41 10.62
C GLU I 9 19.26 36.07 10.08
N LEU I 10 20.30 36.54 10.78
CA LEU I 10 21.73 36.33 10.39
C LEU I 10 22.10 34.86 10.08
N GLU I 11 21.72 33.94 10.97
CA GLU I 11 22.03 32.51 10.78
C GLU I 11 21.30 31.88 9.56
N ARG I 12 20.12 32.43 9.19
CA ARG I 12 19.31 31.91 8.10
C ARG I 12 19.58 32.60 6.83
N SER I 13 20.26 33.74 6.90
CA SER I 13 20.53 34.57 5.76
C SER I 13 21.35 33.78 4.74
N SER I 14 21.21 34.19 3.48
CA SER I 14 21.85 33.52 2.37
C SER I 14 23.36 33.61 2.47
N GLY I 15 23.91 34.69 1.94
CA GLY I 15 25.39 34.85 1.79
C GLY I 15 25.75 36.25 2.32
N LYS I 16 26.89 36.80 1.89
CA LYS I 16 27.47 37.99 2.53
C LYS I 16 26.60 39.25 2.41
N LEU I 17 25.95 39.49 1.25
CA LEU I 17 25.09 40.67 1.06
C LEU I 17 23.94 40.74 2.04
N GLU I 18 23.23 39.64 2.19
CA GLU I 18 22.10 39.63 3.13
C GLU I 18 22.58 39.74 4.59
N TRP I 19 23.67 39.08 4.93
CA TRP I 19 24.20 39.08 6.31
C TRP I 19 24.58 40.54 6.66
N SER I 20 25.31 41.18 5.73
CA SER I 20 25.78 42.56 5.87
CA SER I 20 25.78 42.56 5.87
C SER I 20 24.59 43.50 5.99
N ALA I 21 23.51 43.26 5.23
CA ALA I 21 22.31 44.09 5.37
C ALA I 21 21.63 43.94 6.73
N ILE I 22 21.52 42.68 7.19
CA ILE I 22 20.92 42.41 8.49
C ILE I 22 21.79 43.10 9.61
N LEU I 23 23.07 42.87 9.60
CA LEU I 23 23.93 43.46 10.68
C LEU I 23 23.91 44.99 10.68
N GLN I 24 23.99 45.60 9.49
CA GLN I 24 23.85 47.08 9.37
C GLN I 24 22.53 47.66 9.92
N LYS I 25 21.44 46.95 9.67
CA LYS I 25 20.17 47.39 10.15
C LYS I 25 20.02 47.27 11.68
N MET I 26 20.52 46.17 12.26
CA MET I 26 20.63 46.01 13.71
C MET I 26 21.42 47.18 14.33
N ALA I 27 22.57 47.51 13.75
CA ALA I 27 23.37 48.62 14.21
C ALA I 27 22.64 49.95 14.08
N SER I 28 22.03 50.18 12.94
CA SER I 28 21.28 51.41 12.66
C SER I 28 20.07 51.55 13.63
N ASP I 29 19.31 50.47 13.79
CA ASP I 29 18.22 50.42 14.76
C ASP I 29 18.71 50.72 16.17
N LEU I 30 19.93 50.29 16.51
CA LEU I 30 20.49 50.67 17.79
C LEU I 30 20.91 52.15 17.90
N GLY I 31 21.05 52.84 16.77
CA GLY I 31 21.46 54.21 16.72
C GLY I 31 22.84 54.49 16.15
N PHE I 32 23.51 53.51 15.54
CA PHE I 32 24.80 53.71 14.87
C PHE I 32 24.68 53.69 13.36
N SER I 33 25.08 54.78 12.70
CA SER I 33 25.01 54.84 11.22
C SER I 33 26.02 54.05 10.46
N LYS I 34 27.21 53.88 10.97
CA LYS I 34 28.26 53.15 10.24
C LYS I 34 28.87 52.02 11.08
N ILE I 35 29.11 50.90 10.44
CA ILE I 35 29.81 49.78 11.09
C ILE I 35 30.83 49.12 10.18
N LEU I 36 31.82 48.53 10.83
CA LEU I 36 32.75 47.60 10.15
C LEU I 36 32.93 46.36 11.05
N PHE I 37 32.60 45.18 10.52
CA PHE I 37 32.90 43.87 11.14
C PHE I 37 34.07 43.32 10.35
N GLY I 38 35.20 43.17 11.01
CA GLY I 38 36.40 42.56 10.48
C GLY I 38 36.88 41.28 11.19
N LEU I 39 37.38 40.32 10.40
CA LEU I 39 37.71 39.05 10.96
C LEU I 39 38.85 38.40 10.21
N LEU I 40 39.85 37.96 11.00
CA LEU I 40 40.95 37.16 10.55
C LEU I 40 40.92 35.76 11.03
N PRO I 41 41.49 34.84 10.22
CA PRO I 41 41.51 33.46 10.68
C PRO I 41 42.67 33.25 11.67
N LYS I 42 42.68 32.09 12.34
CA LYS I 42 43.66 31.82 13.43
C LYS I 42 45.09 32.01 12.94
N ASP I 43 45.89 32.75 13.71
CA ASP I 43 47.31 33.00 13.42
C ASP I 43 47.62 34.05 12.34
N SER I 44 46.64 34.55 11.59
CA SER I 44 46.90 35.56 10.56
C SER I 44 47.02 36.97 11.21
N GLN I 45 48.02 37.75 10.77
CA GLN I 45 47.99 39.22 10.92
C GLN I 45 47.93 39.88 9.56
N ASP I 46 47.20 39.29 8.62
CA ASP I 46 47.05 39.82 7.28
C ASP I 46 45.83 40.75 7.18
N TYR I 47 45.91 41.90 7.83
CA TYR I 47 44.78 42.81 7.94
C TYR I 47 44.32 43.39 6.59
N GLU I 48 45.19 43.36 5.58
CA GLU I 48 44.82 43.87 4.26
C GLU I 48 43.87 42.90 3.56
N ASN I 49 43.86 41.63 3.99
CA ASN I 49 43.02 40.55 3.43
C ASN I 49 42.03 39.96 4.44
N ALA I 50 41.75 40.74 5.47
CA ALA I 50 40.78 40.40 6.49
C ALA I 50 39.41 40.25 5.84
N PHE I 51 38.57 39.35 6.34
CA PHE I 51 37.16 39.34 5.99
C PHE I 51 36.44 40.59 6.54
N ILE I 52 35.78 41.36 5.69
CA ILE I 52 35.23 42.70 6.09
C ILE I 52 33.79 42.90 5.66
N VAL I 53 32.92 43.32 6.59
CA VAL I 53 31.54 43.58 6.29
C VAL I 53 31.22 44.99 6.78
N GLY I 54 30.39 45.71 6.03
CA GLY I 54 29.78 46.87 6.54
C GLY I 54 29.66 47.98 5.56
N ASN I 55 29.49 49.19 6.10
CA ASN I 55 29.15 50.35 5.31
C ASN I 55 30.03 51.52 5.52
N TYR I 56 31.24 51.27 6.00
CA TYR I 56 32.23 52.33 6.02
C TYR I 56 32.34 52.80 4.56
N PRO I 57 32.60 54.10 4.34
CA PRO I 57 32.85 54.54 2.94
C PRO I 57 33.95 53.73 2.23
N ALA I 58 33.74 53.41 0.96
CA ALA I 58 34.69 52.61 0.21
C ALA I 58 36.08 53.21 0.13
N ALA I 59 36.13 54.51 -0.06
CA ALA I 59 37.34 55.19 -0.29
C ALA I 59 38.17 55.27 1.01
N TRP I 60 37.49 55.32 2.15
CA TRP I 60 38.18 55.16 3.43
C TRP I 60 38.76 53.74 3.69
N ARG I 61 37.98 52.70 3.37
CA ARG I 61 38.52 51.36 3.50
C ARG I 61 39.74 51.15 2.58
N GLU I 62 39.68 51.67 1.34
CA GLU I 62 40.85 51.67 0.47
C GLU I 62 42.03 52.44 1.05
N HIS I 63 41.80 53.66 1.52
CA HIS I 63 42.90 54.48 2.01
C HIS I 63 43.55 53.76 3.21
N TYR I 64 42.70 53.19 4.04
CA TYR I 64 43.15 52.39 5.23
C TYR I 64 44.13 51.32 4.86
N ASP I 65 43.83 50.56 3.83
CA ASP I 65 44.77 49.55 3.36
C ASP I 65 46.03 50.16 2.76
N ARG I 66 45.88 51.05 1.75
CA ARG I 66 47.04 51.68 1.08
C ARG I 66 47.96 52.38 2.07
N ALA I 67 47.39 53.17 2.99
CA ALA I 67 48.22 53.76 4.08
C ALA I 67 48.76 52.75 5.13
N GLY I 68 48.27 51.51 5.12
CA GLY I 68 48.62 50.47 6.11
C GLY I 68 48.30 50.90 7.54
N TYR I 69 47.10 51.40 7.74
CA TYR I 69 46.77 51.99 9.01
C TYR I 69 46.58 50.92 10.12
N ALA I 70 46.55 49.64 9.80
CA ALA I 70 46.56 48.61 10.82
C ALA I 70 47.76 48.71 11.81
N ARG I 71 48.86 49.31 11.34
CA ARG I 71 50.03 49.57 12.18
C ARG I 71 49.94 50.82 12.97
N VAL I 72 48.96 51.66 12.70
CA VAL I 72 48.81 52.93 13.40
C VAL I 72 47.56 52.96 14.32
N ASP I 73 46.41 52.54 13.74
CA ASP I 73 45.07 52.53 14.40
C ASP I 73 45.24 51.90 15.79
N PRO I 74 45.08 52.67 16.89
CA PRO I 74 45.20 52.23 18.30
C PRO I 74 44.28 51.05 18.65
N THR I 75 43.18 50.89 17.92
CA THR I 75 42.31 49.73 18.20
C THR I 75 42.82 48.38 17.81
N VAL I 76 43.74 48.30 16.84
CA VAL I 76 44.27 47.01 16.46
C VAL I 76 45.14 46.44 17.57
N SER I 77 46.06 47.23 18.16
CA SER I 77 46.89 46.75 19.25
CA SER I 77 46.89 46.74 19.25
C SER I 77 46.02 46.32 20.43
N HIS I 78 45.06 47.18 20.79
CA HIS I 78 44.08 46.85 21.84
C HIS I 78 43.40 45.50 21.63
N CYS I 79 42.89 45.22 20.44
CA CYS I 79 42.18 43.98 20.24
C CYS I 79 43.08 42.75 20.40
N THR I 80 44.39 42.85 20.15
CA THR I 80 45.29 41.67 20.34
C THR I 80 45.50 41.43 21.83
N GLN I 81 45.18 42.39 22.70
CA GLN I 81 45.44 42.26 24.14
C GLN I 81 44.18 42.07 25.04
N SER I 82 42.98 42.35 24.52
CA SER I 82 41.80 42.46 25.36
C SER I 82 40.54 42.00 24.67
N VAL I 83 39.57 41.65 25.49
CA VAL I 83 38.20 41.39 25.12
C VAL I 83 37.30 42.55 25.45
N LEU I 84 37.85 43.64 25.98
CA LEU I 84 37.02 44.77 26.35
C LEU I 84 36.97 45.82 25.24
N PRO I 85 35.85 46.58 25.16
CA PRO I 85 35.76 47.61 24.19
C PRO I 85 36.76 48.71 24.38
N ILE I 86 37.15 49.28 23.29
CA ILE I 86 37.93 50.50 23.31
C ILE I 86 37.08 51.58 22.64
N PHE I 87 36.68 52.58 23.42
CA PHE I 87 35.99 53.80 22.96
C PHE I 87 36.99 54.69 22.24
N TRP I 88 36.53 55.35 21.18
CA TRP I 88 37.36 56.26 20.43
C TRP I 88 37.53 57.64 21.16
N GLU I 89 38.15 57.54 22.33
CA GLU I 89 38.44 58.66 23.20
C GLU I 89 39.67 59.41 22.70
N PRO I 90 39.71 60.74 22.90
CA PRO I 90 40.87 61.41 22.41
C PRO I 90 42.21 60.85 22.96
N SER I 91 42.22 60.29 24.16
CA SER I 91 43.51 59.75 24.68
C SER I 91 44.06 58.48 24.01
N ILE I 92 43.28 57.79 23.18
CA ILE I 92 43.86 56.61 22.46
C ILE I 92 44.73 57.02 21.26
N TYR I 93 44.54 58.26 20.77
CA TYR I 93 45.35 58.83 19.73
C TYR I 93 46.54 59.61 20.37
N GLN I 94 47.67 58.93 20.44
CA GLN I 94 48.81 59.28 21.29
C GLN I 94 49.94 59.88 20.47
N THR I 95 50.39 59.11 19.44
CA THR I 95 51.48 59.46 18.54
C THR I 95 50.98 60.48 17.48
N ARG I 96 51.92 61.14 16.80
CA ARG I 96 51.55 62.06 15.73
C ARG I 96 50.90 61.29 14.54
N LYS I 97 51.35 60.10 14.23
CA LYS I 97 50.68 59.28 13.23
C LYS I 97 49.22 58.88 13.58
N GLN I 98 48.95 58.77 14.86
CA GLN I 98 47.60 58.46 15.32
C GLN I 98 46.70 59.69 15.27
N HIS I 99 47.33 60.86 15.42
CA HIS I 99 46.60 62.08 15.22
C HIS I 99 46.20 62.22 13.76
N GLU I 100 47.09 61.85 12.85
CA GLU I 100 46.79 61.93 11.41
C GLU I 100 45.69 60.89 11.08
N PHE I 101 45.78 59.69 11.65
CA PHE I 101 44.71 58.68 11.49
C PHE I 101 43.36 59.23 12.00
N PHE I 102 43.38 59.91 13.14
CA PHE I 102 42.14 60.51 13.68
C PHE I 102 41.51 61.52 12.74
N GLU I 103 42.35 62.46 12.25
CA GLU I 103 41.91 63.48 11.28
C GLU I 103 41.28 62.84 10.03
N GLU I 104 41.97 61.84 9.50
CA GLU I 104 41.57 61.19 8.21
C GLU I 104 40.31 60.37 8.39
N ALA I 105 40.17 59.66 9.51
CA ALA I 105 38.92 58.94 9.81
C ALA I 105 37.81 59.96 10.04
N SER I 106 38.12 61.05 10.76
CA SER I 106 37.12 62.07 10.95
C SER I 106 36.59 62.66 9.58
N ALA I 107 37.49 62.85 8.62
CA ALA I 107 37.15 63.31 7.25
C ALA I 107 36.16 62.38 6.58
N ALA I 108 36.25 61.07 6.88
CA ALA I 108 35.27 60.04 6.38
C ALA I 108 33.98 59.98 7.19
N GLY I 109 33.81 60.87 8.12
CA GLY I 109 32.65 60.81 9.00
C GLY I 109 32.75 59.82 10.15
N LEU I 110 33.94 59.33 10.41
CA LEU I 110 34.13 58.35 11.49
C LEU I 110 34.91 59.05 12.65
N VAL I 111 34.15 59.73 13.52
CA VAL I 111 34.79 60.43 14.64
C VAL I 111 34.44 59.86 16.02
N TYR I 112 33.15 59.60 16.28
CA TYR I 112 32.68 59.04 17.51
C TYR I 112 32.35 57.58 17.33
N GLY I 113 32.60 56.83 18.36
CA GLY I 113 32.41 55.38 18.31
C GLY I 113 33.16 54.54 19.30
N LEU I 114 33.10 53.21 19.03
CA LEU I 114 33.89 52.24 19.76
C LEU I 114 34.22 51.03 18.90
N THR I 115 35.20 50.27 19.33
CA THR I 115 35.62 49.04 18.68
C THR I 115 35.59 47.88 19.70
N MET I 116 34.77 46.84 19.42
CA MET I 116 34.60 45.73 20.32
C MET I 116 35.52 44.68 19.77
N PRO I 117 36.54 44.26 20.52
CA PRO I 117 37.39 43.08 20.06
C PRO I 117 36.57 41.81 19.91
N LEU I 118 36.92 40.99 18.91
CA LEU I 118 36.26 39.68 18.71
C LEU I 118 37.31 38.60 18.87
N HIS I 119 37.07 37.60 19.71
CA HIS I 119 38.00 36.48 19.77
C HIS I 119 37.16 35.24 19.73
N GLY I 120 37.24 34.54 18.62
CA GLY I 120 36.33 33.41 18.42
C GLY I 120 36.87 32.10 18.98
N ALA I 121 36.00 31.12 18.99
CA ALA I 121 36.26 29.84 19.62
C ALA I 121 37.31 28.99 18.89
N ARG I 122 37.60 29.29 17.61
CA ARG I 122 38.67 28.60 16.84
C ARG I 122 39.84 29.48 16.54
N GLY I 123 40.07 30.50 17.40
CA GLY I 123 41.22 31.40 17.28
C GLY I 123 41.03 32.60 16.33
N GLU I 124 39.84 32.81 15.80
CA GLU I 124 39.56 33.93 14.95
C GLU I 124 39.82 35.22 15.76
N LEU I 125 40.40 36.22 15.08
CA LEU I 125 40.69 37.53 15.67
C LEU I 125 39.94 38.58 14.87
N GLY I 126 39.24 39.47 15.55
CA GLY I 126 38.42 40.41 14.82
C GLY I 126 38.06 41.61 15.61
N ALA I 127 37.19 42.42 14.96
CA ALA I 127 36.64 43.63 15.57
C ALA I 127 35.30 43.95 15.01
N LEU I 128 34.40 44.45 15.88
CA LEU I 128 33.20 45.13 15.45
C LEU I 128 33.29 46.58 15.88
N SER I 129 33.40 47.44 14.90
CA SER I 129 33.49 48.92 15.13
C SER I 129 32.17 49.57 14.77
N LEU I 130 31.71 50.47 15.61
CA LEU I 130 30.41 51.10 15.40
C LEU I 130 30.62 52.58 15.62
N SER I 131 30.12 53.38 14.68
CA SER I 131 30.24 54.84 14.76
CA SER I 131 30.24 54.84 14.80
C SER I 131 28.89 55.46 14.98
N VAL I 132 28.84 56.52 15.77
CA VAL I 132 27.60 57.25 16.00
C VAL I 132 27.82 58.68 15.54
N GLU I 133 26.77 59.21 14.90
CA GLU I 133 26.69 60.63 14.59
C GLU I 133 26.17 61.37 15.82
N ALA I 134 26.84 62.48 16.15
CA ALA I 134 26.47 63.27 17.32
C ALA I 134 27.06 64.66 17.22
N GLU I 135 26.50 65.58 17.98
CA GLU I 135 26.93 66.96 18.00
C GLU I 135 28.29 67.16 18.64
N ASN I 136 28.64 66.31 19.59
CA ASN I 136 29.89 66.39 20.28
C ASN I 136 30.14 65.08 20.98
N ARG I 137 31.35 64.91 21.48
CA ARG I 137 31.74 63.64 22.11
C ARG I 137 30.99 63.31 23.43
N ALA I 138 30.65 64.34 24.21
CA ALA I 138 29.88 64.09 25.43
C ALA I 138 28.53 63.46 25.06
N GLU I 139 27.87 63.98 24.02
CA GLU I 139 26.57 63.42 23.57
C GLU I 139 26.80 61.96 23.09
N ALA I 140 27.91 61.77 22.39
CA ALA I 140 28.16 60.45 21.81
C ALA I 140 28.28 59.44 22.95
N ASN I 141 29.02 59.82 24.01
CA ASN I 141 29.29 58.92 25.13
C ASN I 141 28.05 58.60 25.97
N ARG I 142 27.22 59.58 26.27
CA ARG I 142 25.91 59.30 26.89
C ARG I 142 25.12 58.26 26.09
N PHE I 143 25.07 58.43 24.77
CA PHE I 143 24.36 57.48 23.94
C PHE I 143 24.98 56.04 23.97
N MET I 144 26.28 55.94 23.69
CA MET I 144 26.95 54.65 23.67
C MET I 144 26.85 53.98 25.04
N GLU I 145 27.01 54.72 26.15
CA GLU I 145 26.77 54.10 27.48
C GLU I 145 25.32 53.58 27.64
N SER I 146 24.36 54.24 27.04
CA SER I 146 22.97 53.87 27.16
C SER I 146 22.65 52.58 26.45
N VAL I 147 23.43 52.23 25.44
CA VAL I 147 23.21 51.05 24.62
C VAL I 147 24.26 49.97 24.78
N LEU I 148 25.20 50.17 25.67
CA LEU I 148 26.37 49.31 25.74
C LEU I 148 26.06 47.83 26.03
N PRO I 149 25.14 47.54 26.97
CA PRO I 149 24.81 46.13 27.27
C PRO I 149 24.23 45.40 26.06
N THR I 150 23.52 46.10 25.18
CA THR I 150 22.99 45.49 23.93
C THR I 150 24.09 45.25 22.95
N LEU I 151 24.93 46.25 22.83
CA LEU I 151 26.04 46.16 21.94
C LEU I 151 27.04 45.01 22.33
N TRP I 152 27.26 44.83 23.61
CA TRP I 152 28.13 43.81 24.10
C TRP I 152 27.62 42.39 23.77
N MET I 153 26.33 42.16 23.84
CA MET I 153 25.82 40.88 23.36
C MET I 153 25.87 40.82 21.85
N LEU I 154 25.49 41.91 21.15
CA LEU I 154 25.52 41.93 19.69
C LEU I 154 26.85 41.43 19.13
N LYS I 155 27.95 41.97 19.65
CA LYS I 155 29.27 41.63 19.09
C LYS I 155 29.51 40.11 19.14
N ASP I 156 29.08 39.41 20.20
CA ASP I 156 29.30 37.98 20.22
C ASP I 156 28.41 37.22 19.24
N TYR I 157 27.15 37.62 19.10
CA TYR I 157 26.24 37.02 18.10
C TYR I 157 26.80 37.21 16.68
N ALA I 158 27.38 38.38 16.45
CA ALA I 158 27.90 38.75 15.16
C ALA I 158 29.15 37.93 14.87
N LEU I 159 30.02 37.80 15.87
CA LEU I 159 31.21 36.98 15.78
C LEU I 159 30.81 35.52 15.49
N GLN I 160 29.87 34.96 16.24
CA GLN I 160 29.61 33.53 16.13
C GLN I 160 29.03 33.26 14.73
N SER I 161 28.05 34.05 14.32
CA SER I 161 27.46 33.90 12.95
C SER I 161 28.46 34.22 11.84
N GLY I 162 29.17 35.36 11.99
CA GLY I 162 30.10 35.86 10.99
C GLY I 162 31.33 35.00 10.77
N ALA I 163 31.80 34.33 11.84
CA ALA I 163 32.96 33.42 11.72
C ALA I 163 32.68 32.26 10.80
N GLY I 164 31.44 31.78 10.83
CA GLY I 164 30.98 30.71 10.01
C GLY I 164 30.81 31.17 8.57
N LEU I 165 30.19 32.32 8.38
CA LEU I 165 30.13 32.92 7.05
C LEU I 165 31.52 33.12 6.41
N ALA I 166 32.50 33.58 7.19
CA ALA I 166 33.79 34.01 6.68
C ALA I 166 34.73 32.84 6.32
N PHE I 167 34.78 31.87 7.23
CA PHE I 167 35.70 30.72 7.20
C PHE I 167 34.76 29.50 7.23
N GLU I 168 35.21 28.28 6.94
CA GLU I 168 34.23 27.14 7.03
C GLU I 168 34.88 25.72 7.08
N GLY J 6 -23.48 -51.07 -14.40
CA GLY J 6 -22.69 -50.73 -15.64
C GLY J 6 -21.86 -51.91 -16.13
N PHE J 7 -21.19 -52.61 -15.19
CA PHE J 7 -20.33 -53.74 -15.59
C PHE J 7 -21.09 -54.91 -16.27
N LEU J 8 -22.29 -55.20 -15.81
CA LEU J 8 -23.06 -56.29 -16.43
C LEU J 8 -23.41 -56.00 -17.91
N GLU J 9 -23.64 -54.73 -18.29
CA GLU J 9 -24.01 -54.35 -19.69
C GLU J 9 -23.11 -54.90 -20.83
N LEU J 10 -21.86 -55.28 -20.53
CA LEU J 10 -21.05 -56.04 -21.50
C LEU J 10 -21.71 -57.41 -21.77
N GLU J 11 -21.86 -58.22 -20.70
CA GLU J 11 -22.52 -59.56 -20.79
C GLU J 11 -23.95 -59.42 -21.38
N ARG J 12 -24.72 -58.45 -20.90
CA ARG J 12 -26.09 -58.18 -21.42
C ARG J 12 -26.23 -57.58 -22.84
N SER J 13 -25.14 -57.44 -23.58
CA SER J 13 -25.13 -56.68 -24.87
C SER J 13 -25.99 -57.42 -25.94
N SER J 14 -25.71 -57.24 -27.23
CA SER J 14 -26.34 -58.07 -28.29
C SER J 14 -25.36 -58.88 -29.15
N GLY J 15 -24.19 -58.31 -29.47
CA GLY J 15 -23.15 -58.93 -30.35
C GLY J 15 -21.86 -58.09 -30.32
N LYS J 16 -20.97 -58.26 -31.30
CA LYS J 16 -19.64 -57.62 -31.33
C LYS J 16 -19.67 -56.12 -31.57
N LEU J 17 -20.61 -55.66 -32.38
CA LEU J 17 -20.76 -54.22 -32.66
C LEU J 17 -21.07 -53.48 -31.39
N GLU J 18 -22.10 -53.95 -30.69
CA GLU J 18 -22.58 -53.24 -29.58
C GLU J 18 -21.62 -53.41 -28.41
N TRP J 19 -21.04 -54.59 -28.27
CA TRP J 19 -20.08 -54.88 -27.19
C TRP J 19 -18.90 -53.93 -27.29
N SER J 20 -18.38 -53.81 -28.50
CA SER J 20 -17.27 -52.94 -28.81
C SER J 20 -17.59 -51.50 -28.42
N ALA J 21 -18.81 -51.04 -28.76
CA ALA J 21 -19.26 -49.66 -28.44
C ALA J 21 -19.32 -49.43 -26.98
N ILE J 22 -19.83 -50.42 -26.25
CA ILE J 22 -20.03 -50.32 -24.82
C ILE J 22 -18.65 -50.29 -24.11
N LEU J 23 -17.74 -51.22 -24.45
CA LEU J 23 -16.41 -51.27 -23.79
C LEU J 23 -15.61 -49.96 -24.00
N GLN J 24 -15.50 -49.56 -25.28
CA GLN J 24 -14.94 -48.25 -25.69
C GLN J 24 -15.52 -47.06 -24.95
N LYS J 25 -16.83 -47.07 -24.75
CA LYS J 25 -17.50 -46.01 -24.03
C LYS J 25 -17.17 -46.03 -22.52
N MET J 26 -17.11 -47.23 -21.91
CA MET J 26 -16.67 -47.34 -20.49
C MET J 26 -15.25 -46.86 -20.32
N ALA J 27 -14.35 -47.28 -21.22
CA ALA J 27 -12.94 -46.79 -21.22
C ALA J 27 -12.87 -45.26 -21.29
N SER J 28 -13.56 -44.70 -22.27
CA SER J 28 -13.61 -43.23 -22.47
C SER J 28 -14.16 -42.45 -21.25
N ASP J 29 -15.20 -43.00 -20.63
CA ASP J 29 -15.80 -42.42 -19.41
C ASP J 29 -14.74 -42.45 -18.33
N LEU J 30 -13.89 -43.47 -18.34
CA LEU J 30 -12.82 -43.54 -17.35
C LEU J 30 -11.64 -42.61 -17.58
N GLY J 31 -11.56 -42.00 -18.76
CA GLY J 31 -10.50 -41.08 -19.14
C GLY J 31 -9.47 -41.64 -20.11
N PHE J 32 -9.69 -42.86 -20.65
CA PHE J 32 -8.83 -43.49 -21.67
C PHE J 32 -9.39 -43.24 -23.09
N SER J 33 -8.60 -42.61 -23.97
CA SER J 33 -9.04 -42.33 -25.35
C SER J 33 -8.87 -43.48 -26.34
N LYS J 34 -7.89 -44.36 -26.12
CA LYS J 34 -7.68 -45.49 -27.02
C LYS J 34 -7.57 -46.80 -26.23
N ILE J 35 -8.27 -47.84 -26.71
CA ILE J 35 -8.20 -49.16 -26.11
C ILE J 35 -8.13 -50.23 -27.19
N LEU J 36 -7.48 -51.32 -26.80
CA LEU J 36 -7.49 -52.55 -27.58
C LEU J 36 -7.68 -53.75 -26.63
N PHE J 37 -8.70 -54.57 -26.92
CA PHE J 37 -9.02 -55.80 -26.26
C PHE J 37 -8.67 -56.93 -27.23
N GLY J 38 -7.79 -57.81 -26.80
CA GLY J 38 -7.36 -58.96 -27.61
C GLY J 38 -7.57 -60.24 -26.86
N LEU J 39 -8.01 -61.29 -27.58
CA LEU J 39 -8.28 -62.53 -26.94
C LEU J 39 -8.06 -63.72 -27.90
N LEU J 40 -7.24 -64.66 -27.47
CA LEU J 40 -7.03 -65.98 -28.15
C LEU J 40 -7.65 -67.15 -27.43
N PRO J 41 -8.00 -68.22 -28.18
CA PRO J 41 -8.54 -69.41 -27.51
C PRO J 41 -7.40 -70.19 -26.86
N LYS J 42 -7.74 -71.18 -26.06
CA LYS J 42 -6.74 -71.93 -25.30
C LYS J 42 -5.62 -72.52 -26.20
N ASP J 43 -4.37 -72.37 -25.77
CA ASP J 43 -3.22 -72.92 -26.49
C ASP J 43 -2.94 -72.36 -27.88
N SER J 44 -3.45 -71.17 -28.22
CA SER J 44 -3.11 -70.51 -29.47
C SER J 44 -2.00 -69.46 -29.22
N GLN J 45 -1.01 -69.43 -30.11
CA GLN J 45 -0.03 -68.35 -30.15
C GLN J 45 -0.18 -67.50 -31.46
N ASP J 46 -1.38 -67.49 -32.05
CA ASP J 46 -1.69 -66.85 -33.35
C ASP J 46 -2.26 -65.39 -33.18
N TYR J 47 -1.41 -64.44 -32.71
CA TYR J 47 -1.85 -63.07 -32.27
C TYR J 47 -2.44 -62.22 -33.41
N GLU J 48 -1.99 -62.41 -34.66
CA GLU J 48 -2.60 -61.73 -35.82
C GLU J 48 -4.09 -62.20 -36.12
N ASN J 49 -4.46 -63.44 -35.74
CA ASN J 49 -5.88 -63.91 -35.83
C ASN J 49 -6.67 -63.95 -34.52
N ALA J 50 -6.30 -63.09 -33.58
CA ALA J 50 -7.02 -62.96 -32.32
C ALA J 50 -8.41 -62.34 -32.51
N PHE J 51 -9.35 -62.57 -31.58
CA PHE J 51 -10.52 -61.70 -31.45
C PHE J 51 -10.07 -60.31 -30.91
N ILE J 52 -10.11 -59.28 -31.76
CA ILE J 52 -9.69 -57.92 -31.37
C ILE J 52 -10.83 -56.90 -31.50
N VAL J 53 -10.89 -56.01 -30.52
CA VAL J 53 -11.92 -54.98 -30.39
C VAL J 53 -11.26 -53.71 -29.95
N GLY J 54 -11.72 -52.58 -30.46
CA GLY J 54 -11.22 -51.26 -29.94
C GLY J 54 -11.04 -50.19 -30.98
N ASN J 55 -10.30 -49.12 -30.64
CA ASN J 55 -10.17 -47.97 -31.52
C ASN J 55 -8.75 -47.51 -31.70
N TYR J 56 -7.77 -48.41 -31.55
CA TYR J 56 -6.44 -48.06 -31.99
C TYR J 56 -6.46 -47.57 -33.47
N PRO J 57 -5.63 -46.57 -33.85
CA PRO J 57 -5.64 -46.22 -35.27
C PRO J 57 -5.40 -47.45 -36.17
N ALA J 58 -6.21 -47.56 -37.25
CA ALA J 58 -6.19 -48.71 -38.13
C ALA J 58 -4.85 -48.92 -38.75
N ALA J 59 -4.17 -47.87 -39.16
CA ALA J 59 -2.83 -48.03 -39.71
C ALA J 59 -1.80 -48.59 -38.73
N TRP J 60 -1.99 -48.32 -37.44
CA TRP J 60 -1.10 -48.87 -36.41
C TRP J 60 -1.34 -50.38 -36.20
N ARG J 61 -2.60 -50.78 -36.12
CA ARG J 61 -2.92 -52.24 -36.10
C ARG J 61 -2.31 -52.99 -37.29
N GLU J 62 -2.43 -52.46 -38.51
CA GLU J 62 -1.81 -53.05 -39.68
C GLU J 62 -0.31 -53.14 -39.55
N HIS J 63 0.31 -52.05 -39.14
CA HIS J 63 1.75 -52.02 -38.98
C HIS J 63 2.22 -53.07 -37.96
N TYR J 64 1.46 -53.16 -36.86
CA TYR J 64 1.78 -54.07 -35.78
C TYR J 64 1.77 -55.52 -36.26
N ASP J 65 0.80 -55.95 -37.04
CA ASP J 65 0.89 -57.35 -37.54
C ASP J 65 1.84 -57.53 -38.74
N ARG J 66 1.97 -56.59 -39.66
CA ARG J 66 3.03 -56.68 -40.69
C ARG J 66 4.47 -56.74 -40.11
N ALA J 67 4.72 -55.98 -39.06
CA ALA J 67 6.06 -56.00 -38.43
C ALA J 67 6.32 -57.21 -37.48
N GLY J 68 5.32 -58.07 -37.30
CA GLY J 68 5.35 -59.20 -36.36
C GLY J 68 5.60 -58.73 -34.92
N TYR J 69 4.99 -57.60 -34.54
CA TYR J 69 5.33 -56.95 -33.24
C TYR J 69 4.91 -57.72 -32.02
N ALA J 70 3.93 -58.64 -32.17
CA ALA J 70 3.65 -59.68 -31.15
C ALA J 70 4.92 -60.39 -30.62
N ARG J 71 5.97 -60.47 -31.43
CA ARG J 71 7.23 -61.05 -30.96
C ARG J 71 8.18 -60.07 -30.32
N VAL J 72 7.84 -58.78 -30.33
CA VAL J 72 8.73 -57.72 -29.85
C VAL J 72 8.12 -57.04 -28.62
N ASP J 73 6.84 -56.70 -28.72
CA ASP J 73 6.10 -55.98 -27.73
C ASP J 73 6.34 -56.63 -26.35
N PRO J 74 7.03 -55.91 -25.43
CA PRO J 74 7.29 -56.54 -24.14
C PRO J 74 6.00 -56.88 -23.37
N THR J 75 4.85 -56.31 -23.71
CA THR J 75 3.64 -56.62 -22.97
C THR J 75 3.09 -58.05 -23.25
N VAL J 76 3.48 -58.63 -24.37
CA VAL J 76 3.03 -59.97 -24.74
C VAL J 76 3.69 -61.05 -23.89
N SER J 77 5.01 -61.04 -23.82
CA SER J 77 5.74 -61.94 -22.97
C SER J 77 5.21 -61.80 -21.55
N HIS J 78 5.03 -60.55 -21.10
CA HIS J 78 4.52 -60.27 -19.77
C HIS J 78 3.18 -60.94 -19.50
N CYS J 79 2.22 -60.79 -20.40
CA CYS J 79 0.90 -61.45 -20.24
C CYS J 79 0.96 -62.97 -20.14
N THR J 80 2.00 -63.61 -20.77
CA THR J 80 2.17 -65.09 -20.61
C THR J 80 2.68 -65.48 -19.20
N GLN J 81 3.31 -64.57 -18.49
CA GLN J 81 3.90 -64.85 -17.20
C GLN J 81 3.07 -64.31 -15.99
N SER J 82 2.10 -63.44 -16.21
CA SER J 82 1.52 -62.64 -15.08
C SER J 82 0.05 -62.31 -15.24
N VAL J 83 -0.62 -62.09 -14.08
CA VAL J 83 -2.01 -61.59 -14.04
C VAL J 83 -1.99 -60.12 -13.70
N LEU J 84 -0.83 -59.56 -13.37
CA LEU J 84 -0.77 -58.22 -12.94
C LEU J 84 -0.57 -57.28 -14.14
N PRO J 85 -0.99 -56.04 -14.01
CA PRO J 85 -0.75 -55.09 -15.09
C PRO J 85 0.69 -54.69 -15.34
N ILE J 86 0.96 -54.32 -16.59
CA ILE J 86 2.24 -53.77 -16.97
C ILE J 86 2.01 -52.38 -17.57
N PHE J 87 2.63 -51.42 -16.91
CA PHE J 87 2.49 -50.04 -17.29
C PHE J 87 3.53 -49.81 -18.36
N TRP J 88 3.21 -48.97 -19.31
CA TRP J 88 4.05 -48.67 -20.45
C TRP J 88 5.20 -47.70 -20.00
N GLU J 89 6.09 -48.19 -19.18
CA GLU J 89 7.19 -47.35 -18.59
C GLU J 89 8.44 -47.51 -19.48
N PRO J 90 9.28 -46.49 -19.59
CA PRO J 90 10.50 -46.72 -20.38
C PRO J 90 11.28 -48.01 -20.06
N SER J 91 11.27 -48.46 -18.79
CA SER J 91 12.04 -49.63 -18.38
C SER J 91 11.53 -51.00 -18.90
N ILE J 92 10.32 -51.06 -19.41
CA ILE J 92 9.87 -52.34 -19.98
C ILE J 92 10.45 -52.59 -21.39
N TYR J 93 11.00 -51.55 -22.02
CA TYR J 93 11.55 -51.66 -23.37
C TYR J 93 13.05 -51.75 -23.15
N GLN J 94 13.61 -52.95 -23.19
CA GLN J 94 15.02 -53.11 -22.82
C GLN J 94 15.98 -53.03 -24.02
N THR J 95 15.62 -53.75 -25.10
CA THR J 95 16.40 -53.84 -26.31
C THR J 95 16.09 -52.71 -27.31
N ARG J 96 16.97 -52.53 -28.30
CA ARG J 96 16.66 -51.59 -29.39
C ARG J 96 15.34 -51.93 -30.17
N LYS J 97 15.10 -53.21 -30.47
CA LYS J 97 13.90 -53.63 -31.22
C LYS J 97 12.62 -53.19 -30.42
N GLN J 98 12.66 -53.45 -29.12
CA GLN J 98 11.64 -53.03 -28.18
C GLN J 98 11.60 -51.51 -28.00
N HIS J 99 12.77 -50.85 -28.00
CA HIS J 99 12.80 -49.37 -28.05
C HIS J 99 12.07 -48.84 -29.31
N GLU J 100 12.32 -49.41 -30.48
CA GLU J 100 11.69 -48.84 -31.69
C GLU J 100 10.18 -49.17 -31.79
N PHE J 101 9.78 -50.26 -31.10
CA PHE J 101 8.36 -50.57 -30.92
C PHE J 101 7.71 -49.42 -30.15
N PHE J 102 8.33 -49.09 -29.00
CA PHE J 102 7.98 -47.90 -28.20
C PHE J 102 7.82 -46.63 -29.06
N GLU J 103 8.84 -46.30 -29.88
CA GLU J 103 8.81 -45.09 -30.71
C GLU J 103 7.69 -45.11 -31.75
N GLU J 104 7.46 -46.27 -32.32
CA GLU J 104 6.49 -46.42 -33.39
C GLU J 104 5.07 -46.31 -32.85
N ALA J 105 4.84 -46.89 -31.67
CA ALA J 105 3.53 -46.77 -31.00
C ALA J 105 3.32 -45.35 -30.62
N SER J 106 4.38 -44.72 -30.05
CA SER J 106 4.31 -43.29 -29.69
C SER J 106 3.91 -42.39 -30.83
N ALA J 107 4.50 -42.64 -31.98
CA ALA J 107 4.23 -41.87 -33.16
C ALA J 107 2.76 -42.02 -33.61
N ALA J 108 2.15 -43.16 -33.30
CA ALA J 108 0.71 -43.38 -33.51
C ALA J 108 -0.21 -42.78 -32.44
N GLY J 109 0.38 -42.07 -31.48
CA GLY J 109 -0.35 -41.46 -30.39
C GLY J 109 -0.49 -42.32 -29.17
N LEU J 110 0.14 -43.50 -29.14
CA LEU J 110 -0.03 -44.41 -28.01
C LEU J 110 1.23 -44.35 -27.16
N VAL J 111 1.25 -43.42 -26.22
CA VAL J 111 2.52 -43.10 -25.48
C VAL J 111 2.43 -43.52 -24.05
N TYR J 112 1.31 -43.16 -23.40
CA TYR J 112 1.13 -43.51 -21.99
C TYR J 112 -0.02 -44.49 -21.89
N GLY J 113 0.17 -45.48 -21.01
CA GLY J 113 -0.91 -46.46 -20.74
C GLY J 113 -0.47 -47.65 -19.97
N LEU J 114 -1.26 -48.74 -20.08
CA LEU J 114 -1.07 -49.94 -19.34
C LEU J 114 -1.74 -51.08 -20.11
N THR J 115 -1.24 -52.28 -19.87
CA THR J 115 -1.77 -53.50 -20.42
C THR J 115 -2.10 -54.48 -19.29
N MET J 116 -3.36 -54.93 -19.28
CA MET J 116 -3.86 -55.80 -18.31
C MET J 116 -3.95 -57.19 -18.96
N PRO J 117 -3.21 -58.17 -18.43
CA PRO J 117 -3.37 -59.51 -18.88
C PRO J 117 -4.77 -60.07 -18.57
N LEU J 118 -5.22 -60.92 -19.46
CA LEU J 118 -6.46 -61.61 -19.33
C LEU J 118 -6.15 -63.12 -19.39
N HIS J 119 -6.56 -63.83 -18.35
CA HIS J 119 -6.50 -65.29 -18.28
C HIS J 119 -7.89 -65.82 -17.90
N GLY J 120 -8.56 -66.41 -18.91
CA GLY J 120 -9.92 -66.94 -18.72
C GLY J 120 -10.01 -68.34 -18.09
N ALA J 121 -11.18 -68.63 -17.59
CA ALA J 121 -11.53 -69.95 -16.99
C ALA J 121 -11.37 -71.14 -17.91
N ARG J 122 -11.38 -70.96 -19.22
CA ARG J 122 -11.14 -72.11 -20.11
C ARG J 122 -9.80 -72.00 -20.83
N GLY J 123 -8.79 -71.39 -20.21
CA GLY J 123 -7.50 -71.18 -20.86
C GLY J 123 -7.37 -70.07 -21.91
N GLU J 124 -8.39 -69.22 -22.03
CA GLU J 124 -8.29 -68.05 -22.95
C GLU J 124 -7.12 -67.14 -22.53
N LEU J 125 -6.39 -66.59 -23.50
CA LEU J 125 -5.28 -65.68 -23.26
C LEU J 125 -5.52 -64.38 -24.01
N GLY J 126 -5.38 -63.26 -23.27
CA GLY J 126 -5.69 -61.99 -23.79
C GLY J 126 -5.08 -60.81 -23.02
N ALA J 127 -5.47 -59.63 -23.49
CA ALA J 127 -5.04 -58.39 -22.89
C ALA J 127 -6.09 -57.32 -23.10
N LEU J 128 -6.26 -56.48 -22.08
CA LEU J 128 -6.94 -55.19 -22.27
C LEU J 128 -5.89 -54.05 -22.16
N SER J 129 -5.62 -53.34 -23.25
CA SER J 129 -4.60 -52.26 -23.23
C SER J 129 -5.37 -50.97 -23.36
N LEU J 130 -4.90 -49.97 -22.61
CA LEU J 130 -5.54 -48.68 -22.58
C LEU J 130 -4.47 -47.58 -22.60
N SER J 131 -4.66 -46.60 -23.49
CA SER J 131 -3.75 -45.43 -23.53
CA SER J 131 -3.78 -45.43 -23.58
C SER J 131 -4.49 -44.20 -23.01
N VAL J 132 -3.74 -43.36 -22.30
CA VAL J 132 -4.21 -41.99 -21.85
C VAL J 132 -3.36 -40.91 -22.51
N GLU J 133 -4.04 -39.86 -22.96
CA GLU J 133 -3.34 -38.70 -23.49
C GLU J 133 -2.96 -37.86 -22.27
N ALA J 134 -1.69 -37.53 -22.13
CA ALA J 134 -1.23 -36.72 -21.00
C ALA J 134 -0.10 -35.82 -21.46
N GLU J 135 0.16 -34.78 -20.69
CA GLU J 135 1.30 -33.89 -20.95
C GLU J 135 2.63 -34.59 -20.67
N ASN J 136 2.69 -35.49 -19.69
CA ASN J 136 3.93 -36.21 -19.39
C ASN J 136 3.66 -37.49 -18.63
N ARG J 137 4.71 -38.28 -18.44
CA ARG J 137 4.74 -39.59 -17.70
C ARG J 137 4.10 -39.52 -16.31
N ALA J 138 4.66 -38.66 -15.47
CA ALA J 138 4.11 -38.37 -14.13
C ALA J 138 2.60 -38.05 -14.09
N GLU J 139 2.14 -37.22 -15.02
CA GLU J 139 0.73 -36.88 -15.14
C GLU J 139 -0.13 -38.12 -15.55
N ALA J 140 0.41 -38.89 -16.48
CA ALA J 140 -0.27 -40.08 -16.93
C ALA J 140 -0.43 -41.09 -15.78
N ASN J 141 0.63 -41.25 -15.02
CA ASN J 141 0.68 -42.14 -13.90
C ASN J 141 -0.29 -41.76 -12.77
N ARG J 142 -0.38 -40.49 -12.46
CA ARG J 142 -1.34 -40.04 -11.46
C ARG J 142 -2.78 -40.35 -11.92
N PHE J 143 -3.07 -40.08 -13.17
CA PHE J 143 -4.34 -40.49 -13.69
C PHE J 143 -4.60 -41.99 -13.57
N MET J 144 -3.67 -42.80 -14.04
CA MET J 144 -3.93 -44.23 -14.04
C MET J 144 -4.11 -44.79 -12.64
N GLU J 145 -3.32 -44.33 -11.69
CA GLU J 145 -3.52 -44.73 -10.31
C GLU J 145 -4.93 -44.38 -9.76
N SER J 146 -5.47 -43.24 -10.16
CA SER J 146 -6.79 -42.74 -9.71
C SER J 146 -7.99 -43.63 -10.18
N VAL J 147 -7.84 -44.27 -11.32
CA VAL J 147 -8.88 -45.16 -11.86
C VAL J 147 -8.48 -46.65 -11.81
N LEU J 148 -7.32 -46.98 -11.29
CA LEU J 148 -6.84 -48.39 -11.29
C LEU J 148 -7.81 -49.46 -10.69
N PRO J 149 -8.37 -49.22 -9.50
CA PRO J 149 -9.26 -50.23 -8.95
C PRO J 149 -10.45 -50.53 -9.87
N THR J 150 -11.06 -49.47 -10.45
CA THR J 150 -12.21 -49.64 -11.32
C THR J 150 -11.81 -50.44 -12.59
N LEU J 151 -10.63 -50.12 -13.09
CA LEU J 151 -10.12 -50.73 -14.29
C LEU J 151 -9.78 -52.21 -14.03
N TRP J 152 -9.26 -52.52 -12.85
CA TRP J 152 -9.00 -53.90 -12.41
C TRP J 152 -10.28 -54.80 -12.41
N MET J 153 -11.42 -54.21 -12.06
CA MET J 153 -12.73 -54.90 -12.14
C MET J 153 -13.18 -55.02 -13.56
N LEU J 154 -13.13 -53.90 -14.31
CA LEU J 154 -13.46 -53.81 -15.72
C LEU J 154 -12.83 -54.91 -16.58
N LYS J 155 -11.54 -55.16 -16.36
CA LYS J 155 -10.85 -56.16 -17.18
C LYS J 155 -11.44 -57.55 -17.05
N ASP J 156 -11.79 -57.95 -15.83
CA ASP J 156 -12.34 -59.32 -15.64
C ASP J 156 -13.79 -59.40 -16.20
N TYR J 157 -14.57 -58.32 -16.10
CA TYR J 157 -15.95 -58.28 -16.75
C TYR J 157 -15.81 -58.37 -18.25
N ALA J 158 -14.81 -57.64 -18.80
CA ALA J 158 -14.52 -57.64 -20.21
C ALA J 158 -14.05 -59.01 -20.68
N LEU J 159 -13.22 -59.69 -19.90
CA LEU J 159 -12.79 -61.01 -20.28
C LEU J 159 -13.97 -62.04 -20.33
N GLN J 160 -14.79 -62.07 -19.29
CA GLN J 160 -15.76 -63.17 -19.07
C GLN J 160 -16.79 -63.11 -20.23
N SER J 161 -17.35 -61.92 -20.41
CA SER J 161 -18.23 -61.57 -21.59
C SER J 161 -17.55 -61.67 -22.91
N GLY J 162 -16.39 -61.04 -23.09
CA GLY J 162 -15.72 -61.15 -24.39
C GLY J 162 -15.52 -62.61 -24.84
N ALA J 163 -15.13 -63.46 -23.90
CA ALA J 163 -14.91 -64.87 -24.13
C ALA J 163 -16.23 -65.57 -24.59
N GLY J 164 -17.36 -65.25 -23.98
CA GLY J 164 -18.62 -65.88 -24.33
C GLY J 164 -19.12 -65.41 -25.69
N LEU J 165 -19.09 -64.11 -25.92
CA LEU J 165 -19.23 -63.53 -27.27
C LEU J 165 -18.25 -64.04 -28.34
N ALA J 166 -16.96 -64.17 -28.05
CA ALA J 166 -16.07 -64.73 -29.02
C ALA J 166 -16.15 -66.30 -28.84
N PHE J 167 -15.54 -67.09 -29.69
CA PHE J 167 -15.57 -68.57 -29.39
C PHE J 167 -16.99 -69.15 -29.19
N VAL K 4 -56.40 7.26 -20.97
CA VAL K 4 -57.54 8.10 -21.44
C VAL K 4 -57.82 7.87 -22.94
N ASP K 5 -58.91 8.51 -23.40
CA ASP K 5 -59.39 8.39 -24.79
C ASP K 5 -58.42 9.06 -25.82
N GLY K 6 -57.72 10.13 -25.42
CA GLY K 6 -56.61 10.64 -26.24
C GLY K 6 -55.41 9.70 -26.38
N PHE K 7 -54.94 9.16 -25.24
CA PHE K 7 -53.83 8.24 -25.27
C PHE K 7 -54.12 7.06 -26.16
N LEU K 8 -55.34 6.54 -26.07
CA LEU K 8 -55.88 5.51 -26.96
C LEU K 8 -55.70 5.88 -28.45
N GLU K 9 -56.18 7.06 -28.81
CA GLU K 9 -56.09 7.58 -30.19
C GLU K 9 -54.64 7.79 -30.63
N LEU K 10 -53.83 8.33 -29.73
CA LEU K 10 -52.40 8.46 -30.00
C LEU K 10 -51.79 7.11 -30.37
N GLU K 11 -52.12 6.09 -29.58
CA GLU K 11 -51.62 4.75 -29.79
C GLU K 11 -52.11 4.11 -31.09
N ARG K 12 -53.36 4.42 -31.47
CA ARG K 12 -53.93 4.01 -32.74
C ARG K 12 -53.60 4.93 -33.92
N SER K 13 -53.03 6.12 -33.66
CA SER K 13 -52.59 6.98 -34.75
C SER K 13 -51.72 6.17 -35.72
N SER K 14 -51.75 6.54 -36.98
CA SER K 14 -50.96 5.86 -38.01
C SER K 14 -49.60 6.52 -38.31
N GLY K 15 -49.22 7.61 -37.63
CA GLY K 15 -47.87 8.17 -37.74
C GLY K 15 -47.76 9.61 -37.30
N LYS K 16 -46.66 10.29 -37.66
CA LYS K 16 -46.30 11.55 -37.05
C LYS K 16 -47.37 12.60 -37.27
N LEU K 17 -47.95 12.56 -38.47
CA LEU K 17 -48.90 13.54 -38.96
C LEU K 17 -50.11 13.48 -38.05
N GLU K 18 -50.70 12.30 -37.95
CA GLU K 18 -51.92 12.16 -37.15
C GLU K 18 -51.64 12.33 -35.64
N TRP K 19 -50.52 11.77 -35.18
CA TRP K 19 -50.18 11.83 -33.73
C TRP K 19 -50.07 13.30 -33.33
N SER K 20 -49.44 14.09 -34.20
CA SER K 20 -49.24 15.49 -33.92
C SER K 20 -50.55 16.24 -33.91
N ALA K 21 -51.41 15.91 -34.88
CA ALA K 21 -52.76 16.47 -34.96
C ALA K 21 -53.54 16.23 -33.68
N ILE K 22 -53.56 14.97 -33.23
CA ILE K 22 -54.30 14.66 -31.98
C ILE K 22 -53.65 15.33 -30.75
N LEU K 23 -52.32 15.35 -30.63
CA LEU K 23 -51.76 15.95 -29.41
C LEU K 23 -52.01 17.46 -29.35
N GLN K 24 -51.92 18.14 -30.49
CA GLN K 24 -52.24 19.61 -30.60
C GLN K 24 -53.68 19.88 -30.27
N LYS K 25 -54.58 19.06 -30.79
CA LYS K 25 -55.99 19.21 -30.40
C LYS K 25 -56.24 19.00 -28.89
N MET K 26 -55.61 18.00 -28.28
CA MET K 26 -55.79 17.78 -26.84
C MET K 26 -55.32 19.00 -26.08
N ALA K 27 -54.26 19.66 -26.55
CA ALA K 27 -53.74 20.85 -25.84
C ALA K 27 -54.61 22.11 -26.05
N SER K 28 -55.13 22.28 -27.26
CA SER K 28 -56.05 23.37 -27.59
C SER K 28 -57.35 23.23 -26.82
N ASP K 29 -57.88 22.01 -26.75
CA ASP K 29 -59.08 21.77 -25.94
C ASP K 29 -58.83 22.15 -24.50
N LEU K 30 -57.58 22.00 -24.05
CA LEU K 30 -57.25 22.37 -22.68
C LEU K 30 -57.20 23.87 -22.44
N GLY K 31 -56.99 24.64 -23.49
CA GLY K 31 -56.82 26.08 -23.34
C GLY K 31 -55.47 26.67 -23.67
N PHE K 32 -54.50 25.83 -24.06
CA PHE K 32 -53.19 26.31 -24.61
C PHE K 32 -53.33 26.56 -26.09
N SER K 33 -52.53 27.45 -26.67
CA SER K 33 -52.65 27.68 -28.12
C SER K 33 -51.50 27.10 -28.90
N LYS K 34 -50.30 27.19 -28.36
CA LYS K 34 -49.14 26.75 -29.11
C LYS K 34 -48.39 25.73 -28.27
N ILE K 35 -47.99 24.64 -28.90
CA ILE K 35 -47.18 23.66 -28.22
C ILE K 35 -46.05 23.21 -29.09
N LEU K 36 -45.03 22.72 -28.39
CA LEU K 36 -43.91 22.00 -28.99
C LEU K 36 -43.53 20.83 -28.08
N PHE K 37 -43.55 19.62 -28.66
CA PHE K 37 -43.10 18.36 -28.05
C PHE K 37 -41.80 17.95 -28.74
N GLY K 38 -40.73 17.87 -27.94
CA GLY K 38 -39.40 17.49 -28.44
C GLY K 38 -38.86 16.33 -27.66
N LEU K 39 -38.23 15.41 -28.37
CA LEU K 39 -37.83 14.16 -27.76
C LEU K 39 -36.55 13.71 -28.42
N LEU K 40 -35.55 13.39 -27.60
CA LEU K 40 -34.23 12.91 -28.03
C LEU K 40 -34.02 11.50 -27.49
N PRO K 41 -33.31 10.63 -28.22
CA PRO K 41 -33.05 9.30 -27.66
C PRO K 41 -31.95 9.39 -26.61
N LYS K 42 -31.83 8.31 -25.85
CA LYS K 42 -30.85 8.19 -24.76
C LYS K 42 -29.45 8.73 -25.15
N ASP K 43 -28.84 9.48 -24.24
CA ASP K 43 -27.49 10.04 -24.39
C ASP K 43 -27.25 11.00 -25.55
N SER K 44 -28.26 11.38 -26.32
CA SER K 44 -28.09 12.45 -27.32
C SER K 44 -28.31 13.83 -26.71
N GLN K 45 -27.51 14.80 -27.15
CA GLN K 45 -27.74 16.20 -26.84
C GLN K 45 -27.63 16.98 -28.16
N ASP K 46 -28.27 16.41 -29.20
CA ASP K 46 -28.33 16.97 -30.58
C ASP K 46 -29.74 17.59 -30.88
N TYR K 47 -30.02 18.64 -30.12
CA TYR K 47 -31.35 19.24 -30.05
C TYR K 47 -31.94 19.58 -31.43
N GLU K 48 -31.09 20.02 -32.36
CA GLU K 48 -31.57 20.39 -33.72
C GLU K 48 -31.97 19.16 -34.59
N ASN K 49 -31.53 17.97 -34.16
CA ASN K 49 -31.92 16.66 -34.74
C ASN K 49 -33.03 15.88 -33.93
N ALA K 50 -33.75 16.59 -33.04
CA ALA K 50 -34.78 15.96 -32.17
C ALA K 50 -36.03 15.57 -32.95
N PHE K 51 -36.79 14.56 -32.49
CA PHE K 51 -38.19 14.33 -32.88
C PHE K 51 -39.04 15.46 -32.30
N ILE K 52 -39.62 16.27 -33.17
CA ILE K 52 -40.25 17.50 -32.80
C ILE K 52 -41.63 17.61 -33.46
N VAL K 53 -42.61 17.96 -32.63
CA VAL K 53 -43.99 18.01 -33.02
C VAL K 53 -44.57 19.24 -32.42
N GLY K 54 -45.48 19.88 -33.17
CA GLY K 54 -46.16 21.07 -32.62
C GLY K 54 -46.52 22.13 -33.65
N ASN K 55 -46.98 23.27 -33.17
CA ASN K 55 -47.41 24.33 -34.03
C ASN K 55 -46.71 25.63 -33.74
N TYR K 56 -45.50 25.62 -33.17
CA TYR K 56 -44.75 26.87 -33.08
C TYR K 56 -44.59 27.48 -34.51
N PRO K 57 -44.51 28.80 -34.61
CA PRO K 57 -44.30 29.35 -35.96
C PRO K 57 -43.01 28.80 -36.55
N ALA K 58 -43.03 28.39 -37.82
CA ALA K 58 -41.86 27.72 -38.45
C ALA K 58 -40.61 28.61 -38.46
N ALA K 59 -40.78 29.93 -38.69
CA ALA K 59 -39.60 30.79 -38.72
C ALA K 59 -38.95 30.90 -37.35
N TRP K 60 -39.74 30.75 -36.29
CA TRP K 60 -39.19 30.76 -34.93
C TRP K 60 -38.39 29.51 -34.69
N ARG K 61 -38.93 28.37 -35.10
CA ARG K 61 -38.20 27.11 -34.95
C ARG K 61 -36.86 27.19 -35.64
N GLU K 62 -36.90 27.74 -36.86
CA GLU K 62 -35.69 27.89 -37.68
C GLU K 62 -34.65 28.75 -37.06
N HIS K 63 -35.07 29.92 -36.58
CA HIS K 63 -34.23 30.86 -35.84
C HIS K 63 -33.63 30.25 -34.52
N TYR K 64 -34.44 29.50 -33.80
CA TYR K 64 -34.01 28.86 -32.58
C TYR K 64 -32.80 27.94 -32.89
N ASP K 65 -32.92 27.17 -33.99
CA ASP K 65 -31.88 26.30 -34.50
C ASP K 65 -30.68 27.08 -34.99
N ARG K 66 -30.87 28.03 -35.90
CA ARG K 66 -29.77 28.89 -36.39
C ARG K 66 -28.98 29.69 -35.35
N ALA K 67 -29.70 30.23 -34.37
CA ALA K 67 -29.09 30.94 -33.27
C ALA K 67 -28.46 30.05 -32.16
N GLY K 68 -28.55 28.73 -32.28
CA GLY K 68 -28.07 27.86 -31.23
C GLY K 68 -28.73 28.08 -29.86
N TYR K 69 -30.01 28.47 -29.83
CA TYR K 69 -30.71 28.71 -28.57
C TYR K 69 -30.90 27.48 -27.65
N ALA K 70 -30.71 26.27 -28.14
CA ALA K 70 -30.71 25.15 -27.18
C ALA K 70 -29.62 25.32 -26.11
N ARG K 71 -28.62 26.18 -26.33
CA ARG K 71 -27.56 26.44 -25.33
C ARG K 71 -27.84 27.66 -24.50
N VAL K 72 -28.94 28.35 -24.82
CA VAL K 72 -29.33 29.58 -24.16
C VAL K 72 -30.64 29.46 -23.34
N ASP K 73 -31.65 28.92 -24.02
CA ASP K 73 -32.98 28.70 -23.49
C ASP K 73 -32.92 28.09 -22.08
N PRO K 74 -33.38 28.83 -21.07
CA PRO K 74 -33.18 28.33 -19.72
C PRO K 74 -33.97 27.02 -19.38
N THR K 75 -35.02 26.72 -20.13
CA THR K 75 -35.77 25.49 -19.88
C THR K 75 -35.00 24.24 -20.35
N VAL K 76 -34.00 24.38 -21.22
CA VAL K 76 -33.18 23.20 -21.65
C VAL K 76 -32.34 22.65 -20.51
N SER K 77 -31.66 23.58 -19.87
CA SER K 77 -30.81 23.30 -18.73
C SER K 77 -31.71 22.70 -17.64
N HIS K 78 -32.86 23.31 -17.43
CA HIS K 78 -33.76 22.84 -16.39
C HIS K 78 -34.20 21.40 -16.62
N CYS K 79 -34.54 21.07 -17.84
CA CYS K 79 -34.95 19.71 -18.22
C CYS K 79 -33.88 18.66 -17.98
N THR K 80 -32.60 19.04 -18.11
CA THR K 80 -31.56 18.03 -17.86
C THR K 80 -31.35 17.71 -16.36
N GLN K 81 -31.97 18.50 -15.48
CA GLN K 81 -31.85 18.41 -14.02
C GLN K 81 -33.14 18.16 -13.21
N SER K 82 -34.32 18.12 -13.84
CA SER K 82 -35.57 18.11 -13.06
C SER K 82 -36.64 17.42 -13.86
N VAL K 83 -37.52 16.81 -13.10
CA VAL K 83 -38.77 16.28 -13.66
C VAL K 83 -39.91 17.26 -13.42
N LEU K 84 -39.66 18.38 -12.76
CA LEU K 84 -40.75 19.31 -12.46
C LEU K 84 -40.91 20.44 -13.49
N PRO K 85 -42.10 21.04 -13.60
CA PRO K 85 -42.34 22.09 -14.62
C PRO K 85 -41.50 23.32 -14.37
N ILE K 86 -41.13 24.01 -15.44
CA ILE K 86 -40.59 25.39 -15.29
C ILE K 86 -41.50 26.32 -16.01
N PHE K 87 -42.00 27.27 -15.24
CA PHE K 87 -42.89 28.31 -15.73
C PHE K 87 -42.13 29.43 -16.41
N TRP K 88 -42.75 30.02 -17.44
CA TRP K 88 -42.09 31.02 -18.28
C TRP K 88 -42.24 32.40 -17.64
N GLU K 89 -41.32 32.75 -16.81
CA GLU K 89 -41.40 34.10 -16.22
C GLU K 89 -40.08 34.83 -16.22
N PRO K 90 -40.13 36.16 -16.15
CA PRO K 90 -38.96 37.01 -16.29
C PRO K 90 -37.76 36.59 -15.53
N SER K 91 -37.95 36.04 -14.33
CA SER K 91 -36.81 35.67 -13.51
C SER K 91 -35.98 34.49 -14.06
N ILE K 92 -36.53 33.66 -14.97
CA ILE K 92 -35.69 32.61 -15.58
C ILE K 92 -34.72 33.08 -16.66
N TYR K 93 -34.83 34.35 -17.11
CA TYR K 93 -34.03 34.87 -18.19
C TYR K 93 -33.03 35.83 -17.59
N GLN K 94 -31.87 35.33 -17.20
CA GLN K 94 -30.92 36.16 -16.43
C GLN K 94 -29.77 36.68 -17.29
N THR K 95 -29.22 35.84 -18.19
CA THR K 95 -28.09 36.24 -19.06
C THR K 95 -28.52 37.12 -20.20
N ARG K 96 -27.57 37.92 -20.75
CA ARG K 96 -27.87 38.79 -21.89
C ARG K 96 -28.44 37.99 -23.09
N LYS K 97 -27.80 36.88 -23.42
CA LYS K 97 -28.42 35.99 -24.43
C LYS K 97 -29.87 35.52 -24.08
N GLN K 98 -30.11 35.22 -22.82
CA GLN K 98 -31.47 34.75 -22.37
C GLN K 98 -32.52 35.89 -22.47
N HIS K 99 -32.08 37.12 -22.21
CA HIS K 99 -32.95 38.31 -22.38
C HIS K 99 -33.30 38.50 -23.85
N GLU K 100 -32.33 38.39 -24.74
CA GLU K 100 -32.62 38.35 -26.22
C GLU K 100 -33.53 37.23 -26.62
N PHE K 101 -33.28 36.04 -26.08
CA PHE K 101 -34.16 34.89 -26.37
C PHE K 101 -35.58 35.23 -25.91
N PHE K 102 -35.69 35.83 -24.73
CA PHE K 102 -36.98 36.25 -24.22
C PHE K 102 -37.65 37.24 -25.19
N GLU K 103 -36.90 38.24 -25.65
CA GLU K 103 -37.46 39.29 -26.54
C GLU K 103 -37.91 38.64 -27.87
N GLU K 104 -37.17 37.66 -28.37
CA GLU K 104 -37.51 37.13 -29.72
C GLU K 104 -38.67 36.19 -29.64
N ALA K 105 -38.74 35.44 -28.55
CA ALA K 105 -39.86 34.54 -28.29
C ALA K 105 -41.17 35.34 -28.15
N SER K 106 -41.13 36.47 -27.40
CA SER K 106 -42.27 37.36 -27.21
C SER K 106 -42.68 37.86 -28.57
N ALA K 107 -41.69 38.20 -29.39
CA ALA K 107 -42.01 38.68 -30.79
C ALA K 107 -42.73 37.63 -31.62
N ALA K 108 -42.41 36.35 -31.42
CA ALA K 108 -43.14 35.28 -32.06
C ALA K 108 -44.50 34.89 -31.41
N GLY K 109 -44.95 35.69 -30.45
CA GLY K 109 -46.17 35.33 -29.68
C GLY K 109 -46.02 34.36 -28.51
N LEU K 110 -44.78 34.03 -28.06
CA LEU K 110 -44.62 33.02 -27.01
C LEU K 110 -44.19 33.72 -25.72
N VAL K 111 -45.13 33.92 -24.78
CA VAL K 111 -44.84 34.85 -23.63
C VAL K 111 -45.15 34.18 -22.30
N TYR K 112 -46.40 33.76 -22.18
CA TYR K 112 -46.84 33.05 -21.01
C TYR K 112 -46.86 31.57 -21.39
N GLY K 113 -46.50 30.75 -20.41
CA GLY K 113 -46.43 29.31 -20.64
C GLY K 113 -45.58 28.56 -19.68
N LEU K 114 -45.35 27.29 -20.02
CA LEU K 114 -44.52 26.42 -19.20
C LEU K 114 -43.91 25.30 -20.03
N THR K 115 -42.86 24.75 -19.47
CA THR K 115 -42.15 23.64 -20.04
C THR K 115 -42.12 22.50 -19.02
N MET K 116 -42.77 21.41 -19.42
CA MET K 116 -42.74 20.17 -18.63
C MET K 116 -41.57 19.31 -19.12
N PRO K 117 -40.58 19.01 -18.27
CA PRO K 117 -39.54 18.04 -18.73
C PRO K 117 -40.02 16.60 -18.92
N LEU K 118 -39.43 15.87 -19.85
CA LEU K 118 -39.84 14.54 -20.18
C LEU K 118 -38.61 13.67 -19.97
N HIS K 119 -38.80 12.60 -19.18
CA HIS K 119 -37.76 11.63 -18.95
C HIS K 119 -38.36 10.27 -19.12
N GLY K 120 -37.96 9.59 -20.18
CA GLY K 120 -38.50 8.30 -20.58
C GLY K 120 -37.90 7.11 -19.91
N ALA K 121 -38.63 6.01 -20.02
CA ALA K 121 -38.22 4.80 -19.36
C ALA K 121 -36.94 4.14 -19.97
N ARG K 122 -36.57 4.52 -21.17
CA ARG K 122 -35.37 4.00 -21.79
C ARG K 122 -34.39 5.13 -22.00
N GLY K 123 -34.42 6.14 -21.13
CA GLY K 123 -33.48 7.25 -21.13
C GLY K 123 -33.76 8.38 -22.13
N GLU K 124 -34.95 8.37 -22.74
CA GLU K 124 -35.33 9.45 -23.68
C GLU K 124 -35.39 10.78 -22.92
N LEU K 125 -34.94 11.85 -23.55
CA LEU K 125 -34.93 13.18 -22.97
C LEU K 125 -35.73 14.10 -23.84
N GLY K 126 -36.59 14.89 -23.23
CA GLY K 126 -37.49 15.71 -23.97
C GLY K 126 -38.10 16.81 -23.18
N ALA K 127 -39.05 17.46 -23.85
CA ALA K 127 -39.85 18.53 -23.24
C ALA K 127 -41.19 18.66 -23.90
N LEU K 128 -42.24 18.98 -23.12
CA LEU K 128 -43.55 19.42 -23.68
C LEU K 128 -43.68 20.84 -23.32
N SER K 129 -43.58 21.74 -24.30
CA SER K 129 -43.77 23.19 -24.04
C SER K 129 -45.14 23.66 -24.58
N LEU K 130 -45.78 24.57 -23.83
CA LEU K 130 -47.16 25.02 -24.09
C LEU K 130 -47.28 26.46 -23.68
N SER K 131 -47.85 27.27 -24.58
CA SER K 131 -48.01 28.69 -24.32
C SER K 131 -49.50 28.97 -24.21
N VAL K 132 -49.80 30.06 -23.48
CA VAL K 132 -51.17 30.48 -23.18
C VAL K 132 -51.28 31.94 -23.63
N GLU K 133 -52.42 32.31 -24.23
CA GLU K 133 -52.67 33.69 -24.58
C GLU K 133 -53.40 34.29 -23.39
N ALA K 134 -52.93 35.44 -22.91
CA ALA K 134 -53.54 36.04 -21.70
C ALA K 134 -53.33 37.52 -21.67
N GLU K 135 -54.16 38.20 -20.88
CA GLU K 135 -54.08 39.67 -20.68
C GLU K 135 -52.93 40.06 -19.79
N ASN K 136 -52.57 39.20 -18.84
CA ASN K 136 -51.44 39.47 -17.94
C ASN K 136 -50.99 38.17 -17.17
N ARG K 137 -49.93 38.31 -16.36
CA ARG K 137 -49.31 37.18 -15.66
C ARG K 137 -50.31 36.52 -14.71
N ALA K 138 -51.12 37.33 -14.02
CA ALA K 138 -52.12 36.81 -13.09
C ALA K 138 -53.14 35.85 -13.76
N GLU K 139 -53.65 36.25 -14.90
CA GLU K 139 -54.64 35.44 -15.65
C GLU K 139 -53.94 34.19 -16.18
N ALA K 140 -52.72 34.38 -16.66
CA ALA K 140 -51.97 33.28 -17.21
C ALA K 140 -51.72 32.25 -16.14
N ASN K 141 -51.25 32.71 -14.98
CA ASN K 141 -51.04 31.84 -13.86
C ASN K 141 -52.32 31.15 -13.30
N ARG K 142 -53.40 31.91 -13.15
CA ARG K 142 -54.73 31.33 -12.78
C ARG K 142 -55.12 30.14 -13.72
N PHE K 143 -55.09 30.40 -15.02
CA PHE K 143 -55.36 29.36 -16.00
C PHE K 143 -54.45 28.14 -15.84
N MET K 144 -53.13 28.37 -15.76
CA MET K 144 -52.21 27.28 -15.66
C MET K 144 -52.50 26.41 -14.45
N GLU K 145 -52.73 27.04 -13.30
CA GLU K 145 -52.98 26.29 -12.05
C GLU K 145 -54.26 25.43 -12.21
N SER K 146 -55.29 26.04 -12.78
CA SER K 146 -56.52 25.28 -13.01
C SER K 146 -56.35 24.02 -13.90
N VAL K 147 -55.52 24.07 -14.93
CA VAL K 147 -55.32 22.89 -15.76
C VAL K 147 -54.09 22.01 -15.39
N LEU K 148 -53.30 22.43 -14.39
CA LEU K 148 -52.01 21.75 -14.08
C LEU K 148 -52.10 20.24 -13.82
N PRO K 149 -53.07 19.79 -13.01
CA PRO K 149 -53.23 18.33 -12.84
C PRO K 149 -53.42 17.52 -14.13
N THR K 150 -54.27 18.00 -15.01
CA THR K 150 -54.52 17.32 -16.26
C THR K 150 -53.33 17.32 -17.18
N LEU K 151 -52.67 18.46 -17.28
CA LEU K 151 -51.44 18.59 -18.07
C LEU K 151 -50.32 17.69 -17.53
N TRP K 152 -50.25 17.54 -16.21
CA TRP K 152 -49.22 16.70 -15.59
C TRP K 152 -49.36 15.21 -15.98
N MET K 153 -50.59 14.77 -16.05
CA MET K 153 -50.86 13.47 -16.62
C MET K 153 -50.60 13.41 -18.09
N LEU K 154 -51.10 14.38 -18.81
CA LEU K 154 -50.93 14.41 -20.28
C LEU K 154 -49.46 14.28 -20.73
N LYS K 155 -48.57 14.97 -20.04
CA LYS K 155 -47.20 14.96 -20.48
C LYS K 155 -46.58 13.59 -20.40
N ASP K 156 -46.88 12.77 -19.38
CA ASP K 156 -46.41 11.40 -19.34
C ASP K 156 -47.10 10.48 -20.35
N TYR K 157 -48.42 10.65 -20.56
CA TYR K 157 -49.05 9.89 -21.71
C TYR K 157 -48.43 10.22 -23.07
N ALA K 158 -48.19 11.49 -23.30
CA ALA K 158 -47.60 11.95 -24.54
C ALA K 158 -46.16 11.43 -24.68
N LEU K 159 -45.39 11.40 -23.56
CA LEU K 159 -44.06 10.79 -23.57
C LEU K 159 -44.09 9.31 -23.89
N GLN K 160 -44.97 8.55 -23.23
CA GLN K 160 -44.96 7.11 -23.38
C GLN K 160 -45.27 6.77 -24.85
N SER K 161 -46.29 7.40 -25.39
CA SER K 161 -46.73 7.16 -26.80
C SER K 161 -45.75 7.75 -27.84
N GLY K 162 -45.30 8.97 -27.65
CA GLY K 162 -44.35 9.60 -28.55
C GLY K 162 -43.07 8.80 -28.71
N ALA K 163 -42.55 8.31 -27.58
CA ALA K 163 -41.29 7.57 -27.55
C ALA K 163 -41.38 6.33 -28.49
N GLY K 164 -42.48 5.60 -28.39
CA GLY K 164 -42.73 4.42 -29.20
C GLY K 164 -42.82 4.79 -30.68
N LEU K 165 -43.42 5.94 -30.97
CA LEU K 165 -43.53 6.41 -32.34
C LEU K 165 -42.18 6.87 -32.84
N ALA K 166 -41.52 7.72 -32.07
CA ALA K 166 -40.24 8.25 -32.45
C ALA K 166 -39.16 7.16 -32.65
N PHE K 167 -39.07 6.17 -31.74
CA PHE K 167 -37.93 5.24 -31.68
C PHE K 167 -38.48 3.81 -31.59
N ASP L 5 42.31 11.44 18.12
CA ASP L 5 41.40 10.39 18.55
C ASP L 5 42.08 9.50 19.64
N GLY L 6 41.34 9.36 20.72
CA GLY L 6 41.50 8.18 21.54
C GLY L 6 41.33 6.87 20.78
N PHE L 7 40.79 6.89 19.54
CA PHE L 7 40.75 5.67 18.74
C PHE L 7 42.10 4.98 18.55
N LEU L 8 43.15 5.77 18.33
CA LEU L 8 44.56 5.29 18.20
C LEU L 8 45.19 4.45 19.36
N GLU L 9 44.64 4.53 20.58
CA GLU L 9 45.15 3.76 21.72
C GLU L 9 44.97 2.26 21.54
N LEU L 10 43.94 1.83 20.81
CA LEU L 10 43.80 0.41 20.50
C LEU L 10 45.07 -0.10 19.81
N GLU L 11 45.56 0.68 18.83
CA GLU L 11 46.77 0.27 18.09
C GLU L 11 48.02 0.22 18.93
N ARG L 12 48.11 1.11 19.92
CA ARG L 12 49.31 1.18 20.71
C ARG L 12 49.38 0.17 21.90
N SER L 13 48.52 -0.87 21.96
CA SER L 13 48.31 -1.71 23.19
C SER L 13 49.19 -2.97 23.39
N SER L 14 49.28 -3.44 24.64
CA SER L 14 50.16 -4.59 25.06
C SER L 14 49.92 -5.92 24.34
N GLY L 15 48.69 -6.39 24.39
CA GLY L 15 48.26 -7.72 23.85
C GLY L 15 46.76 -7.81 24.14
N LYS L 16 46.18 -9.01 24.25
CA LYS L 16 44.71 -9.15 24.35
C LYS L 16 44.11 -8.48 25.62
N LEU L 17 44.71 -8.69 26.80
CA LEU L 17 44.20 -8.09 28.02
C LEU L 17 44.09 -6.61 27.93
N GLU L 18 45.18 -5.95 27.54
CA GLU L 18 45.15 -4.52 27.46
C GLU L 18 44.18 -4.03 26.34
N TRP L 19 44.18 -4.71 25.19
CA TRP L 19 43.25 -4.28 24.12
C TRP L 19 41.79 -4.38 24.61
N SER L 20 41.40 -5.49 25.25
CA SER L 20 40.04 -5.65 25.78
C SER L 20 39.71 -4.59 26.82
N ALA L 21 40.67 -4.26 27.70
CA ALA L 21 40.47 -3.20 28.67
C ALA L 21 40.19 -1.89 27.99
N ILE L 22 40.96 -1.57 26.96
CA ILE L 22 40.78 -0.32 26.26
C ILE L 22 39.42 -0.28 25.50
N LEU L 23 39.08 -1.38 24.82
CA LEU L 23 37.81 -1.37 24.08
C LEU L 23 36.62 -1.33 25.08
N GLN L 24 36.69 -2.03 26.23
CA GLN L 24 35.54 -2.06 27.15
C GLN L 24 35.35 -0.69 27.75
N LYS L 25 36.45 -0.02 28.01
CA LYS L 25 36.41 1.37 28.50
C LYS L 25 35.79 2.35 27.57
N MET L 26 36.18 2.30 26.29
CA MET L 26 35.59 3.17 25.28
C MET L 26 34.06 2.95 25.20
N ALA L 27 33.67 1.68 25.18
CA ALA L 27 32.22 1.31 25.17
C ALA L 27 31.51 1.83 26.41
N SER L 28 32.13 1.64 27.57
CA SER L 28 31.60 2.21 28.84
C SER L 28 31.40 3.70 28.77
N ASP L 29 32.43 4.40 28.27
CA ASP L 29 32.31 5.85 28.04
C ASP L 29 31.20 6.28 27.10
N LEU L 30 30.87 5.46 26.13
CA LEU L 30 29.72 5.76 25.31
C LEU L 30 28.38 5.30 25.90
N GLY L 31 28.35 4.64 27.06
CA GLY L 31 27.06 4.30 27.67
C GLY L 31 26.78 2.80 27.76
N PHE L 32 27.74 1.96 27.34
CA PHE L 32 27.48 0.54 27.23
C PHE L 32 28.33 -0.23 28.23
N SER L 33 27.66 -0.90 29.14
CA SER L 33 28.34 -1.56 30.23
CA SER L 33 28.36 -1.56 30.23
C SER L 33 28.72 -2.97 29.83
N LYS L 34 28.09 -3.52 28.78
CA LYS L 34 28.43 -4.92 28.30
C LYS L 34 28.73 -4.92 26.77
N ILE L 35 29.82 -5.58 26.37
CA ILE L 35 30.22 -5.71 24.96
C ILE L 35 30.76 -7.08 24.64
N LEU L 36 30.64 -7.46 23.37
CA LEU L 36 31.24 -8.64 22.87
C LEU L 36 31.70 -8.28 21.43
N PHE L 37 33.01 -8.37 21.20
CA PHE L 37 33.66 -8.24 19.91
C PHE L 37 34.07 -9.68 19.48
N GLY L 38 33.57 -10.09 18.31
CA GLY L 38 33.75 -11.39 17.76
C GLY L 38 34.26 -11.31 16.39
N LEU L 39 35.23 -12.20 16.06
CA LEU L 39 35.86 -12.10 14.79
C LEU L 39 36.31 -13.49 14.31
N LEU L 40 36.09 -13.73 13.03
CA LEU L 40 36.45 -14.99 12.31
C LEU L 40 37.29 -14.60 11.09
N PRO L 41 38.27 -15.46 10.70
CA PRO L 41 39.00 -15.19 9.49
C PRO L 41 38.11 -15.52 8.28
N LYS L 42 38.55 -15.03 7.15
CA LYS L 42 37.96 -15.35 5.89
C LYS L 42 37.52 -16.81 5.68
N ASP L 43 36.36 -17.03 5.09
CA ASP L 43 35.82 -18.35 4.79
C ASP L 43 35.35 -19.18 6.00
N SER L 44 35.57 -18.73 7.24
CA SER L 44 35.09 -19.49 8.39
C SER L 44 33.65 -19.12 8.74
N GLN L 45 32.91 -20.17 9.14
CA GLN L 45 31.62 -20.05 9.77
C GLN L 45 31.64 -20.78 11.11
N ASP L 46 32.83 -20.86 11.71
CA ASP L 46 33.01 -21.61 12.93
C ASP L 46 32.84 -20.68 14.15
N TYR L 47 31.60 -20.33 14.45
CA TYR L 47 31.27 -19.33 15.48
C TYR L 47 31.79 -19.76 16.84
N GLU L 48 31.71 -21.06 17.13
CA GLU L 48 32.22 -21.62 18.39
C GLU L 48 33.72 -21.43 18.62
N ASN L 49 34.50 -21.15 17.57
CA ASN L 49 35.93 -20.85 17.71
C ASN L 49 36.31 -19.47 17.24
N ALA L 50 35.37 -18.54 17.24
CA ALA L 50 35.67 -17.12 16.98
C ALA L 50 36.65 -16.51 17.98
N PHE L 51 37.47 -15.56 17.55
CA PHE L 51 38.19 -14.72 18.46
C PHE L 51 37.15 -13.80 19.18
N ILE L 52 37.14 -13.83 20.53
CA ILE L 52 36.11 -13.11 21.34
C ILE L 52 36.79 -12.23 22.41
N VAL L 53 36.30 -10.99 22.52
CA VAL L 53 36.79 -10.01 23.45
C VAL L 53 35.58 -9.44 24.10
N GLY L 54 35.64 -9.30 25.43
CA GLY L 54 34.63 -8.46 26.08
C GLY L 54 34.24 -8.96 27.43
N ASN L 55 33.08 -8.52 27.94
CA ASN L 55 32.70 -8.73 29.34
C ASN L 55 31.33 -9.30 29.54
N TYR L 56 30.78 -9.96 28.53
CA TYR L 56 29.55 -10.66 28.70
C TYR L 56 29.78 -11.67 29.88
N PRO L 57 28.73 -12.01 30.65
CA PRO L 57 28.92 -13.00 31.69
C PRO L 57 29.43 -14.28 31.14
N ALA L 58 30.47 -14.86 31.77
CA ALA L 58 31.04 -16.11 31.25
C ALA L 58 30.05 -17.26 31.02
N ALA L 59 29.11 -17.41 31.96
CA ALA L 59 28.20 -18.52 31.89
C ALA L 59 27.27 -18.35 30.73
N TRP L 60 27.00 -17.10 30.35
CA TRP L 60 26.20 -16.83 29.15
C TRP L 60 26.96 -17.17 27.84
N ARG L 61 28.19 -16.74 27.73
CA ARG L 61 28.98 -17.19 26.61
C ARG L 61 29.08 -18.71 26.52
N GLU L 62 29.22 -19.34 27.66
CA GLU L 62 29.33 -20.83 27.71
C GLU L 62 28.04 -21.53 27.24
N HIS L 63 26.91 -20.96 27.65
CA HIS L 63 25.63 -21.41 27.30
C HIS L 63 25.36 -21.21 25.77
N TYR L 64 25.72 -20.02 25.30
CA TYR L 64 25.63 -19.72 23.87
C TYR L 64 26.37 -20.71 22.97
N ASP L 65 27.56 -21.11 23.36
CA ASP L 65 28.35 -22.10 22.62
C ASP L 65 27.75 -23.48 22.71
N ARG L 66 27.36 -23.86 23.92
CA ARG L 66 26.81 -25.19 24.19
C ARG L 66 25.43 -25.41 23.48
N ALA L 67 24.50 -24.47 23.57
CA ALA L 67 23.26 -24.53 22.82
C ALA L 67 23.34 -24.32 21.28
N GLY L 68 24.51 -24.01 20.73
CA GLY L 68 24.65 -23.57 19.36
C GLY L 68 23.76 -22.41 18.97
N TYR L 69 23.79 -21.34 19.78
CA TYR L 69 22.92 -20.21 19.49
C TYR L 69 23.35 -19.42 18.27
N ALA L 70 24.52 -19.57 17.73
CA ALA L 70 24.82 -18.85 16.49
C ALA L 70 23.95 -19.26 15.31
N ARG L 71 23.35 -20.46 15.38
CA ARG L 71 22.44 -20.94 14.33
C ARG L 71 21.07 -20.24 14.41
N VAL L 72 20.76 -19.67 15.54
CA VAL L 72 19.45 -19.08 15.82
C VAL L 72 19.46 -17.53 15.99
N ASP L 73 20.45 -17.04 16.69
CA ASP L 73 20.64 -15.61 16.96
C ASP L 73 20.41 -14.84 15.66
N PRO L 74 19.41 -13.96 15.56
CA PRO L 74 19.11 -13.28 14.28
C PRO L 74 20.16 -12.28 13.88
N THR L 75 20.96 -11.80 14.83
CA THR L 75 22.08 -10.92 14.46
C THR L 75 23.19 -11.62 13.69
N VAL L 76 23.32 -12.93 13.88
CA VAL L 76 24.34 -13.66 13.12
C VAL L 76 24.08 -13.77 11.64
N SER L 77 22.91 -14.27 11.26
CA SER L 77 22.56 -14.24 9.82
C SER L 77 22.56 -12.79 9.23
N HIS L 78 22.02 -11.78 9.91
CA HIS L 78 22.15 -10.38 9.53
C HIS L 78 23.58 -9.97 9.16
N CYS L 79 24.54 -10.21 10.08
CA CYS L 79 25.94 -9.89 9.82
C CYS L 79 26.51 -10.56 8.51
N THR L 80 26.06 -11.79 8.15
CA THR L 80 26.48 -12.41 6.86
C THR L 80 25.94 -11.68 5.59
N GLN L 81 24.92 -10.81 5.71
CA GLN L 81 24.20 -10.17 4.57
C GLN L 81 24.34 -8.63 4.52
N SER L 82 24.91 -8.04 5.56
CA SER L 82 24.88 -6.60 5.72
C SER L 82 26.06 -6.00 6.50
N VAL L 83 26.38 -4.77 6.15
CA VAL L 83 27.28 -3.89 6.86
C VAL L 83 26.59 -2.94 7.83
N LEU L 84 25.28 -2.97 7.90
CA LEU L 84 24.56 -2.01 8.74
C LEU L 84 24.18 -2.64 10.10
N PRO L 85 23.97 -1.78 11.10
CA PRO L 85 23.69 -2.27 12.44
C PRO L 85 22.31 -2.89 12.52
N ILE L 86 22.18 -3.86 13.40
CA ILE L 86 20.92 -4.46 13.73
C ILE L 86 20.68 -4.13 15.19
N PHE L 87 19.59 -3.39 15.44
CA PHE L 87 19.15 -3.10 16.78
C PHE L 87 18.35 -4.21 17.40
N TRP L 88 18.56 -4.46 18.69
CA TRP L 88 17.92 -5.61 19.35
C TRP L 88 16.45 -5.21 19.67
N GLU L 89 15.55 -5.44 18.72
CA GLU L 89 14.09 -5.10 18.86
C GLU L 89 13.29 -6.41 18.80
N PRO L 90 12.08 -6.44 19.40
CA PRO L 90 11.28 -7.68 19.32
C PRO L 90 11.08 -8.14 17.89
N SER L 91 11.07 -7.22 16.93
CA SER L 91 10.82 -7.58 15.54
C SER L 91 11.86 -8.52 14.91
N ILE L 92 13.11 -8.52 15.42
CA ILE L 92 14.15 -9.43 14.93
C ILE L 92 14.06 -10.85 15.41
N TYR L 93 13.27 -11.12 16.46
CA TYR L 93 13.12 -12.49 16.94
C TYR L 93 11.82 -13.08 16.37
N GLN L 94 11.89 -13.78 15.28
CA GLN L 94 10.63 -14.17 14.65
C GLN L 94 10.22 -15.64 14.76
N THR L 95 11.17 -16.54 14.99
CA THR L 95 10.87 -17.97 15.18
C THR L 95 10.78 -18.35 16.66
N ARG L 96 10.29 -19.57 16.92
CA ARG L 96 10.18 -20.07 18.32
C ARG L 96 11.51 -20.10 18.98
N LYS L 97 12.50 -20.65 18.30
CA LYS L 97 13.86 -20.73 18.82
C LYS L 97 14.46 -19.33 19.01
N GLN L 98 14.17 -18.36 18.14
CA GLN L 98 14.61 -16.97 18.38
C GLN L 98 13.94 -16.29 19.57
N HIS L 99 12.64 -16.55 19.78
CA HIS L 99 11.98 -16.11 21.04
C HIS L 99 12.63 -16.68 22.32
N GLU L 100 13.02 -17.94 22.27
CA GLU L 100 13.76 -18.61 23.36
C GLU L 100 15.12 -17.95 23.57
N PHE L 101 15.81 -17.70 22.46
CA PHE L 101 17.10 -17.01 22.52
C PHE L 101 16.97 -15.64 23.20
N PHE L 102 15.96 -14.86 22.78
CA PHE L 102 15.63 -13.62 23.45
C PHE L 102 15.46 -13.75 24.96
N GLU L 103 14.72 -14.76 25.40
CA GLU L 103 14.40 -14.90 26.84
C GLU L 103 15.66 -15.24 27.61
N GLU L 104 16.47 -16.14 27.07
CA GLU L 104 17.72 -16.52 27.70
C GLU L 104 18.79 -15.37 27.74
N ALA L 105 18.96 -14.66 26.61
CA ALA L 105 19.79 -13.42 26.63
C ALA L 105 19.29 -12.46 27.72
N SER L 106 17.99 -12.27 27.76
CA SER L 106 17.44 -11.33 28.72
C SER L 106 17.73 -11.73 30.19
N ALA L 107 17.70 -13.02 30.47
CA ALA L 107 18.03 -13.57 31.80
C ALA L 107 19.47 -13.26 32.16
N ALA L 108 20.35 -13.21 31.16
CA ALA L 108 21.74 -12.77 31.36
C ALA L 108 21.90 -11.25 31.50
N GLY L 109 20.80 -10.49 31.43
CA GLY L 109 20.89 -8.98 31.47
C GLY L 109 21.10 -8.27 30.15
N LEU L 110 21.13 -9.01 29.08
CA LEU L 110 21.32 -8.49 27.74
C LEU L 110 19.93 -8.31 27.02
N VAL L 111 19.38 -7.13 27.14
CA VAL L 111 17.99 -6.84 26.68
C VAL L 111 17.95 -5.77 25.57
N TYR L 112 18.55 -4.61 25.83
CA TYR L 112 18.61 -3.51 24.89
C TYR L 112 20.01 -3.41 24.33
N GLY L 113 20.12 -3.04 23.06
CA GLY L 113 21.45 -3.00 22.47
C GLY L 113 21.49 -3.04 20.96
N LEU L 114 22.67 -3.27 20.40
CA LEU L 114 22.81 -3.35 18.96
C LEU L 114 24.03 -4.21 18.61
N THR L 115 24.03 -4.69 17.38
CA THR L 115 25.14 -5.47 16.85
C THR L 115 25.58 -4.78 15.55
N MET L 116 26.85 -4.30 15.49
CA MET L 116 27.43 -3.74 14.29
C MET L 116 28.23 -4.84 13.55
N PRO L 117 27.83 -5.19 12.30
CA PRO L 117 28.60 -6.19 11.53
C PRO L 117 30.01 -5.68 11.25
N LEU L 118 30.98 -6.59 11.25
CA LEU L 118 32.39 -6.25 10.91
C LEU L 118 32.73 -7.07 9.64
N HIS L 119 33.22 -6.38 8.62
CA HIS L 119 33.60 -7.02 7.30
C HIS L 119 35.00 -6.40 7.00
N GLY L 120 36.03 -7.18 7.27
CA GLY L 120 37.37 -6.66 7.19
C GLY L 120 37.93 -6.64 5.82
N ALA L 121 39.08 -5.98 5.65
CA ALA L 121 39.62 -5.76 4.29
C ALA L 121 40.14 -7.06 3.71
N ARG L 122 40.40 -8.05 4.58
CA ARG L 122 40.78 -9.40 4.07
C ARG L 122 39.73 -10.44 4.19
N GLY L 123 38.48 -10.02 4.18
CA GLY L 123 37.37 -10.93 4.30
C GLY L 123 37.01 -11.42 5.73
N GLU L 124 37.61 -10.84 6.76
CA GLU L 124 37.25 -11.17 8.19
C GLU L 124 35.74 -10.93 8.41
N LEU L 125 35.10 -11.79 9.19
CA LEU L 125 33.68 -11.69 9.48
C LEU L 125 33.53 -11.54 10.98
N GLY L 126 32.78 -10.52 11.45
CA GLY L 126 32.61 -10.34 12.87
C GLY L 126 31.45 -9.43 13.24
N ALA L 127 31.42 -9.10 14.53
CA ALA L 127 30.48 -8.21 15.05
C ALA L 127 31.03 -7.54 16.28
N LEU L 128 30.59 -6.31 16.49
CA LEU L 128 30.67 -5.67 17.77
C LEU L 128 29.28 -5.50 18.36
N SER L 129 28.99 -6.24 19.41
CA SER L 129 27.65 -6.19 20.01
C SER L 129 27.81 -5.40 21.29
N LEU L 130 26.87 -4.50 21.55
CA LEU L 130 26.91 -3.62 22.69
C LEU L 130 25.51 -3.61 23.35
N SER L 131 25.47 -3.77 24.66
CA SER L 131 24.23 -3.76 25.41
C SER L 131 24.24 -2.55 26.33
N VAL L 132 23.09 -1.88 26.39
CA VAL L 132 22.95 -0.65 27.19
C VAL L 132 21.98 -0.94 28.35
N GLU L 133 22.33 -0.50 29.55
CA GLU L 133 21.40 -0.64 30.64
C GLU L 133 20.41 0.50 30.63
N ALA L 134 19.11 0.18 30.61
CA ALA L 134 18.13 1.22 30.57
C ALA L 134 16.80 0.73 31.14
N GLU L 135 15.94 1.66 31.50
CA GLU L 135 14.68 1.37 32.21
C GLU L 135 13.58 0.90 31.21
N ASN L 136 13.70 1.34 29.93
CA ASN L 136 12.80 0.94 28.85
C ASN L 136 13.42 1.18 27.45
N ARG L 137 12.68 0.83 26.41
CA ARG L 137 13.19 0.96 25.07
C ARG L 137 13.37 2.43 24.64
N ALA L 138 12.47 3.29 25.12
CA ALA L 138 12.56 4.72 24.84
C ALA L 138 13.91 5.29 25.27
N GLU L 139 14.28 4.96 26.49
CA GLU L 139 15.49 5.46 27.02
C GLU L 139 16.74 4.82 26.33
N ALA L 140 16.69 3.51 26.15
CA ALA L 140 17.71 2.73 25.43
C ALA L 140 18.00 3.36 24.07
N ASN L 141 16.95 3.69 23.35
CA ASN L 141 17.11 4.27 22.01
C ASN L 141 17.72 5.65 22.02
N ARG L 142 17.33 6.49 22.97
CA ARG L 142 17.94 7.77 23.11
C ARG L 142 19.43 7.66 23.42
N PHE L 143 19.81 6.81 24.34
CA PHE L 143 21.20 6.61 24.65
C PHE L 143 21.95 6.13 23.41
N MET L 144 21.39 5.18 22.69
CA MET L 144 22.05 4.58 21.51
C MET L 144 22.14 5.60 20.39
N GLU L 145 21.05 6.34 20.18
CA GLU L 145 21.11 7.35 19.08
C GLU L 145 22.14 8.43 19.31
N SER L 146 22.21 8.90 20.55
CA SER L 146 23.13 9.96 20.89
C SER L 146 24.60 9.68 20.67
N VAL L 147 25.01 8.39 20.58
CA VAL L 147 26.42 8.01 20.39
C VAL L 147 26.63 7.21 19.07
N LEU L 148 25.59 6.99 18.29
CA LEU L 148 25.63 6.06 17.12
C LEU L 148 26.72 6.44 16.11
N PRO L 149 26.85 7.75 15.74
CA PRO L 149 27.95 8.14 14.84
C PRO L 149 29.33 7.78 15.42
N THR L 150 29.54 7.90 16.74
CA THR L 150 30.79 7.52 17.38
C THR L 150 31.03 6.03 17.36
N LEU L 151 29.97 5.30 17.65
CA LEU L 151 29.98 3.85 17.59
C LEU L 151 30.34 3.33 16.22
N TRP L 152 29.82 4.03 15.24
CA TRP L 152 29.95 3.64 13.84
C TRP L 152 31.41 3.80 13.41
N MET L 153 32.05 4.85 13.91
CA MET L 153 33.50 4.89 13.76
C MET L 153 34.29 3.81 14.55
N LEU L 154 33.94 3.65 15.84
CA LEU L 154 34.60 2.69 16.72
C LEU L 154 34.62 1.29 16.17
N LYS L 155 33.49 0.81 15.62
CA LYS L 155 33.45 -0.55 15.16
C LYS L 155 34.51 -0.73 14.11
N ASP L 156 34.76 0.25 13.29
CA ASP L 156 35.74 0.07 12.23
C ASP L 156 37.16 0.18 12.77
N TYR L 157 37.40 1.12 13.69
CA TYR L 157 38.75 1.12 14.34
C TYR L 157 39.04 -0.20 15.10
N ALA L 158 38.02 -0.75 15.74
CA ALA L 158 38.19 -1.99 16.48
C ALA L 158 38.45 -3.17 15.52
N LEU L 159 37.77 -3.17 14.38
CA LEU L 159 37.99 -4.18 13.40
C LEU L 159 39.43 -4.11 12.87
N GLN L 160 39.86 -2.93 12.51
CA GLN L 160 41.18 -2.77 11.82
C GLN L 160 42.35 -3.15 12.80
N SER L 161 42.26 -2.73 14.04
CA SER L 161 43.29 -3.14 15.03
C SER L 161 43.10 -4.56 15.51
N GLY L 162 41.84 -4.95 15.73
CA GLY L 162 41.49 -6.28 16.17
C GLY L 162 41.88 -7.45 15.30
N ALA L 163 41.77 -7.28 13.99
CA ALA L 163 42.05 -8.35 13.08
C ALA L 163 43.53 -8.85 13.17
N GLY L 164 44.46 -7.92 13.24
CA GLY L 164 45.91 -8.20 13.59
C GLY L 164 46.13 -8.93 14.94
N LEU L 165 45.55 -8.38 15.98
CA LEU L 165 45.51 -9.11 17.28
C LEU L 165 44.98 -10.54 17.18
N ALA L 166 43.86 -10.76 16.48
CA ALA L 166 43.22 -12.05 16.51
C ALA L 166 43.99 -13.13 15.73
N PHE L 167 44.50 -12.75 14.55
CA PHE L 167 44.84 -13.73 13.49
C PHE L 167 46.32 -13.85 13.11
N GLU L 168 47.16 -12.91 13.49
CA GLU L 168 48.61 -13.13 13.22
C GLU L 168 49.22 -14.34 13.98
C14 FYD M . 0.49 23.70 0.48
C14 FYD M . 0.69 23.81 0.78
C16 FYD M . 0.92 23.95 -2.00
C16 FYD M . 1.78 25.92 -0.05
C17 FYD M . 1.38 24.71 -3.06
C17 FYD M . 2.19 26.75 -1.07
C19 FYD M . 2.02 26.48 -1.58
C19 FYD M . 1.37 25.18 -2.68
C20 FYD M . 1.57 25.71 -0.53
C20 FYD M . 0.98 24.33 -1.65
C22 FYD M . 2.16 27.54 0.53
C22 FYD M . 0.42 22.75 -3.27
C29 FYD M . -3.51 15.02 -0.81
C29 FYD M . -3.47 15.02 -0.81
C30 FYD M . -3.60 14.98 -2.19
C30 FYD M . -3.57 14.97 -2.18
C31 FYD M . -3.31 16.14 -2.90
C31 FYD M . -3.29 16.14 -2.90
C32 FYD M . -2.93 17.32 -2.27
C32 FYD M . -2.92 17.32 -2.27
O01 FYD M . -3.30 19.15 0.43
O01 FYD M . -3.30 19.15 0.43
C02 FYD M . -2.47 18.66 -0.27
C02 FYD M . -2.46 18.67 -0.27
N03 FYD M . -1.22 19.33 -0.57
N03 FYD M . -1.23 19.36 -0.57
C04 FYD M . -1.00 20.62 0.00
C04 FYD M . -1.03 20.65 0.02
C05 FYD M . -0.34 20.61 1.35
C05 FYD M . -0.35 20.63 1.35
C06 FYD M . -0.69 19.71 2.33
C06 FYD M . -0.70 19.73 2.34
C07 FYD M . 0.00 19.80 3.52
C07 FYD M . -0.01 19.80 3.52
BR1 FYD M . -0.43 18.57 4.90
BR1 FYD M . -0.42 18.56 4.90
C09 FYD M . 0.99 20.71 3.76
C09 FYD M . 0.99 20.71 3.76
C10 FYD M . 1.32 21.61 2.79
C10 FYD M . 1.31 21.61 2.79
BR2 FYD M . 2.73 22.93 3.08
BR2 FYD M . 2.73 22.93 3.08
C12 FYD M . 0.64 21.56 1.60
C12 FYD M . 0.64 21.57 1.60
O13 FYD M . 1.04 22.43 0.59
O13 FYD M . 1.00 22.46 0.60
C15 FYD M . 0.99 24.48 -0.72
C15 FYD M . 1.18 24.71 -0.33
C18 FYD M . 1.95 25.96 -2.85
C18 FYD M . 2.01 26.38 -2.39
O21 FYD M . 1.62 26.25 0.72
O21 FYD M . 0.37 23.09 -1.92
O23 FYD M . -0.28 24.11 1.28
O23 FYD M . 0.09 24.18 1.74
C24 FYD M . -2.83 17.33 -0.90
C24 FYD M . -2.81 17.33 -0.90
C25 FYD M . -3.13 16.21 -0.17
C25 FYD M . -3.09 16.21 -0.18
N26 FYD M . -2.99 16.19 1.26
N26 FYD M . -2.97 16.19 1.26
O27 FYD M . -3.86 15.36 1.96
O27 FYD M . -3.83 15.37 1.97
O28 FYD M . -2.14 16.81 1.81
O28 FYD M . -2.12 16.83 1.81
C14 FYD N . -3.78 -39.24 13.09
C14 FYD N . -3.58 -39.29 13.26
C16 FYD N . -4.49 -39.06 10.69
C16 FYD N . -1.84 -38.83 11.52
C17 FYD N . -4.23 -38.81 9.35
C17 FYD N . -1.49 -38.51 10.22
C19 FYD N . -1.95 -38.36 9.90
C19 FYD N . -3.83 -38.46 9.60
C20 FYD N . -2.22 -38.63 11.22
C20 FYD N . -4.18 -38.79 10.92
C22 FYD N . 0.00 -38.20 11.56
C22 FYD N . -6.55 -38.79 10.40
C29 FYD N . -12.85 -41.23 15.80
C29 FYD N . -12.81 -41.27 15.79
C30 FYD N . -13.53 -40.95 14.63
C30 FYD N . -13.51 -40.98 14.63
C31 FYD N . -12.85 -40.39 13.58
C31 FYD N . -12.85 -40.40 13.59
C32 FYD N . -11.51 -40.06 13.72
C32 FYD N . -11.51 -40.06 13.72
O01 FYD N . -9.08 -39.03 15.75
O01 FYD N . -9.08 -39.04 15.76
C02 FYD N . -9.36 -39.89 14.97
C02 FYD N . -9.35 -39.88 14.97
N03 FYD N . -8.36 -40.45 14.10
N03 FYD N . -8.34 -40.43 14.10
C04 FYD N . -7.01 -39.99 14.10
C04 FYD N . -7.00 -39.95 14.11
C05 FYD N . -6.07 -40.70 15.03
C05 FYD N . -6.06 -40.67 15.05
C06 FYD N . -6.50 -41.14 16.26
C06 FYD N . -6.48 -41.13 16.27
C07 FYD N . -5.57 -41.77 17.07
C07 FYD N . -5.57 -41.76 17.08
BR1 FYD N . -6.18 -42.42 18.77
BR1 FYD N . -6.19 -42.42 18.76
C09 FYD N . -4.27 -41.96 16.67
C09 FYD N . -4.27 -41.96 16.67
C10 FYD N . -3.89 -41.51 15.43
C10 FYD N . -3.88 -41.50 15.45
BR2 FYD N . -2.08 -41.73 14.82
BR2 FYD N . -2.07 -41.73 14.81
C12 FYD N . -4.77 -40.86 14.62
C12 FYD N . -4.77 -40.84 14.64
O13 FYD N . -4.41 -40.44 13.32
O13 FYD N . -4.41 -40.40 13.36
C15 FYD N . -3.50 -38.93 11.64
C15 FYD N . -3.18 -38.94 11.86
C18 FYD N . -2.96 -38.46 8.96
C18 FYD N . -2.49 -38.32 9.26
O21 FYD N . -1.21 -38.51 12.17
O21 FYD N . -5.52 -38.92 11.36
O23 FYD N . -3.49 -38.53 13.99
O23 FYD N . -3.25 -38.70 14.22
C24 FYD N . -10.82 -40.33 14.88
C24 FYD N . -10.80 -40.33 14.87
C25 FYD N . -11.50 -40.91 15.92
C25 FYD N . -11.47 -40.94 15.91
N26 FYD N . -10.82 -41.25 17.16
N26 FYD N . -10.78 -41.29 17.14
O27 FYD N . -11.62 -41.18 18.26
O27 FYD N . -11.55 -41.25 18.26
O28 FYD N . -9.70 -41.64 17.18
O28 FYD N . -9.63 -41.63 17.13
C14 FYD O . -4.51 46.26 -19.96
C14 FYD O . -4.24 46.20 -20.17
C16 FYD O . -4.60 46.27 -17.46
C16 FYD O . -2.29 44.95 -19.07
C17 FYD O . -4.08 45.90 -16.23
C17 FYD O . -1.68 44.43 -17.91
C19 FYD O . -2.31 44.70 -17.27
C19 FYD O . -3.49 45.29 -16.61
C20 FYD O . -2.83 45.10 -18.50
C20 FYD O . -4.10 45.80 -17.74
C22 FYD O . -1.07 43.96 -19.42
C22 FYD O . -5.97 46.59 -16.50
C29 FYD O . -12.79 51.06 -19.61
C29 FYD O . -12.74 51.09 -19.61
C30 FYD O . -13.03 50.99 -18.24
C30 FYD O . -13.00 51.01 -18.24
C31 FYD O . -12.21 50.22 -17.44
C31 FYD O . -12.20 50.22 -17.44
C32 FYD O . -11.16 49.51 -18.00
C32 FYD O . -11.15 49.51 -17.99
O01 FYD O . -10.13 47.87 -20.71
O01 FYD O . -10.13 47.86 -20.72
C02 FYD O . -9.80 48.72 -19.92
C02 FYD O . -9.79 48.71 -19.91
N03 FYD O . -8.47 48.86 -19.43
N03 FYD O . -8.45 48.81 -19.42
C04 FYD O . -7.42 47.99 -19.87
C04 FYD O . -7.41 47.91 -19.86
C05 FYD O . -6.69 48.42 -21.11
C05 FYD O . -6.65 48.36 -21.10
C06 FYD O . -7.31 49.01 -22.17
C06 FYD O . -7.29 48.98 -22.15
C07 FYD O . -6.55 49.36 -23.26
C07 FYD O . -6.56 49.34 -23.25
BR1 FYD O . -7.46 50.17 -24.75
BR1 FYD O . -7.46 50.18 -24.74
C09 FYD O . -5.20 49.12 -23.32
C09 FYD O . -5.20 49.11 -23.31
C10 FYD O . -4.58 48.54 -22.25
C10 FYD O . -4.57 48.51 -22.25
BR2 FYD O . -2.68 48.20 -22.27
BR2 FYD O . -2.67 48.20 -22.26
C12 FYD O . -5.33 48.17 -21.16
C12 FYD O . -5.29 48.13 -21.14
O13 FYD O . -4.72 47.64 -20.05
O13 FYD O . -4.62 47.56 -20.06
C15 FYD O . -3.96 45.84 -18.60
C15 FYD O . -3.50 45.61 -18.97
C18 FYD O . -2.95 45.12 -16.13
C18 FYD O . -2.27 44.62 -16.67
O21 FYD O . -2.22 44.71 -19.67
O21 FYD O . -5.33 46.49 -17.73
O23 FYD O . -4.76 45.55 -20.88
O23 FYD O . -4.62 45.59 -21.11
C24 FYD O . -10.91 49.61 -19.36
C24 FYD O . -10.89 49.60 -19.35
C25 FYD O . -11.72 50.37 -20.18
C25 FYD O . -11.68 50.38 -20.17
N26 FYD O . -11.44 50.49 -21.61
N26 FYD O . -11.38 50.52 -21.60
O27 FYD O . -12.51 50.69 -22.46
O27 FYD O . -12.43 50.75 -22.48
O28 FYD O . -10.32 50.51 -22.02
O28 FYD O . -10.26 50.49 -22.01
C14 FYD P . 37.86 3.36 -7.31
C14 FYD P . 37.73 3.28 -7.49
C16 FYD P . 39.16 2.35 -5.44
C16 FYD P . 37.22 0.85 -6.93
C17 FYD P . 39.46 1.28 -4.60
C17 FYD P . 37.38 -0.27 -6.12
C19 FYD P . 37.83 -0.09 -5.68
C19 FYD P . 38.94 0.99 -4.80
C20 FYD P . 37.56 0.97 -6.53
C20 FYD P . 38.77 2.13 -5.60
C22 FYD P . 36.05 -0.46 -7.40
C22 FYD P . 40.31 3.28 -4.26
C29 FYD P . 42.25 11.83 -6.18
C29 FYD P . 42.26 11.80 -6.19
C30 FYD P . 42.97 11.56 -5.03
C30 FYD P . 42.97 11.55 -5.05
C31 FYD P . 42.71 10.42 -4.32
C31 FYD P . 42.71 10.41 -4.32
C32 FYD P . 41.76 9.51 -4.75
C32 FYD P . 41.75 9.50 -4.75
O01 FYD P . 38.90 9.15 -6.34
O01 FYD P . 38.90 9.16 -6.35
C02 FYD P . 40.02 8.78 -6.32
C02 FYD P . 40.01 8.78 -6.33
N03 FYD P . 40.39 7.42 -6.60
N03 FYD P . 40.36 7.41 -6.59
C04 FYD P . 39.41 6.42 -6.87
C04 FYD P . 39.35 6.42 -6.85
C05 FYD P . 39.09 6.26 -8.33
C05 FYD P . 39.05 6.25 -8.32
C06 FYD P . 39.03 7.35 -9.17
C06 FYD P . 39.01 7.34 -9.16
C07 FYD P . 38.73 7.06 -10.49
C07 FYD P . 38.73 7.06 -10.48
BR1 FYD P . 38.61 8.56 -11.68
BR1 FYD P . 38.62 8.56 -11.68
C09 FYD P . 38.49 5.79 -10.96
C09 FYD P . 38.49 5.77 -10.96
C10 FYD P . 38.56 4.74 -10.10
C10 FYD P . 38.55 4.73 -10.10
BR2 FYD P . 38.29 2.95 -10.75
BR2 FYD P . 38.29 2.94 -10.75
C12 FYD P . 38.85 4.97 -8.79
C12 FYD P . 38.82 4.96 -8.77
O13 FYD P . 38.97 3.93 -7.90
O13 FYD P . 38.90 3.92 -7.88
C15 FYD P . 38.19 2.18 -6.39
C15 FYD P . 37.89 2.02 -6.65
C18 FYD P . 38.80 0.07 -4.73
C18 FYD P . 38.25 -0.20 -5.05
O21 FYD P . 36.58 0.83 -7.47
O21 FYD P . 39.44 3.36 -5.35
O23 FYD P . 36.77 3.78 -7.50
O23 FYD P . 36.68 3.72 -7.78
C24 FYD P . 41.07 9.78 -5.94
C24 FYD P . 41.07 9.76 -5.94
C25 FYD P . 41.31 10.93 -6.63
C25 FYD P . 41.32 10.91 -6.64
N26 FYD P . 40.62 11.23 -7.87
N26 FYD P . 40.63 11.19 -7.89
O27 FYD P . 40.30 12.53 -8.09
O27 FYD P . 40.36 12.50 -8.18
O28 FYD P . 40.35 10.38 -8.67
O28 FYD P . 40.33 10.32 -8.65
C14 FYD Q . 35.12 24.35 33.43
C14 FYD Q . 35.31 24.37 33.64
C16 FYD Q . 34.55 24.47 30.99
C16 FYD Q . 37.20 25.03 32.06
C17 FYD Q . 34.87 24.73 29.66
C17 FYD Q . 37.63 25.36 30.77
C19 FYD Q . 37.09 25.36 30.33
C19 FYD Q . 35.38 25.06 29.94
C20 FYD Q . 36.74 25.07 31.65
C20 FYD Q . 34.94 24.73 31.22
C22 FYD Q . 38.91 25.46 32.09
C22 FYD Q . 32.69 24.39 30.45
C29 FYD Q . 26.13 21.61 35.65
C29 FYD Q . 26.17 21.57 35.65
C30 FYD Q . 25.47 21.76 34.42
C30 FYD Q . 25.50 21.73 34.42
C31 FYD Q . 26.14 22.40 33.39
C31 FYD Q . 26.15 22.38 33.38
C32 FYD Q . 27.43 22.86 33.59
C32 FYD Q . 27.43 22.85 33.59
O01 FYD Q . 29.58 24.19 35.79
O01 FYD Q . 29.58 24.19 35.80
C02 FYD Q . 29.46 23.26 35.01
C02 FYD Q . 29.47 23.27 35.00
N03 FYD Q . 30.55 22.85 34.21
N03 FYD Q . 30.57 22.88 34.21
C04 FYD Q . 31.85 23.43 34.26
C04 FYD Q . 31.86 23.50 34.29
C05 FYD Q . 32.78 22.78 35.23
C05 FYD Q . 32.81 22.84 35.23
C06 FYD Q . 32.33 22.30 36.43
C06 FYD Q . 32.34 22.34 36.44
C07 FYD Q . 33.28 21.73 37.25
C07 FYD Q . 33.28 21.76 37.25
BR1 FYD Q . 32.69 21.05 38.93
BR1 FYD Q . 32.68 21.04 38.93
C09 FYD Q . 34.62 21.62 36.92
C09 FYD Q . 34.62 21.62 36.92
C10 FYD Q . 35.02 22.12 35.73
C10 FYD Q . 35.02 22.14 35.73
BR2 FYD Q . 36.87 21.99 35.23
BR2 FYD Q . 36.88 22.00 35.22
C12 FYD Q . 34.12 22.71 34.89
C12 FYD Q . 34.12 22.75 34.90
O13 FYD Q . 34.51 23.14 33.63
O13 FYD Q . 34.54 23.22 33.66
C15 FYD Q . 35.48 24.65 31.98
C15 FYD Q . 35.85 24.74 32.27
C18 FYD Q . 36.14 25.17 29.34
C18 FYD Q . 36.73 25.38 29.72
O21 FYD Q . 37.67 25.25 32.66
O21 FYD Q . 33.59 24.45 31.52
O23 FYD Q . 35.30 25.08 34.34
O23 FYD Q . 35.48 24.99 34.64
C24 FYD Q . 28.08 22.65 34.81
C24 FYD Q . 28.10 22.65 34.80
C25 FYD Q . 27.44 22.03 35.83
C25 FYD Q . 27.47 22.02 35.83
N26 FYD Q . 28.11 21.79 37.11
N26 FYD Q . 28.16 21.78 37.09
O27 FYD Q . 27.25 21.66 38.17
O27 FYD Q . 27.31 21.62 38.17
O28 FYD Q . 29.29 21.62 37.20
O28 FYD Q . 29.35 21.63 37.18
C14 FYD R . -39.31 -1.16 -5.67
C14 FYD R . -39.10 -1.06 -5.43
C16 FYD R . -39.45 -1.31 -8.15
C16 FYD R . -37.27 -0.02 -6.88
C17 FYD R . -39.03 -1.00 -9.44
C17 FYD R . -36.83 0.41 -8.13
C19 FYD R . -37.26 0.31 -8.54
C19 FYD R . -38.94 -0.25 -9.09
C20 FYD R . -37.70 0.01 -7.26
C20 FYD R . -39.36 -0.68 -7.83
C22 FYD R . -35.80 1.05 -6.75
C22 FYD R . -41.53 -1.28 -8.63
C29 FYD R . -47.92 -5.21 -4.01
C29 FYD R . -47.87 -5.24 -4.01
C30 FYD R . -48.47 -5.18 -5.27
C30 FYD R . -48.43 -5.20 -5.28
C31 FYD R . -47.86 -4.48 -6.29
C31 FYD R . -47.85 -4.48 -6.29
C32 FYD R . -46.69 -3.79 -6.03
C32 FYD R . -46.68 -3.76 -6.04
O01 FYD R . -44.96 -2.08 -3.85
O01 FYD R . -44.99 -2.07 -3.82
C02 FYD R . -44.86 -3.04 -4.54
C02 FYD R . -44.86 -3.00 -4.53
N03 FYD R . -43.65 -3.40 -5.21
N03 FYD R . -43.62 -3.30 -5.20
C04 FYD R . -42.45 -2.62 -5.12
C04 FYD R . -42.47 -2.46 -5.03
C05 FYD R . -41.48 -3.10 -4.03
C05 FYD R . -41.48 -2.98 -3.99
C06 FYD R . -41.92 -3.59 -2.83
C06 FYD R . -41.93 -3.51 -2.79
C07 FYD R . -40.98 -3.96 -1.90
C07 FYD R . -40.99 -3.92 -1.89
BR1 FYD R . -41.62 -4.66 -0.24
BR1 FYD R . -41.62 -4.68 -0.25
C09 FYD R . -39.63 -3.85 -2.12
C09 FYD R . -39.63 -3.83 -2.13
C10 FYD R . -39.21 -3.35 -3.33
C10 FYD R . -39.20 -3.29 -3.32
BR2 FYD R . -37.32 -3.20 -3.71
BR2 FYD R . -37.31 -3.18 -3.71
C12 FYD R . -40.13 -2.95 -4.28
C12 FYD R . -40.13 -2.85 -4.25
O13 FYD R . -39.73 -2.47 -5.53
O13 FYD R . -39.71 -2.31 -5.48
C15 FYD R . -38.80 -0.79 -7.06
C15 FYD R . -38.54 -0.55 -6.75
C18 FYD R . -37.94 -0.20 -9.64
C18 FYD R . -37.67 0.29 -9.23
O21 FYD R . -36.99 0.54 -6.20
O21 FYD R . -40.62 -1.23 -7.57
O23 FYD R . -39.37 -0.39 -4.76
O23 FYD R . -39.01 -0.42 -4.42
C24 FYD R . -46.13 -3.84 -4.76
C24 FYD R . -46.11 -3.83 -4.78
C25 FYD R . -46.74 -4.56 -3.76
C25 FYD R . -46.71 -4.56 -3.76
N26 FYD R . -46.18 -4.66 -2.43
N26 FYD R . -46.14 -4.67 -2.45
O27 FYD R . -47.08 -4.88 -1.39
O27 FYD R . -47.00 -4.90 -1.39
O28 FYD R . -45.02 -4.65 -2.25
O28 FYD R . -44.97 -4.66 -2.29
C14 FYD S . 1.54 -18.69 -9.04
C14 FYD S . 1.53 -18.88 -9.41
C16 FYD S . 2.57 -19.11 -6.79
C16 FYD S . 2.11 -21.25 -8.67
C17 FYD S . 3.04 -19.98 -5.80
C17 FYD S . 2.52 -22.15 -7.68
C19 FYD S . 2.52 -21.85 -7.17
C19 FYD S . 2.73 -20.34 -6.10
C20 FYD S . 2.05 -20.99 -8.16
C20 FYD S . 2.32 -19.43 -7.10
C22 FYD S . 2.00 -22.80 -9.55
C22 FYD S . 2.78 -17.66 -5.63
C29 FYD S . 1.11 -9.24 -7.31
C29 FYD S . 1.14 -9.24 -7.33
C30 FYD S . 1.53 -9.17 -6.00
C30 FYD S . 1.55 -9.18 -6.02
C31 FYD S . 1.68 -10.33 -5.27
C31 FYD S . 1.68 -10.33 -5.28
C32 FYD S . 1.39 -11.56 -5.86
C32 FYD S . 1.37 -11.56 -5.86
O01 FYD S . -0.45 -13.29 -8.11
O01 FYD S . -0.48 -13.26 -8.10
C02 FYD S . 0.65 -13.01 -7.79
C02 FYD S . 0.64 -13.00 -7.79
N03 FYD S . 1.69 -13.94 -7.98
N03 FYD S . 1.64 -13.97 -7.99
C04 FYD S . 1.38 -15.27 -8.46
C04 FYD S . 1.25 -15.28 -8.47
C05 FYD S . 1.54 -15.51 -9.92
C05 FYD S . 1.46 -15.53 -9.94
C06 FYD S . 1.18 -14.52 -10.81
C06 FYD S . 1.13 -14.54 -10.81
C07 FYD S . 1.34 -14.80 -12.13
C07 FYD S . 1.33 -14.81 -12.14
BR1 FYD S . 0.84 -13.43 -13.35
BR1 FYD S . 0.85 -13.43 -13.35
C09 FYD S . 1.84 -15.99 -12.60
C09 FYD S . 1.84 -16.00 -12.60
C10 FYD S . 2.20 -16.97 -11.72
C10 FYD S . 2.17 -16.99 -11.70
BR2 FYD S . 2.90 -18.67 -12.33
BR2 FYD S . 2.89 -18.68 -12.33
C12 FYD S . 2.04 -16.73 -10.37
C12 FYD S . 1.98 -16.75 -10.36
O13 FYD S . 2.43 -17.73 -9.48
O13 FYD S . 2.31 -17.74 -9.44
C15 FYD S . 2.07 -19.63 -7.95
C15 FYD S . 2.00 -19.90 -8.36
C18 FYD S . 3.01 -21.33 -6.00
C18 FYD S . 2.84 -21.68 -6.41
O21 FYD S . 1.55 -21.50 -9.34
O21 FYD S . 2.18 -18.06 -6.81
O23 FYD S . 0.45 -18.82 -9.48
O23 FYD S . 0.60 -19.06 -10.15
C24 FYD S . 0.98 -11.63 -7.18
C24 FYD S . 0.98 -11.63 -7.18
C25 FYD S . 0.84 -10.46 -7.89
C25 FYD S . 0.86 -10.47 -7.90
N26 FYD S . 0.45 -10.48 -9.28
N26 FYD S . 0.49 -10.49 -9.29
O27 FYD S . -0.35 -9.44 -9.72
O27 FYD S . -0.30 -9.45 -9.77
O28 FYD S . 0.85 -11.30 -9.99
O28 FYD S . 0.88 -11.32 -9.99
N HIS T . 10.53 -71.68 -4.31
CA HIS T . 11.15 -72.57 -3.32
C HIS T . 12.41 -73.22 -3.89
O HIS T . 13.32 -72.51 -4.32
CB HIS T . 10.15 -73.62 -2.70
CG HIS T . 9.40 -74.47 -3.71
ND1 HIS T . 8.18 -75.05 -3.41
CD2 HIS T . 9.69 -74.85 -4.97
CE1 HIS T . 7.74 -75.73 -4.45
NE2 HIS T . 8.64 -75.62 -5.41
C14 FYD U . -11.08 -74.20 -2.72
C14 FYD U . -10.85 -74.24 -2.58
C16 FYD U . -12.05 -73.88 -5.01
C16 FYD U . -9.31 -74.74 -4.62
C17 FYD U . -12.01 -73.88 -6.38
C17 FYD U . -9.18 -74.74 -6.01
C19 FYD U . -9.71 -74.56 -6.27
C19 FYD U . -11.43 -73.90 -6.24
C20 FYD U . -9.77 -74.56 -4.88
C20 FYD U . -11.54 -73.89 -4.87
C22 FYD U . -7.59 -75.33 -4.93
C22 FYD U . -13.70 -72.99 -5.03
C29 FYD U . -19.08 -71.72 2.33
C29 FYD U . -19.05 -71.78 2.29
C30 FYD U . -19.91 -71.23 1.34
C30 FYD U . -19.89 -71.28 1.31
C31 FYD U . -19.40 -71.06 0.05
C31 FYD U . -19.38 -71.09 0.03
C32 FYD U . -18.08 -71.36 -0.21
C32 FYD U . -18.05 -71.37 -0.24
O01 FYD U . -14.99 -71.43 0.99
O01 FYD U . -14.97 -71.42 0.99
C02 FYD U . -15.80 -72.12 0.44
C02 FYD U . -15.76 -72.10 0.41
N03 FYD U . -15.42 -73.06 -0.58
N03 FYD U . -15.35 -73.03 -0.62
C04 FYD U . -14.04 -73.23 -0.97
C04 FYD U . -13.94 -73.15 -0.96
C05 FYD U . -13.31 -74.29 -0.18
C05 FYD U . -13.23 -74.25 -0.20
C06 FYD U . -13.54 -74.49 1.15
C06 FYD U . -13.48 -74.46 1.14
C07 FYD U . -12.81 -75.47 1.78
C07 FYD U . -12.79 -75.46 1.79
BR1 FYD U . -13.12 -75.74 3.67
BR1 FYD U . -13.13 -75.75 3.65
C09 FYD U . -11.88 -76.25 1.12
C09 FYD U . -11.86 -76.25 1.13
C10 FYD U . -11.70 -76.05 -0.22
C10 FYD U . -11.66 -76.04 -0.22
BR2 FYD U . -10.45 -77.11 -1.23
BR2 FYD U . -10.43 -77.11 -1.23
C12 FYD U . -12.40 -75.05 -0.86
C12 FYD U . -12.32 -75.02 -0.86
O13 FYD U . -12.23 -74.83 -2.21
O13 FYD U . -12.07 -74.82 -2.20
C15 FYD U . -10.95 -74.20 -4.25
C15 FYD U . -10.50 -74.29 -4.08
C18 FYD U . -10.84 -74.23 -7.02
C18 FYD U . -10.23 -74.33 -6.81
O21 FYD U . -8.66 -74.93 -4.13
O21 FYD U . -12.70 -73.48 -4.18
O23 FYD U . -10.30 -73.66 -2.02
O23 FYD U . -10.16 -73.67 -1.81
C24 FYD U . -17.24 -71.86 0.78
C24 FYD U . -17.22 -71.87 0.74
C25 FYD U . -17.74 -72.03 2.04
C25 FYD U . -17.72 -72.07 2.01
N26 FYD U . -16.92 -72.57 3.10
N26 FYD U . -16.87 -72.61 3.05
O27 FYD U . -17.27 -72.20 4.39
O27 FYD U . -17.20 -72.24 4.34
O28 FYD U . -16.03 -73.32 2.87
O28 FYD U . -15.99 -73.37 2.80
C14 FYD V . 39.70 45.63 11.54
C14 FYD V . 39.83 45.40 11.25
C16 FYD V . 40.61 45.34 13.83
C16 FYD V . 40.57 43.08 11.85
C17 FYD V . 41.14 44.51 14.80
C17 FYD V . 41.02 42.13 12.74
C19 FYD V . 41.02 42.61 13.34
C19 FYD V . 41.05 43.83 14.43
C20 FYD V . 40.50 43.45 12.37
C20 FYD V . 40.59 44.78 13.52
C22 FYD V . 40.33 41.50 11.32
C22 FYD V . 40.70 46.40 15.22
C29 FYD V . 38.36 54.92 13.53
C29 FYD V . 38.37 54.91 13.52
C30 FYD V . 38.67 54.97 14.87
C30 FYD V . 38.66 54.96 14.86
C31 FYD V . 38.86 53.80 15.58
C31 FYD V . 38.85 53.80 15.57
C32 FYD V . 38.75 52.60 14.93
C32 FYD V . 38.73 52.60 14.93
O01 FYD V . 37.20 50.86 12.56
O01 FYD V . 37.20 50.85 12.57
C02 FYD V . 38.28 51.16 12.93
C02 FYD V . 38.28 51.15 12.94
N03 FYD V . 39.39 50.24 12.86
N03 FYD V . 39.38 50.20 12.86
C04 FYD V . 39.25 48.92 12.34
C04 FYD V . 39.20 48.88 12.35
C05 FYD V . 39.45 48.80 10.84
C05 FYD V . 39.43 48.76 10.85
C06 FYD V . 39.02 49.78 9.96
C06 FYD V . 39.01 49.74 9.96
C07 FYD V . 39.26 49.57 8.61
C07 FYD V . 39.26 49.55 8.61
BR1 FYD V . 38.72 50.90 7.36
BR1 FYD V . 38.73 50.91 7.37
C09 FYD V . 39.89 48.47 8.14
C09 FYD V . 39.90 48.45 8.15
C10 FYD V . 40.31 47.51 9.02
C10 FYD V . 40.29 47.47 9.03
BR2 FYD V . 41.24 45.93 8.38
BR2 FYD V . 41.23 45.91 8.39
C12 FYD V . 40.05 47.68 10.37
C12 FYD V . 40.04 47.63 10.38
O13 FYD V . 40.50 46.73 11.27
O13 FYD V . 40.47 46.64 11.28
C15 FYD V . 40.27 44.77 12.63
C15 FYD V . 40.34 44.38 12.24
C18 FYD V . 41.34 43.16 14.55
C18 FYD V . 41.27 42.52 14.04
O21 FYD V . 40.16 42.89 11.16
O21 FYD V . 40.35 46.11 13.89
O23 FYD V . 38.68 45.31 11.01
O23 FYD V . 38.93 45.09 10.53
C24 FYD V . 38.45 52.55 13.57
C24 FYD V . 38.45 52.53 13.58
C25 FYD V . 38.23 53.71 12.91
C25 FYD V . 38.24 53.70 12.90
N26 FYD V . 37.95 53.74 11.50
N26 FYD V . 37.98 53.70 11.49
O27 FYD V . 37.32 54.86 11.02
O27 FYD V . 37.38 54.84 10.99
O28 FYD V . 38.34 52.88 10.78
O28 FYD V . 38.36 52.83 10.77
C14 FYD W . -2.68 -58.27 -27.86
C14 FYD W . -2.99 -58.31 -28.12
C16 FYD W . -1.38 -59.39 -26.03
C16 FYD W . -3.56 -60.72 -27.47
C17 FYD W . -1.14 -60.49 -25.21
C17 FYD W . -3.38 -61.79 -26.60
C19 FYD W . -2.94 -61.69 -26.22
C19 FYD W . -1.83 -60.46 -25.35
C20 FYD W . -3.15 -60.60 -27.04
C20 FYD W . -2.01 -59.40 -26.20
C22 FYD W . -4.73 -61.96 -27.86
C22 FYD W . -0.61 -57.97 -24.95
C29 FYD W . 2.04 -49.89 -26.91
C29 FYD W . 2.03 -49.92 -26.93
C30 FYD W . 2.75 -50.17 -25.77
C30 FYD W . 2.76 -50.19 -25.79
C31 FYD W . 2.46 -51.31 -25.05
C31 FYD W . 2.47 -51.31 -25.06
C32 FYD W . 1.45 -52.17 -25.46
C32 FYD W . 1.45 -52.18 -25.45
O01 FYD W . -1.48 -52.52 -27.00
O01 FYD W . -1.49 -52.48 -26.98
C02 FYD W . -0.35 -52.86 -26.99
C02 FYD W . -0.37 -52.87 -26.97
N03 FYD W . 0.05 -54.22 -27.24
N03 FYD W . -0.03 -54.25 -27.21
C04 FYD W . -0.90 -55.27 -27.51
C04 FYD W . -1.08 -55.22 -27.47
C05 FYD W . -1.33 -55.42 -28.97
C05 FYD W . -1.45 -55.39 -28.93
C06 FYD W . -1.40 -54.33 -29.80
C06 FYD W . -1.48 -54.31 -29.78
C07 FYD W . -1.80 -54.53 -31.11
C07 FYD W . -1.84 -54.52 -31.09
BR1 FYD W . -1.88 -52.99 -32.27
BR1 FYD W . -1.87 -53.00 -32.28
C09 FYD W . -2.17 -55.77 -31.59
C09 FYD W . -2.19 -55.77 -31.59
C10 FYD W . -2.10 -56.83 -30.73
C10 FYD W . -2.17 -56.82 -30.71
BR2 FYD W . -2.59 -58.61 -31.35
BR2 FYD W . -2.63 -58.60 -31.33
C12 FYD W . -1.72 -56.67 -29.43
C12 FYD W . -1.82 -56.64 -29.40
O13 FYD W . -1.61 -57.80 -28.60
O13 FYD W . -1.78 -57.75 -28.55
C15 FYD W . -2.39 -59.46 -26.94
C15 FYD W . -2.87 -59.54 -27.24
C18 FYD W . -1.92 -61.62 -25.30
C18 FYD W . -2.51 -61.66 -25.54
O21 FYD W . -4.18 -60.68 -27.96
O21 FYD W . -1.38 -58.14 -26.10
O23 FYD W . -3.76 -57.79 -27.98
O23 FYD W . -4.04 -57.82 -28.39
C24 FYD W . 0.75 -51.88 -26.62
C24 FYD W . 0.74 -51.90 -26.60
C25 FYD W . 1.04 -50.73 -27.33
C25 FYD W . 1.04 -50.76 -27.33
N26 FYD W . 0.35 -50.44 -28.56
N26 FYD W . 0.34 -50.47 -28.56
O27 FYD W . 0.16 -49.10 -28.87
O27 FYD W . 0.09 -49.14 -28.85
O28 FYD W . 0.04 -51.30 -29.30
O28 FYD W . 0.05 -51.33 -29.30
C14 FYD X . -37.05 21.31 -26.81
C14 FYD X . -36.87 21.14 -27.14
C16 FYD X . -36.10 21.09 -24.53
C16 FYD X . -35.73 18.92 -26.60
C17 FYD X . -35.45 20.36 -23.55
C17 FYD X . -35.13 18.10 -25.63
C19 FYD X . -35.31 18.49 -25.02
C19 FYD X . -35.52 19.76 -23.95
C20 FYD X . -35.96 19.21 -26.01
C20 FYD X . -36.09 20.58 -24.90
C22 FYD X . -35.51 17.42 -27.35
C22 FYD X . -36.54 22.31 -23.31
C29 FYD X . -39.98 30.18 -24.75
C29 FYD X . -39.93 30.18 -24.77
C30 FYD X . -39.76 30.21 -23.37
C30 FYD X . -39.73 30.22 -23.39
C31 FYD X . -39.45 29.04 -22.70
C31 FYD X . -39.44 29.04 -22.71
C32 FYD X . -39.36 27.86 -23.43
C32 FYD X . -39.37 27.86 -23.43
O01 FYD X . -40.45 26.09 -26.12
O01 FYD X . -40.45 26.09 -26.12
C02 FYD X . -39.48 26.51 -25.56
C02 FYD X . -39.47 26.50 -25.56
N03 FYD X . -38.25 25.78 -25.53
N03 FYD X . -38.25 25.76 -25.52
C04 FYD X . -38.06 24.46 -26.10
C04 FYD X . -38.07 24.44 -26.10
C05 FYD X . -37.67 24.44 -27.55
C05 FYD X . -37.68 24.42 -27.54
C06 FYD X . -38.15 25.38 -28.44
C06 FYD X . -38.15 25.36 -28.42
C07 FYD X . -37.75 25.27 -29.74
C07 FYD X . -37.74 25.26 -29.74
BR1 FYD X . -38.36 26.60 -31.02
BR1 FYD X . -38.36 26.60 -31.01
C09 FYD X . -36.93 24.24 -30.20
C09 FYD X . -36.93 24.23 -30.18
C10 FYD X . -36.47 23.31 -29.33
C10 FYD X . -36.47 23.30 -29.31
BR2 FYD X . -35.28 21.89 -29.92
BR2 FYD X . -35.28 21.87 -29.92
C12 FYD X . -36.86 23.41 -28.00
C12 FYD X . -36.86 23.38 -27.99
O13 FYD X . -36.37 22.49 -27.09
O13 FYD X . -36.38 22.44 -27.07
C15 FYD X . -36.36 20.50 -25.75
C15 FYD X . -36.21 20.16 -26.20
C18 FYD X . -35.06 19.05 -23.80
C18 FYD X . -35.02 18.53 -24.32
O21 FYD X . -36.22 18.62 -27.27
O21 FYD X . -36.62 21.84 -24.62
O23 FYD X . -38.08 21.02 -27.31
O23 FYD X . -37.80 20.90 -27.82
C24 FYD X . -39.55 27.84 -24.82
C24 FYD X . -39.54 27.84 -24.82
C25 FYD X . -39.88 29.00 -25.45
C25 FYD X . -39.84 28.99 -25.47
N26 FYD X . -40.03 29.04 -26.89
N26 FYD X . -39.98 29.01 -26.92
O27 FYD X . -40.90 30.00 -27.35
O27 FYD X . -40.81 29.99 -27.41
O28 FYD X . -39.37 28.34 -27.62
O28 FYD X . -39.33 28.29 -27.62
C14 FYD Y . 29.52 -13.21 17.51
C14 FYD Y . 29.69 -13.45 17.56
C16 FYD Y . 28.29 -12.64 15.40
C16 FYD Y . 30.97 -13.74 15.37
C17 FYD Y . 28.25 -12.50 14.02
C17 FYD Y . 31.08 -13.58 13.98
C19 FYD Y . 30.54 -13.11 13.82
C19 FYD Y . 28.91 -12.53 13.99
C20 FYD Y . 30.56 -13.27 15.20
C20 FYD Y . 28.79 -12.67 15.37
C22 FYD Y . 32.72 -13.70 14.76
C22 FYD Y . 26.63 -11.67 15.34
C29 FYD Y . 21.60 -10.73 22.32
C29 FYD Y . 21.62 -10.75 22.31
C30 FYD Y . 20.90 -10.21 21.24
C30 FYD Y . 20.90 -10.22 21.24
C31 FYD Y . 21.48 -10.00 20.04
C31 FYD Y . 21.49 -10.01 20.03
C32 FYD Y . 22.81 -10.32 19.86
C32 FYD Y . 22.81 -10.32 19.86
O01 FYD Y . 25.75 -10.51 21.24
O01 FYD Y . 25.76 -10.50 21.25
C02 FYD Y . 24.95 -11.15 20.67
C02 FYD Y . 24.96 -11.15 20.66
N03 FYD Y . 25.28 -12.08 19.64
N03 FYD Y . 25.29 -12.08 19.63
C04 FYD Y . 26.66 -12.28 19.28
C04 FYD Y . 26.66 -12.29 19.28
C05 FYD Y . 27.35 -13.38 20.03
C05 FYD Y . 27.36 -13.38 20.01
C06 FYD Y . 27.12 -13.61 21.37
C06 FYD Y . 27.12 -13.61 21.36
C07 FYD Y . 27.84 -14.63 21.94
C07 FYD Y . 27.84 -14.63 21.94
BR1 FYD Y . 27.51 -14.93 23.79
BR1 FYD Y . 27.50 -14.93 23.79
C09 FYD Y . 28.76 -15.40 21.27
C09 FYD Y . 28.76 -15.40 21.27
C10 FYD Y . 28.97 -15.16 19.93
C10 FYD Y . 28.98 -15.17 19.93
BR2 FYD Y . 30.20 -16.29 18.90
BR2 FYD Y . 30.20 -16.29 18.90
C12 FYD Y . 28.27 -14.13 19.34
C12 FYD Y . 28.28 -14.15 19.33
O13 FYD Y . 28.41 -13.89 18.00
O13 FYD Y . 28.47 -13.93 17.98
C15 FYD Y . 29.46 -13.02 15.99
C15 FYD Y . 29.84 -13.29 16.04
C18 FYD Y . 29.37 -12.72 13.24
C18 FYD Y . 30.05 -12.96 13.29
O21 FYD Y . 31.75 -13.62 15.77
O21 FYD Y . 27.65 -12.22 16.08
O23 FYD Y . 30.39 -12.85 18.22
O23 FYD Y . 30.52 -13.13 18.34
C24 FYD Y . 23.50 -10.87 20.93
C24 FYD Y . 23.51 -10.88 20.92
C25 FYD Y . 22.93 -11.06 22.15
C25 FYD Y . 22.93 -11.07 22.15
N26 FYD Y . 23.63 -11.70 23.24
N26 FYD Y . 23.65 -11.72 23.23
O27 FYD Y . 23.26 -11.41 24.53
O27 FYD Y . 23.27 -11.43 24.52
O28 FYD Y . 24.45 -12.54 23.03
O28 FYD Y . 24.47 -12.56 23.00
#